data_5E1L
# 
_entry.id   5E1L 
# 
_audit_conform.dict_name       mmcif_pdbx.dic 
_audit_conform.dict_version    5.387 
_audit_conform.dict_location   http://mmcif.pdb.org/dictionaries/ascii/mmcif_pdbx.dic 
# 
loop_
_database_2.database_id 
_database_2.database_code 
_database_2.pdbx_database_accession 
_database_2.pdbx_DOI 
PDB   5E1L         pdb_00005e1l 10.2210/pdb5e1l/pdb 
WWPDB D_1000214184 ?            ?                   
# 
loop_
_pdbx_audit_revision_history.ordinal 
_pdbx_audit_revision_history.data_content_type 
_pdbx_audit_revision_history.major_revision 
_pdbx_audit_revision_history.minor_revision 
_pdbx_audit_revision_history.revision_date 
1 'Structure model' 1 0 2015-12-23 
2 'Structure model' 1 1 2015-12-30 
3 'Structure model' 1 2 2016-02-10 
4 'Structure model' 1 3 2024-03-06 
# 
_pdbx_audit_revision_details.ordinal             1 
_pdbx_audit_revision_details.revision_ordinal    1 
_pdbx_audit_revision_details.data_content_type   'Structure model' 
_pdbx_audit_revision_details.provider            repository 
_pdbx_audit_revision_details.type                'Initial release' 
_pdbx_audit_revision_details.description         ? 
_pdbx_audit_revision_details.details             ? 
# 
loop_
_pdbx_audit_revision_group.ordinal 
_pdbx_audit_revision_group.revision_ordinal 
_pdbx_audit_revision_group.data_content_type 
_pdbx_audit_revision_group.group 
1 2 'Structure model' 'Database references'  
2 3 'Structure model' 'Database references'  
3 4 'Structure model' 'Data collection'      
4 4 'Structure model' 'Database references'  
5 4 'Structure model' 'Derived calculations' 
6 4 'Structure model' 'Structure summary'    
# 
loop_
_pdbx_audit_revision_category.ordinal 
_pdbx_audit_revision_category.revision_ordinal 
_pdbx_audit_revision_category.data_content_type 
_pdbx_audit_revision_category.category 
1 4 'Structure model' chem_comp_atom        
2 4 'Structure model' chem_comp_bond        
3 4 'Structure model' citation              
4 4 'Structure model' database_2            
5 4 'Structure model' pdbx_struct_oper_list 
6 4 'Structure model' struct_keywords       
# 
loop_
_pdbx_audit_revision_item.ordinal 
_pdbx_audit_revision_item.revision_ordinal 
_pdbx_audit_revision_item.data_content_type 
_pdbx_audit_revision_item.item 
1 4 'Structure model' '_citation.journal_id_CSD'                  
2 4 'Structure model' '_database_2.pdbx_DOI'                      
3 4 'Structure model' '_database_2.pdbx_database_accession'       
4 4 'Structure model' '_pdbx_struct_oper_list.symmetry_operation' 
5 4 'Structure model' '_struct_keywords.pdbx_keywords'            
# 
_pdbx_database_status.status_code                     REL 
_pdbx_database_status.status_code_sf                  REL 
_pdbx_database_status.status_code_mr                  ? 
_pdbx_database_status.entry_id                        5E1L 
_pdbx_database_status.recvd_initial_deposition_date   2015-09-29 
_pdbx_database_status.SG_entry                        N 
_pdbx_database_status.deposit_site                    RCSB 
_pdbx_database_status.process_site                    RCSB 
_pdbx_database_status.status_code_cs                  ? 
_pdbx_database_status.methods_development_category    ? 
_pdbx_database_status.pdb_format_compatible           Y 
_pdbx_database_status.status_code_nmr_data            ? 
# 
loop_
_audit_author.name 
_audit_author.pdbx_ordinal 
'Schumacher, M.A.' 1 
'Huang, K.-H.'     2 
'Tchorzewski, L.'  3 
'Zeng, W.'         4 
'Janakiraman, A.'  5 
# 
_citation.abstract                  ? 
_citation.abstract_id_CAS           ? 
_citation.book_id_ISBN              ? 
_citation.book_publisher            ? 
_citation.book_publisher_city       ? 
_citation.book_title                ? 
_citation.coordinate_linkage        ? 
_citation.country                   US 
_citation.database_id_Medline       ? 
_citation.details                   ? 
_citation.id                        primary 
_citation.journal_abbrev            J.Biol.Chem. 
_citation.journal_id_ASTM           JBCHA3 
_citation.journal_id_CSD            0071 
_citation.journal_id_ISSN           1083-351X 
_citation.journal_full              ? 
_citation.journal_issue             ? 
_citation.journal_volume            291 
_citation.language                  ? 
_citation.page_first                2485 
_citation.page_last                 2498 
_citation.title                     
;Structural and Functional Analyses Reveal Insights into the Molecular Properties of the Escherichia coli Z Ring Stabilizing Protein, ZapC.
;
_citation.year                      2016 
_citation.database_id_CSD           ? 
_citation.pdbx_database_id_DOI      10.1074/jbc.M115.697037 
_citation.pdbx_database_id_PubMed   26655719 
_citation.unpublished_flag          ? 
# 
loop_
_citation_author.citation_id 
_citation_author.name 
_citation_author.ordinal 
_citation_author.identifier_ORCID 
primary 'Schumacher, M.A.' 1 ? 
primary 'Zeng, W.'         2 ? 
primary 'Huang, K.H.'      3 ? 
primary 'Tchorzewski, L.'  4 ? 
primary 'Janakiraman, A.'  5 ? 
# 
loop_
_entity.id 
_entity.type 
_entity.src_method 
_entity.pdbx_description 
_entity.formula_weight 
_entity.pdbx_number_of_molecules 
_entity.pdbx_ec 
_entity.pdbx_mutation 
_entity.pdbx_fragment 
_entity.details 
1 polymer man 'Cell division protein ZapC' 22783.135 1   ? ? ? ? 
2 water   nat water                        18.015    100 ? ? ? ? 
# 
_entity_poly.entity_id                      1 
_entity_poly.type                           'polypeptide(L)' 
_entity_poly.nstd_linkage                   no 
_entity_poly.nstd_monomer                   no 
_entity_poly.pdbx_seq_one_letter_code       
;MGSSHHHHHHSSGLVPRGSHMRIKPDDNWRWYYDEEHDRMMLDLANGMLFRSRFARKMLTPDAFSPAGFCVDDAALYFSF
EEKCRDFNLSKEQKAELVLNALVAIRYLKPQMPKSWHFVSHGEMWVPMPGDAACVWLSDTHEQVNLLVVESGENAALCLL
AQPCVVIAGRAMQLGDAIKIMNDRLKPQVNVDSFSLEQAV
;
_entity_poly.pdbx_seq_one_letter_code_can   
;MGSSHHHHHHSSGLVPRGSHMRIKPDDNWRWYYDEEHDRMMLDLANGMLFRSRFARKMLTPDAFSPAGFCVDDAALYFSF
EEKCRDFNLSKEQKAELVLNALVAIRYLKPQMPKSWHFVSHGEMWVPMPGDAACVWLSDTHEQVNLLVVESGENAALCLL
AQPCVVIAGRAMQLGDAIKIMNDRLKPQVNVDSFSLEQAV
;
_entity_poly.pdbx_strand_id                 A 
_entity_poly.pdbx_target_identifier         ? 
# 
_pdbx_entity_nonpoly.entity_id   2 
_pdbx_entity_nonpoly.name        water 
_pdbx_entity_nonpoly.comp_id     HOH 
# 
loop_
_entity_poly_seq.entity_id 
_entity_poly_seq.num 
_entity_poly_seq.mon_id 
_entity_poly_seq.hetero 
1 1   MET n 
1 2   GLY n 
1 3   SER n 
1 4   SER n 
1 5   HIS n 
1 6   HIS n 
1 7   HIS n 
1 8   HIS n 
1 9   HIS n 
1 10  HIS n 
1 11  SER n 
1 12  SER n 
1 13  GLY n 
1 14  LEU n 
1 15  VAL n 
1 16  PRO n 
1 17  ARG n 
1 18  GLY n 
1 19  SER n 
1 20  HIS n 
1 21  MET n 
1 22  ARG n 
1 23  ILE n 
1 24  LYS n 
1 25  PRO n 
1 26  ASP n 
1 27  ASP n 
1 28  ASN n 
1 29  TRP n 
1 30  ARG n 
1 31  TRP n 
1 32  TYR n 
1 33  TYR n 
1 34  ASP n 
1 35  GLU n 
1 36  GLU n 
1 37  HIS n 
1 38  ASP n 
1 39  ARG n 
1 40  MET n 
1 41  MET n 
1 42  LEU n 
1 43  ASP n 
1 44  LEU n 
1 45  ALA n 
1 46  ASN n 
1 47  GLY n 
1 48  MET n 
1 49  LEU n 
1 50  PHE n 
1 51  ARG n 
1 52  SER n 
1 53  ARG n 
1 54  PHE n 
1 55  ALA n 
1 56  ARG n 
1 57  LYS n 
1 58  MET n 
1 59  LEU n 
1 60  THR n 
1 61  PRO n 
1 62  ASP n 
1 63  ALA n 
1 64  PHE n 
1 65  SER n 
1 66  PRO n 
1 67  ALA n 
1 68  GLY n 
1 69  PHE n 
1 70  CYS n 
1 71  VAL n 
1 72  ASP n 
1 73  ASP n 
1 74  ALA n 
1 75  ALA n 
1 76  LEU n 
1 77  TYR n 
1 78  PHE n 
1 79  SER n 
1 80  PHE n 
1 81  GLU n 
1 82  GLU n 
1 83  LYS n 
1 84  CYS n 
1 85  ARG n 
1 86  ASP n 
1 87  PHE n 
1 88  ASN n 
1 89  LEU n 
1 90  SER n 
1 91  LYS n 
1 92  GLU n 
1 93  GLN n 
1 94  LYS n 
1 95  ALA n 
1 96  GLU n 
1 97  LEU n 
1 98  VAL n 
1 99  LEU n 
1 100 ASN n 
1 101 ALA n 
1 102 LEU n 
1 103 VAL n 
1 104 ALA n 
1 105 ILE n 
1 106 ARG n 
1 107 TYR n 
1 108 LEU n 
1 109 LYS n 
1 110 PRO n 
1 111 GLN n 
1 112 MET n 
1 113 PRO n 
1 114 LYS n 
1 115 SER n 
1 116 TRP n 
1 117 HIS n 
1 118 PHE n 
1 119 VAL n 
1 120 SER n 
1 121 HIS n 
1 122 GLY n 
1 123 GLU n 
1 124 MET n 
1 125 TRP n 
1 126 VAL n 
1 127 PRO n 
1 128 MET n 
1 129 PRO n 
1 130 GLY n 
1 131 ASP n 
1 132 ALA n 
1 133 ALA n 
1 134 CYS n 
1 135 VAL n 
1 136 TRP n 
1 137 LEU n 
1 138 SER n 
1 139 ASP n 
1 140 THR n 
1 141 HIS n 
1 142 GLU n 
1 143 GLN n 
1 144 VAL n 
1 145 ASN n 
1 146 LEU n 
1 147 LEU n 
1 148 VAL n 
1 149 VAL n 
1 150 GLU n 
1 151 SER n 
1 152 GLY n 
1 153 GLU n 
1 154 ASN n 
1 155 ALA n 
1 156 ALA n 
1 157 LEU n 
1 158 CYS n 
1 159 LEU n 
1 160 LEU n 
1 161 ALA n 
1 162 GLN n 
1 163 PRO n 
1 164 CYS n 
1 165 VAL n 
1 166 VAL n 
1 167 ILE n 
1 168 ALA n 
1 169 GLY n 
1 170 ARG n 
1 171 ALA n 
1 172 MET n 
1 173 GLN n 
1 174 LEU n 
1 175 GLY n 
1 176 ASP n 
1 177 ALA n 
1 178 ILE n 
1 179 LYS n 
1 180 ILE n 
1 181 MET n 
1 182 ASN n 
1 183 ASP n 
1 184 ARG n 
1 185 LEU n 
1 186 LYS n 
1 187 PRO n 
1 188 GLN n 
1 189 VAL n 
1 190 ASN n 
1 191 VAL n 
1 192 ASP n 
1 193 SER n 
1 194 PHE n 
1 195 SER n 
1 196 LEU n 
1 197 GLU n 
1 198 GLN n 
1 199 ALA n 
1 200 VAL n 
# 
_entity_src_gen.entity_id                          1 
_entity_src_gen.pdbx_src_id                        1 
_entity_src_gen.pdbx_alt_source_flag               sample 
_entity_src_gen.pdbx_seq_type                      'Biological sequence' 
_entity_src_gen.pdbx_beg_seq_num                   1 
_entity_src_gen.pdbx_end_seq_num                   200 
_entity_src_gen.gene_src_common_name               ? 
_entity_src_gen.gene_src_genus                     ? 
_entity_src_gen.pdbx_gene_src_gene                 
;ycbW, zapC, AC789_1c09860, BN1008_2209, ECONIH1_05985, EL75_2796, EL79_2872, EL80_2810, HUS2011_1029, HW43_08455, IY32_15190, PD07_27680, PGD_02344, PU06_12140, PU21_19080, PU69_14370, RR31_05140, UN86_22105, UN92_26695, WQ64_03785, WQ65_11505, WQ66_20855, WQ69_14055, WQ70_10055, WQ71_17640, WQ72_12045, WQ73_04655, WQ74_18750, WQ77_23190, WQ79_17420, WQ84_15610, WQ86_15290, WQ88_01710, WQ92_17480, WQ95_04390, WQ99_00770, WR00_01300, WR01_18315, WR03_21275, WR05_24825, WR12_12790, WR13_00430, WR16_17045, WR17_22160, WR18_05905, WR19_22835, WR23_12280, WR24_08325, XB00_15425
;
_entity_src_gen.gene_src_species                   ? 
_entity_src_gen.gene_src_strain                    ? 
_entity_src_gen.gene_src_tissue                    ? 
_entity_src_gen.gene_src_tissue_fraction           ? 
_entity_src_gen.gene_src_details                   ? 
_entity_src_gen.pdbx_gene_src_fragment             ? 
_entity_src_gen.pdbx_gene_src_scientific_name      'Escherichia coli' 
_entity_src_gen.pdbx_gene_src_ncbi_taxonomy_id     562 
_entity_src_gen.pdbx_gene_src_variant              ? 
_entity_src_gen.pdbx_gene_src_cell_line            ? 
_entity_src_gen.pdbx_gene_src_atcc                 ? 
_entity_src_gen.pdbx_gene_src_organ                ? 
_entity_src_gen.pdbx_gene_src_organelle            ? 
_entity_src_gen.pdbx_gene_src_cell                 ? 
_entity_src_gen.pdbx_gene_src_cellular_location    ? 
_entity_src_gen.host_org_common_name               ? 
_entity_src_gen.pdbx_host_org_scientific_name      'Escherichia coli' 
_entity_src_gen.pdbx_host_org_ncbi_taxonomy_id     562 
_entity_src_gen.host_org_genus                     ? 
_entity_src_gen.pdbx_host_org_gene                 ? 
_entity_src_gen.pdbx_host_org_organ                ? 
_entity_src_gen.host_org_species                   ? 
_entity_src_gen.pdbx_host_org_tissue               ? 
_entity_src_gen.pdbx_host_org_tissue_fraction      ? 
_entity_src_gen.pdbx_host_org_strain               'C41(DE3)' 
_entity_src_gen.pdbx_host_org_variant              ? 
_entity_src_gen.pdbx_host_org_cell_line            ? 
_entity_src_gen.pdbx_host_org_atcc                 ? 
_entity_src_gen.pdbx_host_org_culture_collection   ? 
_entity_src_gen.pdbx_host_org_cell                 ? 
_entity_src_gen.pdbx_host_org_organelle            ? 
_entity_src_gen.pdbx_host_org_cellular_location    ? 
_entity_src_gen.pdbx_host_org_vector_type          ? 
_entity_src_gen.pdbx_host_org_vector               ? 
_entity_src_gen.host_org_details                   ? 
_entity_src_gen.expression_system_id               ? 
_entity_src_gen.plasmid_name                       ? 
_entity_src_gen.plasmid_details                    ? 
_entity_src_gen.pdbx_description                   ? 
# 
loop_
_chem_comp.id 
_chem_comp.type 
_chem_comp.mon_nstd_flag 
_chem_comp.name 
_chem_comp.pdbx_synonyms 
_chem_comp.formula 
_chem_comp.formula_weight 
ALA 'L-peptide linking' y ALANINE         ? 'C3 H7 N O2'     89.093  
ARG 'L-peptide linking' y ARGININE        ? 'C6 H15 N4 O2 1' 175.209 
ASN 'L-peptide linking' y ASPARAGINE      ? 'C4 H8 N2 O3'    132.118 
ASP 'L-peptide linking' y 'ASPARTIC ACID' ? 'C4 H7 N O4'     133.103 
CYS 'L-peptide linking' y CYSTEINE        ? 'C3 H7 N O2 S'   121.158 
GLN 'L-peptide linking' y GLUTAMINE       ? 'C5 H10 N2 O3'   146.144 
GLU 'L-peptide linking' y 'GLUTAMIC ACID' ? 'C5 H9 N O4'     147.129 
GLY 'peptide linking'   y GLYCINE         ? 'C2 H5 N O2'     75.067  
HIS 'L-peptide linking' y HISTIDINE       ? 'C6 H10 N3 O2 1' 156.162 
HOH non-polymer         . WATER           ? 'H2 O'           18.015  
ILE 'L-peptide linking' y ISOLEUCINE      ? 'C6 H13 N O2'    131.173 
LEU 'L-peptide linking' y LEUCINE         ? 'C6 H13 N O2'    131.173 
LYS 'L-peptide linking' y LYSINE          ? 'C6 H15 N2 O2 1' 147.195 
MET 'L-peptide linking' y METHIONINE      ? 'C5 H11 N O2 S'  149.211 
PHE 'L-peptide linking' y PHENYLALANINE   ? 'C9 H11 N O2'    165.189 
PRO 'L-peptide linking' y PROLINE         ? 'C5 H9 N O2'     115.130 
SER 'L-peptide linking' y SERINE          ? 'C3 H7 N O3'     105.093 
THR 'L-peptide linking' y THREONINE       ? 'C4 H9 N O3'     119.119 
TRP 'L-peptide linking' y TRYPTOPHAN      ? 'C11 H12 N2 O2'  204.225 
TYR 'L-peptide linking' y TYROSINE        ? 'C9 H11 N O3'    181.189 
VAL 'L-peptide linking' y VALINE          ? 'C5 H11 N O2'    117.146 
# 
loop_
_pdbx_poly_seq_scheme.asym_id 
_pdbx_poly_seq_scheme.entity_id 
_pdbx_poly_seq_scheme.seq_id 
_pdbx_poly_seq_scheme.mon_id 
_pdbx_poly_seq_scheme.ndb_seq_num 
_pdbx_poly_seq_scheme.pdb_seq_num 
_pdbx_poly_seq_scheme.auth_seq_num 
_pdbx_poly_seq_scheme.pdb_mon_id 
_pdbx_poly_seq_scheme.auth_mon_id 
_pdbx_poly_seq_scheme.pdb_strand_id 
_pdbx_poly_seq_scheme.pdb_ins_code 
_pdbx_poly_seq_scheme.hetero 
A 1 1   MET 1   -19 ?   ?   ?   A . n 
A 1 2   GLY 2   -18 ?   ?   ?   A . n 
A 1 3   SER 3   -17 ?   ?   ?   A . n 
A 1 4   SER 4   -16 ?   ?   ?   A . n 
A 1 5   HIS 5   -15 ?   ?   ?   A . n 
A 1 6   HIS 6   -14 ?   ?   ?   A . n 
A 1 7   HIS 7   -13 ?   ?   ?   A . n 
A 1 8   HIS 8   -12 ?   ?   ?   A . n 
A 1 9   HIS 9   -11 ?   ?   ?   A . n 
A 1 10  HIS 10  -10 ?   ?   ?   A . n 
A 1 11  SER 11  -9  ?   ?   ?   A . n 
A 1 12  SER 12  -8  -8  SER SER A . n 
A 1 13  GLY 13  -7  -7  GLY GLY A . n 
A 1 14  LEU 14  -6  -6  LEU LEU A . n 
A 1 15  VAL 15  -5  -5  VAL VAL A . n 
A 1 16  PRO 16  -4  -4  PRO PRO A . n 
A 1 17  ARG 17  -3  -3  ARG GLY A . n 
A 1 18  GLY 18  -2  ?   ?   ?   A . n 
A 1 19  SER 19  -1  ?   ?   ?   A . n 
A 1 20  HIS 20  0   ?   ?   ?   A . n 
A 1 21  MET 21  1   ?   ?   ?   A . n 
A 1 22  ARG 22  2   2   ARG ARG A . n 
A 1 23  ILE 23  3   3   ILE ILE A . n 
A 1 24  LYS 24  4   4   LYS LYS A . n 
A 1 25  PRO 25  5   5   PRO PRO A . n 
A 1 26  ASP 26  6   6   ASP ASP A . n 
A 1 27  ASP 27  7   7   ASP ASP A . n 
A 1 28  ASN 28  8   8   ASN ASN A . n 
A 1 29  TRP 29  9   9   TRP TRP A . n 
A 1 30  ARG 30  10  10  ARG ARG A . n 
A 1 31  TRP 31  11  11  TRP TRP A . n 
A 1 32  TYR 32  12  12  TYR TYR A . n 
A 1 33  TYR 33  13  13  TYR TYR A . n 
A 1 34  ASP 34  14  14  ASP ASP A . n 
A 1 35  GLU 35  15  15  GLU GLU A . n 
A 1 36  GLU 36  16  16  GLU GLU A . n 
A 1 37  HIS 37  17  17  HIS HIS A . n 
A 1 38  ASP 38  18  18  ASP ASP A . n 
A 1 39  ARG 39  19  19  ARG ARG A . n 
A 1 40  MET 40  20  20  MET MET A . n 
A 1 41  MET 41  21  21  MET MET A . n 
A 1 42  LEU 42  22  22  LEU LEU A . n 
A 1 43  ASP 43  23  23  ASP ASP A . n 
A 1 44  LEU 44  24  24  LEU LEU A . n 
A 1 45  ALA 45  25  25  ALA ALA A . n 
A 1 46  ASN 46  26  26  ASN ASN A . n 
A 1 47  GLY 47  27  27  GLY GLY A . n 
A 1 48  MET 48  28  28  MET MET A . n 
A 1 49  LEU 49  29  29  LEU LEU A . n 
A 1 50  PHE 50  30  30  PHE PHE A . n 
A 1 51  ARG 51  31  31  ARG ARG A . n 
A 1 52  SER 52  32  32  SER SER A . n 
A 1 53  ARG 53  33  33  ARG ARG A . n 
A 1 54  PHE 54  34  34  PHE PHE A . n 
A 1 55  ALA 55  35  35  ALA ALA A . n 
A 1 56  ARG 56  36  36  ARG ARG A . n 
A 1 57  LYS 57  37  37  LYS LYS A . n 
A 1 58  MET 58  38  38  MET MET A . n 
A 1 59  LEU 59  39  39  LEU LEU A . n 
A 1 60  THR 60  40  40  THR THR A . n 
A 1 61  PRO 61  41  41  PRO PRO A . n 
A 1 62  ASP 62  42  42  ASP ASP A . n 
A 1 63  ALA 63  43  43  ALA ALA A . n 
A 1 64  PHE 64  44  44  PHE PHE A . n 
A 1 65  SER 65  45  45  SER SER A . n 
A 1 66  PRO 66  46  46  PRO PRO A . n 
A 1 67  ALA 67  47  47  ALA ALA A . n 
A 1 68  GLY 68  48  48  GLY GLY A . n 
A 1 69  PHE 69  49  49  PHE PHE A . n 
A 1 70  CYS 70  50  50  CYS CYS A . n 
A 1 71  VAL 71  51  51  VAL VAL A . n 
A 1 72  ASP 72  52  52  ASP ASP A . n 
A 1 73  ASP 73  53  53  ASP ASP A . n 
A 1 74  ALA 74  54  54  ALA ALA A . n 
A 1 75  ALA 75  55  55  ALA ALA A . n 
A 1 76  LEU 76  56  56  LEU LEU A . n 
A 1 77  TYR 77  57  57  TYR TYR A . n 
A 1 78  PHE 78  58  58  PHE PHE A . n 
A 1 79  SER 79  59  59  SER SER A . n 
A 1 80  PHE 80  60  60  PHE PHE A . n 
A 1 81  GLU 81  61  61  GLU GLU A . n 
A 1 82  GLU 82  62  62  GLU GLU A . n 
A 1 83  LYS 83  63  63  LYS LYS A . n 
A 1 84  CYS 84  64  64  CYS CYS A . n 
A 1 85  ARG 85  65  65  ARG ARG A . n 
A 1 86  ASP 86  66  66  ASP ASP A . n 
A 1 87  PHE 87  67  67  PHE PHE A . n 
A 1 88  ASN 88  68  68  ASN ASN A . n 
A 1 89  LEU 89  69  69  LEU LEU A . n 
A 1 90  SER 90  70  70  SER SER A . n 
A 1 91  LYS 91  71  71  LYS LYS A . n 
A 1 92  GLU 92  72  72  GLU GLU A . n 
A 1 93  GLN 93  73  73  GLN GLN A . n 
A 1 94  LYS 94  74  74  LYS LYS A . n 
A 1 95  ALA 95  75  75  ALA ALA A . n 
A 1 96  GLU 96  76  76  GLU GLU A . n 
A 1 97  LEU 97  77  77  LEU LEU A . n 
A 1 98  VAL 98  78  78  VAL VAL A . n 
A 1 99  LEU 99  79  79  LEU LEU A . n 
A 1 100 ASN 100 80  80  ASN ASN A . n 
A 1 101 ALA 101 81  81  ALA ALA A . n 
A 1 102 LEU 102 82  82  LEU LEU A . n 
A 1 103 VAL 103 83  83  VAL VAL A . n 
A 1 104 ALA 104 84  84  ALA ALA A . n 
A 1 105 ILE 105 85  85  ILE ILE A . n 
A 1 106 ARG 106 86  86  ARG ARG A . n 
A 1 107 TYR 107 87  87  TYR TYR A . n 
A 1 108 LEU 108 88  88  LEU LEU A . n 
A 1 109 LYS 109 89  89  LYS LYS A . n 
A 1 110 PRO 110 90  90  PRO PRO A . n 
A 1 111 GLN 111 91  91  GLN GLN A . n 
A 1 112 MET 112 92  92  MET MET A . n 
A 1 113 PRO 113 93  93  PRO PRO A . n 
A 1 114 LYS 114 94  94  LYS LYS A . n 
A 1 115 SER 115 95  95  SER SER A . n 
A 1 116 TRP 116 96  96  TRP TRP A . n 
A 1 117 HIS 117 97  97  HIS HIS A . n 
A 1 118 PHE 118 98  98  PHE PHE A . n 
A 1 119 VAL 119 99  99  VAL VAL A . n 
A 1 120 SER 120 100 100 SER SER A . n 
A 1 121 HIS 121 101 101 HIS HIS A . n 
A 1 122 GLY 122 102 102 GLY GLY A . n 
A 1 123 GLU 123 103 103 GLU GLU A . n 
A 1 124 MET 124 104 104 MET MET A . n 
A 1 125 TRP 125 105 105 TRP TRP A . n 
A 1 126 VAL 126 106 106 VAL VAL A . n 
A 1 127 PRO 127 107 107 PRO PRO A . n 
A 1 128 MET 128 108 108 MET MET A . n 
A 1 129 PRO 129 109 109 PRO PRO A . n 
A 1 130 GLY 130 110 110 GLY GLY A . n 
A 1 131 ASP 131 111 111 ASP ASP A . n 
A 1 132 ALA 132 112 112 ALA ALA A . n 
A 1 133 ALA 133 113 113 ALA ALA A . n 
A 1 134 CYS 134 114 114 CYS CYS A . n 
A 1 135 VAL 135 115 115 VAL VAL A . n 
A 1 136 TRP 136 116 116 TRP TRP A . n 
A 1 137 LEU 137 117 117 LEU LEU A . n 
A 1 138 SER 138 118 118 SER SER A . n 
A 1 139 ASP 139 119 119 ASP ASP A . n 
A 1 140 THR 140 120 120 THR THR A . n 
A 1 141 HIS 141 121 121 HIS HIS A . n 
A 1 142 GLU 142 122 122 GLU GLU A . n 
A 1 143 GLN 143 123 123 GLN GLN A . n 
A 1 144 VAL 144 124 124 VAL VAL A . n 
A 1 145 ASN 145 125 125 ASN ASN A . n 
A 1 146 LEU 146 126 126 LEU LEU A . n 
A 1 147 LEU 147 127 127 LEU LEU A . n 
A 1 148 VAL 148 128 128 VAL VAL A . n 
A 1 149 VAL 149 129 129 VAL VAL A . n 
A 1 150 GLU 150 130 130 GLU GLU A . n 
A 1 151 SER 151 131 131 SER SER A . n 
A 1 152 GLY 152 132 132 GLY GLY A . n 
A 1 153 GLU 153 133 133 GLU GLU A . n 
A 1 154 ASN 154 134 134 ASN ASN A . n 
A 1 155 ALA 155 135 135 ALA ALA A . n 
A 1 156 ALA 156 136 136 ALA ALA A . n 
A 1 157 LEU 157 137 137 LEU LEU A . n 
A 1 158 CYS 158 138 138 CYS CYS A . n 
A 1 159 LEU 159 139 139 LEU LEU A . n 
A 1 160 LEU 160 140 140 LEU LEU A . n 
A 1 161 ALA 161 141 141 ALA ALA A . n 
A 1 162 GLN 162 142 142 GLN GLN A . n 
A 1 163 PRO 163 143 143 PRO PRO A . n 
A 1 164 CYS 164 144 144 CYS CYS A . n 
A 1 165 VAL 165 145 145 VAL VAL A . n 
A 1 166 VAL 166 146 146 VAL VAL A . n 
A 1 167 ILE 167 147 147 ILE ILE A . n 
A 1 168 ALA 168 148 148 ALA ALA A . n 
A 1 169 GLY 169 149 149 GLY GLY A . n 
A 1 170 ARG 170 150 150 ARG ARG A . n 
A 1 171 ALA 171 151 151 ALA ALA A . n 
A 1 172 MET 172 152 152 MET MET A . n 
A 1 173 GLN 173 153 153 GLN GLN A . n 
A 1 174 LEU 174 154 154 LEU LEU A . n 
A 1 175 GLY 175 155 155 GLY GLY A . n 
A 1 176 ASP 176 156 156 ASP ASP A . n 
A 1 177 ALA 177 157 157 ALA ALA A . n 
A 1 178 ILE 178 158 158 ILE ILE A . n 
A 1 179 LYS 179 159 159 LYS LYS A . n 
A 1 180 ILE 180 160 160 ILE ILE A . n 
A 1 181 MET 181 161 161 MET MET A . n 
A 1 182 ASN 182 162 162 ASN ASN A . n 
A 1 183 ASP 183 163 163 ASP ASP A . n 
A 1 184 ARG 184 164 164 ARG ARG A . n 
A 1 185 LEU 185 165 165 LEU LEU A . n 
A 1 186 LYS 186 166 166 LYS LYS A . n 
A 1 187 PRO 187 167 167 PRO PRO A . n 
A 1 188 GLN 188 168 168 GLN GLN A . n 
A 1 189 VAL 189 169 ?   ?   ?   A . n 
A 1 190 ASN 190 170 ?   ?   ?   A . n 
A 1 191 VAL 191 171 ?   ?   ?   A . n 
A 1 192 ASP 192 172 ?   ?   ?   A . n 
A 1 193 SER 193 173 ?   ?   ?   A . n 
A 1 194 PHE 194 174 ?   ?   ?   A . n 
A 1 195 SER 195 175 ?   ?   ?   A . n 
A 1 196 LEU 196 176 ?   ?   ?   A . n 
A 1 197 GLU 197 177 ?   ?   ?   A . n 
A 1 198 GLN 198 178 ?   ?   ?   A . n 
A 1 199 ALA 199 179 ?   ?   ?   A . n 
A 1 200 VAL 200 180 ?   ?   ?   A . n 
# 
loop_
_pdbx_nonpoly_scheme.asym_id 
_pdbx_nonpoly_scheme.entity_id 
_pdbx_nonpoly_scheme.mon_id 
_pdbx_nonpoly_scheme.ndb_seq_num 
_pdbx_nonpoly_scheme.pdb_seq_num 
_pdbx_nonpoly_scheme.auth_seq_num 
_pdbx_nonpoly_scheme.pdb_mon_id 
_pdbx_nonpoly_scheme.auth_mon_id 
_pdbx_nonpoly_scheme.pdb_strand_id 
_pdbx_nonpoly_scheme.pdb_ins_code 
B 2 HOH 1   201 87  HOH HOH A . 
B 2 HOH 2   202 93  HOH HOH A . 
B 2 HOH 3   203 89  HOH HOH A . 
B 2 HOH 4   204 42  HOH HOH A . 
B 2 HOH 5   205 73  HOH HOH A . 
B 2 HOH 6   206 65  HOH HOH A . 
B 2 HOH 7   207 90  HOH HOH A . 
B 2 HOH 8   208 49  HOH HOH A . 
B 2 HOH 9   209 82  HOH HOH A . 
B 2 HOH 10  210 61  HOH HOH A . 
B 2 HOH 11  211 39  HOH HOH A . 
B 2 HOH 12  212 1   HOH HOH A . 
B 2 HOH 13  213 60  HOH HOH A . 
B 2 HOH 14  214 4   HOH HOH A . 
B 2 HOH 15  215 19  HOH HOH A . 
B 2 HOH 16  216 46  HOH HOH A . 
B 2 HOH 17  217 31  HOH HOH A . 
B 2 HOH 18  218 20  HOH HOH A . 
B 2 HOH 19  219 83  HOH HOH A . 
B 2 HOH 20  220 15  HOH HOH A . 
B 2 HOH 21  221 64  HOH HOH A . 
B 2 HOH 22  222 48  HOH HOH A . 
B 2 HOH 23  223 13  HOH HOH A . 
B 2 HOH 24  224 36  HOH HOH A . 
B 2 HOH 25  225 12  HOH HOH A . 
B 2 HOH 26  226 16  HOH HOH A . 
B 2 HOH 27  227 10  HOH HOH A . 
B 2 HOH 28  228 91  HOH HOH A . 
B 2 HOH 29  229 7   HOH HOH A . 
B 2 HOH 30  230 24  HOH HOH A . 
B 2 HOH 31  231 11  HOH HOH A . 
B 2 HOH 32  232 43  HOH HOH A . 
B 2 HOH 33  233 21  HOH HOH A . 
B 2 HOH 34  234 27  HOH HOH A . 
B 2 HOH 35  235 34  HOH HOH A . 
B 2 HOH 36  236 22  HOH HOH A . 
B 2 HOH 37  237 26  HOH HOH A . 
B 2 HOH 38  238 14  HOH HOH A . 
B 2 HOH 39  239 75  HOH HOH A . 
B 2 HOH 40  240 35  HOH HOH A . 
B 2 HOH 41  241 100 HOH HOH A . 
B 2 HOH 42  242 37  HOH HOH A . 
B 2 HOH 43  243 41  HOH HOH A . 
B 2 HOH 44  244 67  HOH HOH A . 
B 2 HOH 45  245 77  HOH HOH A . 
B 2 HOH 46  246 9   HOH HOH A . 
B 2 HOH 47  247 5   HOH HOH A . 
B 2 HOH 48  248 6   HOH HOH A . 
B 2 HOH 49  249 18  HOH HOH A . 
B 2 HOH 50  250 40  HOH HOH A . 
B 2 HOH 51  251 52  HOH HOH A . 
B 2 HOH 52  252 71  HOH HOH A . 
B 2 HOH 53  253 25  HOH HOH A . 
B 2 HOH 54  254 3   HOH HOH A . 
B 2 HOH 55  255 8   HOH HOH A . 
B 2 HOH 56  256 32  HOH HOH A . 
B 2 HOH 57  257 81  HOH HOH A . 
B 2 HOH 58  258 2   HOH HOH A . 
B 2 HOH 59  259 94  HOH HOH A . 
B 2 HOH 60  260 54  HOH HOH A . 
B 2 HOH 61  261 96  HOH HOH A . 
B 2 HOH 62  262 88  HOH HOH A . 
B 2 HOH 63  263 38  HOH HOH A . 
B 2 HOH 64  264 62  HOH HOH A . 
B 2 HOH 65  265 17  HOH HOH A . 
B 2 HOH 66  266 50  HOH HOH A . 
B 2 HOH 67  267 47  HOH HOH A . 
B 2 HOH 68  268 44  HOH HOH A . 
B 2 HOH 69  269 95  HOH HOH A . 
B 2 HOH 70  270 51  HOH HOH A . 
B 2 HOH 71  271 58  HOH HOH A . 
B 2 HOH 72  272 28  HOH HOH A . 
B 2 HOH 73  273 57  HOH HOH A . 
B 2 HOH 74  274 85  HOH HOH A . 
B 2 HOH 75  275 98  HOH HOH A . 
B 2 HOH 76  276 72  HOH HOH A . 
B 2 HOH 77  277 55  HOH HOH A . 
B 2 HOH 78  278 99  HOH HOH A . 
B 2 HOH 79  279 84  HOH HOH A . 
B 2 HOH 80  280 53  HOH HOH A . 
B 2 HOH 81  281 86  HOH HOH A . 
B 2 HOH 82  282 33  HOH HOH A . 
B 2 HOH 83  283 80  HOH HOH A . 
B 2 HOH 84  284 30  HOH HOH A . 
B 2 HOH 85  285 45  HOH HOH A . 
B 2 HOH 86  286 59  HOH HOH A . 
B 2 HOH 87  287 74  HOH HOH A . 
B 2 HOH 88  288 79  HOH HOH A . 
B 2 HOH 89  289 63  HOH HOH A . 
B 2 HOH 90  290 92  HOH HOH A . 
B 2 HOH 91  291 78  HOH HOH A . 
B 2 HOH 92  292 76  HOH HOH A . 
B 2 HOH 93  293 66  HOH HOH A . 
B 2 HOH 94  294 29  HOH HOH A . 
B 2 HOH 95  295 97  HOH HOH A . 
B 2 HOH 96  296 68  HOH HOH A . 
B 2 HOH 97  297 69  HOH HOH A . 
B 2 HOH 98  298 70  HOH HOH A . 
B 2 HOH 99  299 56  HOH HOH A . 
B 2 HOH 100 300 23  HOH HOH A . 
# 
loop_
_pdbx_unobs_or_zero_occ_atoms.id 
_pdbx_unobs_or_zero_occ_atoms.PDB_model_num 
_pdbx_unobs_or_zero_occ_atoms.polymer_flag 
_pdbx_unobs_or_zero_occ_atoms.occupancy_flag 
_pdbx_unobs_or_zero_occ_atoms.auth_asym_id 
_pdbx_unobs_or_zero_occ_atoms.auth_comp_id 
_pdbx_unobs_or_zero_occ_atoms.auth_seq_id 
_pdbx_unobs_or_zero_occ_atoms.PDB_ins_code 
_pdbx_unobs_or_zero_occ_atoms.auth_atom_id 
_pdbx_unobs_or_zero_occ_atoms.label_alt_id 
_pdbx_unobs_or_zero_occ_atoms.label_asym_id 
_pdbx_unobs_or_zero_occ_atoms.label_comp_id 
_pdbx_unobs_or_zero_occ_atoms.label_seq_id 
_pdbx_unobs_or_zero_occ_atoms.label_atom_id 
1 1 Y 1 A ARG -3 ? CG  ? A ARG 17 CG  
2 1 Y 1 A ARG -3 ? CD  ? A ARG 17 CD  
3 1 Y 1 A ARG -3 ? NE  ? A ARG 17 NE  
4 1 Y 1 A ARG -3 ? CZ  ? A ARG 17 CZ  
5 1 Y 1 A ARG -3 ? NH1 ? A ARG 17 NH1 
6 1 Y 1 A ARG -3 ? NH2 ? A ARG 17 NH2 
# 
loop_
_software.citation_id 
_software.classification 
_software.compiler_name 
_software.compiler_version 
_software.contact_author 
_software.contact_author_email 
_software.date 
_software.description 
_software.dependencies 
_software.hardware 
_software.language 
_software.location 
_software.mods 
_software.name 
_software.os 
_software.os_version 
_software.type 
_software.version 
_software.pdbx_ordinal 
? refinement        ? ? ? ? ? ? ? ? ? ? ? PHENIX      ? ? ? '(phenix.refine: 1.6.4_486)' 1 
? 'data reduction'  ? ? ? ? ? ? ? ? ? ? ? MOSFLM      ? ? ? .                            2 
? 'data scaling'    ? ? ? ? ? ? ? ? ? ? ? SCALA       ? ? ? .                            3 
? phasing           ? ? ? ? ? ? ? ? ? ? ? SOLVE       ? ? ? .                            4 
? phasing           ? ? ? ? ? ? ? ? ? ? ? RESOLVE     ? ? ? .                            5 
? 'data extraction' ? ? ? ? ? ? ? ? ? ? ? PDB_EXTRACT ? ? ? 3.15                         6 
# 
_cell.length_a           65.976 
_cell.length_b           46.741 
_cell.length_c           62.910 
_cell.angle_alpha        90.000 
_cell.angle_beta         105.740 
_cell.angle_gamma        90.000 
_cell.entry_id           5E1L 
_cell.Z_PDB              4 
_cell.pdbx_unique_axis   ? 
# 
_symmetry.space_group_name_H-M             'C 1 2 1' 
_symmetry.entry_id                         5E1L 
_symmetry.pdbx_full_space_group_name_H-M   ? 
_symmetry.cell_setting                     ? 
_symmetry.Int_Tables_number                5 
# 
_exptl.absorpt_coefficient_mu     ? 
_exptl.absorpt_correction_T_max   ? 
_exptl.absorpt_correction_T_min   ? 
_exptl.absorpt_correction_type    ? 
_exptl.absorpt_process_details    ? 
_exptl.entry_id                   5E1L 
_exptl.crystals_number            1 
_exptl.details                    ? 
_exptl.method                     'X-RAY DIFFRACTION' 
_exptl.method_details             ? 
# 
_exptl_crystal.colour                      ? 
_exptl_crystal.density_diffrn              ? 
_exptl_crystal.density_Matthews            2.37 
_exptl_crystal.density_method              ? 
_exptl_crystal.density_percent_sol         48.01 
_exptl_crystal.description                 ? 
_exptl_crystal.F_000                       ? 
_exptl_crystal.id                          1 
_exptl_crystal.preparation                 ? 
_exptl_crystal.size_max                    ? 
_exptl_crystal.size_mid                    ? 
_exptl_crystal.size_min                    ? 
_exptl_crystal.size_rad                    ? 
_exptl_crystal.colour_lustre               ? 
_exptl_crystal.colour_modifier             ? 
_exptl_crystal.colour_primary              ? 
_exptl_crystal.density_meas                ? 
_exptl_crystal.density_meas_esd            ? 
_exptl_crystal.density_meas_gt             ? 
_exptl_crystal.density_meas_lt             ? 
_exptl_crystal.density_meas_temp           ? 
_exptl_crystal.density_meas_temp_esd       ? 
_exptl_crystal.density_meas_temp_gt        ? 
_exptl_crystal.density_meas_temp_lt        ? 
_exptl_crystal.pdbx_crystal_image_url      ? 
_exptl_crystal.pdbx_crystal_image_format   ? 
_exptl_crystal.pdbx_mosaicity              ? 
_exptl_crystal.pdbx_mosaicity_esd          ? 
# 
_exptl_crystal_grow.apparatus       ? 
_exptl_crystal_grow.atmosphere      ? 
_exptl_crystal_grow.crystal_id      1 
_exptl_crystal_grow.details         ? 
_exptl_crystal_grow.method          'VAPOR DIFFUSION, HANGING DROP' 
_exptl_crystal_grow.method_ref      ? 
_exptl_crystal_grow.pH              ? 
_exptl_crystal_grow.pressure        ? 
_exptl_crystal_grow.pressure_esd    ? 
_exptl_crystal_grow.seeding         ? 
_exptl_crystal_grow.seeding_ref     ? 
_exptl_crystal_grow.temp            298 
_exptl_crystal_grow.temp_details    ? 
_exptl_crystal_grow.temp_esd        ? 
_exptl_crystal_grow.time            ? 
_exptl_crystal_grow.pdbx_details    '1.5 M sodium citrate, 0.1 M cacodylate pH 6.5' 
_exptl_crystal_grow.pdbx_pH_range   6.5 
# 
_diffrn.ambient_environment    ? 
_diffrn.ambient_temp           100 
_diffrn.ambient_temp_details   ? 
_diffrn.ambient_temp_esd       ? 
_diffrn.crystal_id             1 
_diffrn.crystal_support        ? 
_diffrn.crystal_treatment      ? 
_diffrn.details                ? 
_diffrn.id                     1 
_diffrn.ambient_pressure       ? 
_diffrn.ambient_pressure_esd   ? 
_diffrn.ambient_pressure_gt    ? 
_diffrn.ambient_pressure_lt    ? 
_diffrn.ambient_temp_gt        ? 
_diffrn.ambient_temp_lt        ? 
# 
_diffrn_detector.details                      ? 
_diffrn_detector.detector                     CCD 
_diffrn_detector.diffrn_id                    1 
_diffrn_detector.type                         'ADSC QUANTUM 315r' 
_diffrn_detector.area_resol_mean              ? 
_diffrn_detector.dtime                        ? 
_diffrn_detector.pdbx_frames_total            ? 
_diffrn_detector.pdbx_collection_time_total   ? 
_diffrn_detector.pdbx_collection_date         2013-12-21 
# 
_diffrn_radiation.collimation                      ? 
_diffrn_radiation.diffrn_id                        1 
_diffrn_radiation.filter_edge                      ? 
_diffrn_radiation.inhomogeneity                    ? 
_diffrn_radiation.monochromator                    ? 
_diffrn_radiation.polarisn_norm                    ? 
_diffrn_radiation.polarisn_ratio                   ? 
_diffrn_radiation.probe                            ? 
_diffrn_radiation.type                             ? 
_diffrn_radiation.xray_symbol                      ? 
_diffrn_radiation.wavelength_id                    1 
_diffrn_radiation.pdbx_monochromatic_or_laue_m_l   M 
_diffrn_radiation.pdbx_wavelength_list             ? 
_diffrn_radiation.pdbx_wavelength                  ? 
_diffrn_radiation.pdbx_diffrn_protocol             'SINGLE WAVELENGTH' 
_diffrn_radiation.pdbx_analyzer                    ? 
_diffrn_radiation.pdbx_scattering_type             x-ray 
# 
_diffrn_radiation_wavelength.id           1 
_diffrn_radiation_wavelength.wavelength   1.0 
_diffrn_radiation_wavelength.wt           1.0 
# 
_diffrn_source.current                     ? 
_diffrn_source.details                     ? 
_diffrn_source.diffrn_id                   1 
_diffrn_source.power                       ? 
_diffrn_source.size                        ? 
_diffrn_source.source                      SYNCHROTRON 
_diffrn_source.target                      ? 
_diffrn_source.type                        'ALS BEAMLINE 8.3.1' 
_diffrn_source.voltage                     ? 
_diffrn_source.take-off_angle              ? 
_diffrn_source.pdbx_wavelength_list        1.0 
_diffrn_source.pdbx_wavelength             ? 
_diffrn_source.pdbx_synchrotron_beamline   8.3.1 
_diffrn_source.pdbx_synchrotron_site       ALS 
# 
_reflns.B_iso_Wilson_estimate            ? 
_reflns.entry_id                         5E1L 
_reflns.data_reduction_details           ? 
_reflns.data_reduction_method            ? 
_reflns.d_resolution_high                2.15 
_reflns.d_resolution_low                 60.5 
_reflns.details                          ? 
_reflns.limit_h_max                      ? 
_reflns.limit_h_min                      ? 
_reflns.limit_k_max                      ? 
_reflns.limit_k_min                      ? 
_reflns.limit_l_max                      ? 
_reflns.limit_l_min                      ? 
_reflns.number_all                       ? 
_reflns.number_obs                       9961 
_reflns.observed_criterion               ? 
_reflns.observed_criterion_F_max         ? 
_reflns.observed_criterion_F_min         ? 
_reflns.observed_criterion_I_max         ? 
_reflns.observed_criterion_I_min         ? 
_reflns.observed_criterion_sigma_F       0 
_reflns.observed_criterion_sigma_I       0 
_reflns.percent_possible_obs             98 
_reflns.R_free_details                   ? 
_reflns.Rmerge_F_all                     ? 
_reflns.Rmerge_F_obs                     ? 
_reflns.Friedel_coverage                 ? 
_reflns.number_gt                        ? 
_reflns.threshold_expression             ? 
_reflns.pdbx_redundancy                  3 
_reflns.pdbx_Rmerge_I_obs                ? 
_reflns.pdbx_Rmerge_I_all                ? 
_reflns.pdbx_Rsym_value                  0.02 
_reflns.pdbx_netI_over_av_sigmaI         ? 
_reflns.pdbx_netI_over_sigmaI            11.5 
_reflns.pdbx_res_netI_over_av_sigmaI_2   ? 
_reflns.pdbx_res_netI_over_sigmaI_2      ? 
_reflns.pdbx_chi_squared                 ? 
_reflns.pdbx_scaling_rejects             ? 
_reflns.pdbx_d_res_high_opt              ? 
_reflns.pdbx_d_res_low_opt               ? 
_reflns.pdbx_d_res_opt_method            ? 
_reflns.phase_calculation_details        ? 
_reflns.pdbx_Rrim_I_all                  ? 
_reflns.pdbx_Rpim_I_all                  ? 
_reflns.pdbx_d_opt                       ? 
_reflns.pdbx_number_measured_all         ? 
_reflns.pdbx_diffrn_id                   1 
_reflns.pdbx_ordinal                     1 
_reflns.pdbx_CC_half                     ? 
_reflns.pdbx_R_split                     ? 
# 
_reflns_shell.d_res_high                  . 
_reflns_shell.d_res_low                   ? 
_reflns_shell.meanI_over_sigI_all         ? 
_reflns_shell.meanI_over_sigI_obs         4.6 
_reflns_shell.number_measured_all         ? 
_reflns_shell.number_measured_obs         ? 
_reflns_shell.number_possible             ? 
_reflns_shell.number_unique_all           ? 
_reflns_shell.number_unique_obs           ? 
_reflns_shell.percent_possible_all        ? 
_reflns_shell.percent_possible_obs        ? 
_reflns_shell.Rmerge_F_all                ? 
_reflns_shell.Rmerge_F_obs                ? 
_reflns_shell.Rmerge_I_all                ? 
_reflns_shell.Rmerge_I_obs                0.234 
_reflns_shell.meanI_over_sigI_gt          ? 
_reflns_shell.meanI_over_uI_all           ? 
_reflns_shell.meanI_over_uI_gt            ? 
_reflns_shell.number_measured_gt          ? 
_reflns_shell.number_unique_gt            ? 
_reflns_shell.percent_possible_gt         ? 
_reflns_shell.Rmerge_F_gt                 ? 
_reflns_shell.Rmerge_I_gt                 ? 
_reflns_shell.pdbx_redundancy             ? 
_reflns_shell.pdbx_Rsym_value             ? 
_reflns_shell.pdbx_chi_squared            ? 
_reflns_shell.pdbx_netI_over_sigmaI_all   ? 
_reflns_shell.pdbx_netI_over_sigmaI_obs   ? 
_reflns_shell.pdbx_Rrim_I_all             ? 
_reflns_shell.pdbx_Rpim_I_all             ? 
_reflns_shell.pdbx_rejects                ? 
_reflns_shell.pdbx_ordinal                1 
_reflns_shell.pdbx_diffrn_id              1 
_reflns_shell.pdbx_CC_half                ? 
_reflns_shell.pdbx_R_split                ? 
# 
_refine.entry_id                                 5E1L 
_refine.pdbx_refine_id                           'X-RAY DIFFRACTION' 
_refine.ls_d_res_high                            2.1500 
_refine.ls_d_res_low                             37.6430 
_refine.pdbx_ls_sigma_F                          0.000 
_refine.pdbx_data_cutoff_high_absF               ? 
_refine.pdbx_data_cutoff_low_absF                ? 
_refine.ls_percent_reflns_obs                    97.3300 
_refine.ls_number_reflns_obs                     9914 
_refine.ls_number_reflns_all                     ? 
_refine.pdbx_ls_cross_valid_method               'FREE R-VALUE' 
_refine.ls_matrix_type                           ? 
_refine.pdbx_R_Free_selection_details            ? 
_refine.details                                  ? 
_refine.ls_R_factor_all                          ? 
_refine.ls_R_factor_obs                          0.2003 
_refine.ls_R_factor_R_work                       0.1970 
_refine.ls_wR_factor_R_work                      ? 
_refine.ls_R_factor_R_free                       0.2312 
_refine.ls_wR_factor_R_free                      ? 
_refine.ls_percent_reflns_R_free                 9.9800 
_refine.ls_number_reflns_R_free                  989 
_refine.ls_number_reflns_R_work                  8925 
_refine.ls_R_factor_R_free_error                 ? 
_refine.B_iso_mean                               27.4791 
_refine.solvent_model_param_bsol                 40.3770 
_refine.solvent_model_param_ksol                 0.3440 
_refine.pdbx_isotropic_thermal_model             ? 
_refine.aniso_B[1][1]                            8.7294 
_refine.aniso_B[2][2]                            2.1796 
_refine.aniso_B[3][3]                            -10.9090 
_refine.aniso_B[1][2]                            -0.0000 
_refine.aniso_B[1][3]                            4.5827 
_refine.aniso_B[2][3]                            0.0000 
_refine.correlation_coeff_Fo_to_Fc               ? 
_refine.correlation_coeff_Fo_to_Fc_free          ? 
_refine.overall_SU_R_Cruickshank_DPI             ? 
_refine.pdbx_overall_SU_R_free_Cruickshank_DPI   ? 
_refine.pdbx_overall_SU_R_Blow_DPI               ? 
_refine.pdbx_overall_SU_R_free_Blow_DPI          ? 
_refine.overall_SU_R_free                        ? 
_refine.pdbx_overall_ESU_R                       ? 
_refine.pdbx_overall_ESU_R_Free                  ? 
_refine.overall_SU_ML                            0.2700 
_refine.overall_SU_B                             ? 
_refine.solvent_model_details                    'FLAT BULK SOLVENT MODEL' 
_refine.pdbx_solvent_vdw_probe_radii             1.1000 
_refine.pdbx_solvent_ion_probe_radii             ? 
_refine.pdbx_solvent_shrinkage_radii             0.8300 
_refine.ls_number_parameters                     ? 
_refine.ls_number_restraints                     ? 
_refine.pdbx_starting_model                      ? 
_refine.pdbx_method_to_determine_struct          SAD 
_refine.pdbx_stereochemistry_target_values       ML 
_refine.pdbx_stereochem_target_val_spec_case     ? 
_refine.overall_FOM_work_R_set                   ? 
_refine.B_iso_max                                80.850 
_refine.B_iso_min                                8.670 
_refine.pdbx_overall_phase_error                 24.5400 
_refine.occupancy_max                            ? 
_refine.occupancy_min                            ? 
_refine.pdbx_diffrn_id                           1 
_refine.pdbx_TLS_residual_ADP_flag               ? 
_refine.pdbx_ls_sigma_I                          ? 
_refine.pdbx_data_cutoff_high_rms_absF           ? 
_refine.ls_R_factor_R_free_error_details         ? 
# 
_refine_hist.cycle_id                         final 
_refine_hist.pdbx_refine_id                   'X-RAY DIFFRACTION' 
_refine_hist.d_res_high                       2.1500 
_refine_hist.d_res_low                        37.6430 
_refine_hist.pdbx_number_atoms_ligand         0 
_refine_hist.number_atoms_solvent             100 
_refine_hist.number_atoms_total               1479 
_refine_hist.pdbx_number_residues_total       173 
_refine_hist.pdbx_B_iso_mean_solvent          32.25 
_refine_hist.pdbx_number_atoms_protein        1379 
_refine_hist.pdbx_number_atoms_nucleic_acid   0 
# 
loop_
_refine_ls_restr.pdbx_refine_id 
_refine_ls_restr.type 
_refine_ls_restr.number 
_refine_ls_restr.dev_ideal 
_refine_ls_restr.dev_ideal_target 
_refine_ls_restr.weight 
_refine_ls_restr.pdbx_restraint_function 
'X-RAY DIFFRACTION' f_bond_d           1414 0.009  ? ? ? 
'X-RAY DIFFRACTION' f_angle_d          1914 1.468  ? ? ? 
'X-RAY DIFFRACTION' f_chiral_restr     204  0.091  ? ? ? 
'X-RAY DIFFRACTION' f_plane_restr      248  0.007  ? ? ? 
'X-RAY DIFFRACTION' f_dihedral_angle_d 525  14.228 ? ? ? 
# 
loop_
_refine_ls_shell.d_res_high 
_refine_ls_shell.d_res_low 
_refine_ls_shell.pdbx_total_number_of_bins_used 
_refine_ls_shell.percent_reflns_obs 
_refine_ls_shell.number_reflns_R_work 
_refine_ls_shell.R_factor_all 
_refine_ls_shell.R_factor_R_work 
_refine_ls_shell.R_factor_R_free 
_refine_ls_shell.percent_reflns_R_free 
_refine_ls_shell.number_reflns_R_free 
_refine_ls_shell.R_factor_R_free_error 
_refine_ls_shell.number_reflns_all 
_refine_ls_shell.number_reflns_obs 
_refine_ls_shell.pdbx_refine_id 
_refine_ls_shell.R_factor_obs 
2.1502 2.2636  7 95.0000 1233 . 0.3066 0.3517 . 138 . 1371 . 'X-RAY DIFFRACTION' . 
2.2636 2.4054  7 97.0000 1258 . 0.2312 0.2596 . 138 . 1396 . 'X-RAY DIFFRACTION' . 
2.4054 2.5910  7 99.0000 1293 . 0.1930 0.2642 . 144 . 1437 . 'X-RAY DIFFRACTION' . 
2.5910 2.8517  7 99.0000 1300 . 0.1910 0.2448 . 145 . 1445 . 'X-RAY DIFFRACTION' . 
2.8517 3.2642  7 99.0000 1286 . 0.1863 0.2397 . 143 . 1429 . 'X-RAY DIFFRACTION' . 
3.2642 4.1117  7 94.0000 1243 . 0.1792 0.1967 . 138 . 1381 . 'X-RAY DIFFRACTION' . 
4.1117 37.6488 7 97.0000 1312 . 0.1810 0.1974 . 143 . 1455 . 'X-RAY DIFFRACTION' . 
# 
_struct.entry_id                     5E1L 
_struct.title                        
;Structural and functional analysis of the E. coli FtsZ interacting protein, ZapC, reveals insight into molecular properties of a novel Z ring stabilizing protein
;
_struct.pdbx_model_details           ? 
_struct.pdbx_formula_weight          ? 
_struct.pdbx_formula_weight_method   ? 
_struct.pdbx_model_type_details      ? 
_struct.pdbx_CASP_flag               ? 
# 
_struct_keywords.entry_id        5E1L 
_struct_keywords.text            'Z ring, cell division, Cell Cycle' 
_struct_keywords.pdbx_keywords   'CELL CYCLE' 
# 
loop_
_struct_asym.id 
_struct_asym.pdbx_blank_PDB_chainid_flag 
_struct_asym.pdbx_modified 
_struct_asym.entity_id 
_struct_asym.details 
A N N 1 ? 
B N N 2 ? 
# 
_struct_ref.id                         1 
_struct_ref.db_name                    UNP 
_struct_ref.db_code                    W8SPQ2_ECOLX 
_struct_ref.pdbx_db_accession          W8SPQ2 
_struct_ref.pdbx_db_isoform            ? 
_struct_ref.entity_id                  1 
_struct_ref.pdbx_seq_one_letter_code   
;MRIKPDDNWRWYYDEEHDRMMLDLANGMLFRSRFARKMLTPDAFSPAGFCVDDAALYFSFEEKCRDFNLSKEQKAELVLN
ALVAIRYLKPQMPKSWHFVSHGEMWVPMPGDAACVWLSDTHEQVNLLVVESGENAALCLLAQPCVVIAGRAMQLGDAIKI
MNDRLKPQVNVDSFSLEQAV
;
_struct_ref.pdbx_align_begin           1 
# 
_struct_ref_seq.align_id                      1 
_struct_ref_seq.ref_id                        1 
_struct_ref_seq.pdbx_PDB_id_code              5E1L 
_struct_ref_seq.pdbx_strand_id                A 
_struct_ref_seq.seq_align_beg                 21 
_struct_ref_seq.pdbx_seq_align_beg_ins_code   ? 
_struct_ref_seq.seq_align_end                 200 
_struct_ref_seq.pdbx_seq_align_end_ins_code   ? 
_struct_ref_seq.pdbx_db_accession             W8SPQ2 
_struct_ref_seq.db_align_beg                  1 
_struct_ref_seq.pdbx_db_align_beg_ins_code    ? 
_struct_ref_seq.db_align_end                  180 
_struct_ref_seq.pdbx_db_align_end_ins_code    ? 
_struct_ref_seq.pdbx_auth_seq_align_beg       1 
_struct_ref_seq.pdbx_auth_seq_align_end       180 
# 
loop_
_struct_ref_seq_dif.align_id 
_struct_ref_seq_dif.pdbx_pdb_id_code 
_struct_ref_seq_dif.mon_id 
_struct_ref_seq_dif.pdbx_pdb_strand_id 
_struct_ref_seq_dif.seq_num 
_struct_ref_seq_dif.pdbx_pdb_ins_code 
_struct_ref_seq_dif.pdbx_seq_db_name 
_struct_ref_seq_dif.pdbx_seq_db_accession_code 
_struct_ref_seq_dif.db_mon_id 
_struct_ref_seq_dif.pdbx_seq_db_seq_num 
_struct_ref_seq_dif.details 
_struct_ref_seq_dif.pdbx_auth_seq_num 
_struct_ref_seq_dif.pdbx_ordinal 
1 5E1L MET A 1  ? UNP W8SPQ2 ? ? 'initiating methionine' -19 1  
1 5E1L GLY A 2  ? UNP W8SPQ2 ? ? 'expression tag'        -18 2  
1 5E1L SER A 3  ? UNP W8SPQ2 ? ? 'expression tag'        -17 3  
1 5E1L SER A 4  ? UNP W8SPQ2 ? ? 'expression tag'        -16 4  
1 5E1L HIS A 5  ? UNP W8SPQ2 ? ? 'expression tag'        -15 5  
1 5E1L HIS A 6  ? UNP W8SPQ2 ? ? 'expression tag'        -14 6  
1 5E1L HIS A 7  ? UNP W8SPQ2 ? ? 'expression tag'        -13 7  
1 5E1L HIS A 8  ? UNP W8SPQ2 ? ? 'expression tag'        -12 8  
1 5E1L HIS A 9  ? UNP W8SPQ2 ? ? 'expression tag'        -11 9  
1 5E1L HIS A 10 ? UNP W8SPQ2 ? ? 'expression tag'        -10 10 
1 5E1L SER A 11 ? UNP W8SPQ2 ? ? 'expression tag'        -9  11 
1 5E1L SER A 12 ? UNP W8SPQ2 ? ? 'expression tag'        -8  12 
1 5E1L GLY A 13 ? UNP W8SPQ2 ? ? 'expression tag'        -7  13 
1 5E1L LEU A 14 ? UNP W8SPQ2 ? ? 'expression tag'        -6  14 
1 5E1L VAL A 15 ? UNP W8SPQ2 ? ? 'expression tag'        -5  15 
1 5E1L PRO A 16 ? UNP W8SPQ2 ? ? 'expression tag'        -4  16 
1 5E1L ARG A 17 ? UNP W8SPQ2 ? ? 'expression tag'        -3  17 
1 5E1L GLY A 18 ? UNP W8SPQ2 ? ? 'expression tag'        -2  18 
1 5E1L SER A 19 ? UNP W8SPQ2 ? ? 'expression tag'        -1  19 
1 5E1L HIS A 20 ? UNP W8SPQ2 ? ? 'expression tag'        0   20 
# 
_pdbx_struct_assembly.id                   1 
_pdbx_struct_assembly.details              author_and_software_defined_assembly 
_pdbx_struct_assembly.method_details       PISA 
_pdbx_struct_assembly.oligomeric_details   monomeric 
_pdbx_struct_assembly.oligomeric_count     1 
# 
_pdbx_struct_assembly_gen.assembly_id       1 
_pdbx_struct_assembly_gen.oper_expression   1 
_pdbx_struct_assembly_gen.asym_id_list      A,B 
# 
_pdbx_struct_oper_list.id                   1 
_pdbx_struct_oper_list.type                 'identity operation' 
_pdbx_struct_oper_list.name                 1_555 
_pdbx_struct_oper_list.symmetry_operation   x,y,z 
_pdbx_struct_oper_list.matrix[1][1]         1.0000000000 
_pdbx_struct_oper_list.matrix[1][2]         0.0000000000 
_pdbx_struct_oper_list.matrix[1][3]         0.0000000000 
_pdbx_struct_oper_list.vector[1]            0.0000000000 
_pdbx_struct_oper_list.matrix[2][1]         0.0000000000 
_pdbx_struct_oper_list.matrix[2][2]         1.0000000000 
_pdbx_struct_oper_list.matrix[2][3]         0.0000000000 
_pdbx_struct_oper_list.vector[2]            0.0000000000 
_pdbx_struct_oper_list.matrix[3][1]         0.0000000000 
_pdbx_struct_oper_list.matrix[3][2]         0.0000000000 
_pdbx_struct_oper_list.matrix[3][3]         1.0000000000 
_pdbx_struct_oper_list.vector[3]            0.0000000000 
# 
loop_
_struct_conf.conf_type_id 
_struct_conf.id 
_struct_conf.pdbx_PDB_helix_id 
_struct_conf.beg_label_comp_id 
_struct_conf.beg_label_asym_id 
_struct_conf.beg_label_seq_id 
_struct_conf.pdbx_beg_PDB_ins_code 
_struct_conf.end_label_comp_id 
_struct_conf.end_label_asym_id 
_struct_conf.end_label_seq_id 
_struct_conf.pdbx_end_PDB_ins_code 
_struct_conf.beg_auth_comp_id 
_struct_conf.beg_auth_asym_id 
_struct_conf.beg_auth_seq_id 
_struct_conf.end_auth_comp_id 
_struct_conf.end_auth_asym_id 
_struct_conf.end_auth_seq_id 
_struct_conf.pdbx_PDB_helix_class 
_struct_conf.details 
_struct_conf.pdbx_PDB_helix_length 
HELX_P HELX_P1 AA1 ALA A 55  ? LEU A 59  ? ALA A 35  LEU A 39  5 ? 5  
HELX_P HELX_P2 AA2 THR A 60  ? SER A 65  ? THR A 40  SER A 45  5 ? 6  
HELX_P HELX_P3 AA3 CYS A 70  ? ARG A 85  ? CYS A 50  ARG A 65  1 ? 16 
HELX_P HELX_P4 AA4 SER A 90  ? LEU A 108 ? SER A 70  LEU A 88  1 ? 19 
HELX_P HELX_P5 AA5 ASP A 183 ? LEU A 185 ? ASP A 163 LEU A 165 5 ? 3  
# 
_struct_conf_type.id          HELX_P 
_struct_conf_type.criteria    ? 
_struct_conf_type.reference   ? 
# 
_struct_mon_prot_cis.pdbx_id                1 
_struct_mon_prot_cis.label_comp_id          VAL 
_struct_mon_prot_cis.label_seq_id           15 
_struct_mon_prot_cis.label_asym_id          A 
_struct_mon_prot_cis.label_alt_id           . 
_struct_mon_prot_cis.pdbx_PDB_ins_code      ? 
_struct_mon_prot_cis.auth_comp_id           VAL 
_struct_mon_prot_cis.auth_seq_id            -5 
_struct_mon_prot_cis.auth_asym_id           A 
_struct_mon_prot_cis.pdbx_label_comp_id_2   PRO 
_struct_mon_prot_cis.pdbx_label_seq_id_2    16 
_struct_mon_prot_cis.pdbx_label_asym_id_2   A 
_struct_mon_prot_cis.pdbx_PDB_ins_code_2    ? 
_struct_mon_prot_cis.pdbx_auth_comp_id_2    PRO 
_struct_mon_prot_cis.pdbx_auth_seq_id_2     -4 
_struct_mon_prot_cis.pdbx_auth_asym_id_2    A 
_struct_mon_prot_cis.pdbx_PDB_model_num     1 
_struct_mon_prot_cis.pdbx_omega_angle       -8.66 
# 
loop_
_struct_sheet.id 
_struct_sheet.type 
_struct_sheet.number_strands 
_struct_sheet.details 
AA1 ? 5 ? 
AA2 ? 6 ? 
AA3 ? 2 ? 
# 
loop_
_struct_sheet_order.sheet_id 
_struct_sheet_order.range_id_1 
_struct_sheet_order.range_id_2 
_struct_sheet_order.offset 
_struct_sheet_order.sense 
AA1 1 2 ? anti-parallel 
AA1 2 3 ? anti-parallel 
AA1 3 4 ? anti-parallel 
AA1 4 5 ? anti-parallel 
AA2 1 2 ? parallel      
AA2 2 3 ? anti-parallel 
AA2 3 4 ? anti-parallel 
AA2 4 5 ? anti-parallel 
AA2 5 6 ? anti-parallel 
AA3 1 2 ? anti-parallel 
# 
loop_
_struct_sheet_range.sheet_id 
_struct_sheet_range.id 
_struct_sheet_range.beg_label_comp_id 
_struct_sheet_range.beg_label_asym_id 
_struct_sheet_range.beg_label_seq_id 
_struct_sheet_range.pdbx_beg_PDB_ins_code 
_struct_sheet_range.end_label_comp_id 
_struct_sheet_range.end_label_asym_id 
_struct_sheet_range.end_label_seq_id 
_struct_sheet_range.pdbx_end_PDB_ins_code 
_struct_sheet_range.beg_auth_comp_id 
_struct_sheet_range.beg_auth_asym_id 
_struct_sheet_range.beg_auth_seq_id 
_struct_sheet_range.end_auth_comp_id 
_struct_sheet_range.end_auth_asym_id 
_struct_sheet_range.end_auth_seq_id 
AA1 1 GLY A 13  ? VAL A 15  ? GLY A -7  VAL A -5  
AA1 2 LEU A 49  ? ARG A 51  ? LEU A 29  ARG A 31  
AA1 3 ARG A 39  ? ASP A 43  ? ARG A 19  ASP A 23  
AA1 4 ARG A 30  ? ASP A 34  ? ARG A 10  ASP A 14  
AA1 5 ALA A 67  ? GLY A 68  ? ALA A 47  GLY A 48  
AA2 1 PRO A 113 ? LYS A 114 ? PRO A 93  LYS A 94  
AA2 2 ALA A 177 ? MET A 181 ? ALA A 157 MET A 161 
AA2 3 ALA A 155 ? LEU A 160 ? ALA A 135 LEU A 140 
AA2 4 GLN A 143 ? SER A 151 ? GLN A 123 SER A 131 
AA2 5 ALA A 132 ? TRP A 136 ? ALA A 112 TRP A 116 
AA2 6 LYS A 186 ? PRO A 187 ? LYS A 166 PRO A 167 
AA3 1 CYS A 164 ? ILE A 167 ? CYS A 144 ILE A 147 
AA3 2 ARG A 170 ? GLN A 173 ? ARG A 150 GLN A 153 
# 
loop_
_pdbx_struct_sheet_hbond.sheet_id 
_pdbx_struct_sheet_hbond.range_id_1 
_pdbx_struct_sheet_hbond.range_id_2 
_pdbx_struct_sheet_hbond.range_1_label_atom_id 
_pdbx_struct_sheet_hbond.range_1_label_comp_id 
_pdbx_struct_sheet_hbond.range_1_label_asym_id 
_pdbx_struct_sheet_hbond.range_1_label_seq_id 
_pdbx_struct_sheet_hbond.range_1_PDB_ins_code 
_pdbx_struct_sheet_hbond.range_1_auth_atom_id 
_pdbx_struct_sheet_hbond.range_1_auth_comp_id 
_pdbx_struct_sheet_hbond.range_1_auth_asym_id 
_pdbx_struct_sheet_hbond.range_1_auth_seq_id 
_pdbx_struct_sheet_hbond.range_2_label_atom_id 
_pdbx_struct_sheet_hbond.range_2_label_comp_id 
_pdbx_struct_sheet_hbond.range_2_label_asym_id 
_pdbx_struct_sheet_hbond.range_2_label_seq_id 
_pdbx_struct_sheet_hbond.range_2_PDB_ins_code 
_pdbx_struct_sheet_hbond.range_2_auth_atom_id 
_pdbx_struct_sheet_hbond.range_2_auth_comp_id 
_pdbx_struct_sheet_hbond.range_2_auth_asym_id 
_pdbx_struct_sheet_hbond.range_2_auth_seq_id 
AA1 1 2 N VAL A 15  ? N VAL A -5  O LEU A 49  ? O LEU A 29  
AA1 2 3 O PHE A 50  ? O PHE A 30  N LEU A 42  ? N LEU A 22  
AA1 3 4 O ASP A 43  ? O ASP A 23  N ARG A 30  ? N ARG A 10  
AA1 4 5 N TRP A 31  ? N TRP A 11  O ALA A 67  ? O ALA A 47  
AA2 1 2 N LYS A 114 ? N LYS A 94  O MET A 181 ? O MET A 161 
AA2 2 3 O ILE A 178 ? O ILE A 158 N CYS A 158 ? N CYS A 138 
AA2 3 4 O LEU A 159 ? O LEU A 139 N LEU A 147 ? N LEU A 127 
AA2 4 5 O LEU A 146 ? O LEU A 126 N ALA A 133 ? N ALA A 113 
AA2 5 6 N CYS A 134 ? N CYS A 114 O LYS A 186 ? O LYS A 166 
AA3 1 2 N VAL A 165 ? N VAL A 145 O MET A 172 ? O MET A 152 
# 
loop_
_pdbx_validate_close_contact.id 
_pdbx_validate_close_contact.PDB_model_num 
_pdbx_validate_close_contact.auth_atom_id_1 
_pdbx_validate_close_contact.auth_asym_id_1 
_pdbx_validate_close_contact.auth_comp_id_1 
_pdbx_validate_close_contact.auth_seq_id_1 
_pdbx_validate_close_contact.PDB_ins_code_1 
_pdbx_validate_close_contact.label_alt_id_1 
_pdbx_validate_close_contact.auth_atom_id_2 
_pdbx_validate_close_contact.auth_asym_id_2 
_pdbx_validate_close_contact.auth_comp_id_2 
_pdbx_validate_close_contact.auth_seq_id_2 
_pdbx_validate_close_contact.PDB_ins_code_2 
_pdbx_validate_close_contact.label_alt_id_2 
_pdbx_validate_close_contact.dist 
1 1 O   A HOH 264 ? ? O A HOH 288 ? ? 1.95 
2 1 O   A GLU 61  ? ? O A HOH 201 ? ? 2.05 
3 1 O   A HOH 284 ? ? O A HOH 300 ? ? 2.09 
4 1 O   A HOH 216 ? ? O A HOH 278 ? ? 2.15 
5 1 OE1 A GLU 61  ? ? O A HOH 202 ? ? 2.17 
6 1 OE1 A GLU 122 ? ? O A HOH 203 ? ? 2.18 
# 
loop_
_pdbx_validate_rmsd_angle.id 
_pdbx_validate_rmsd_angle.PDB_model_num 
_pdbx_validate_rmsd_angle.auth_atom_id_1 
_pdbx_validate_rmsd_angle.auth_asym_id_1 
_pdbx_validate_rmsd_angle.auth_comp_id_1 
_pdbx_validate_rmsd_angle.auth_seq_id_1 
_pdbx_validate_rmsd_angle.PDB_ins_code_1 
_pdbx_validate_rmsd_angle.label_alt_id_1 
_pdbx_validate_rmsd_angle.auth_atom_id_2 
_pdbx_validate_rmsd_angle.auth_asym_id_2 
_pdbx_validate_rmsd_angle.auth_comp_id_2 
_pdbx_validate_rmsd_angle.auth_seq_id_2 
_pdbx_validate_rmsd_angle.PDB_ins_code_2 
_pdbx_validate_rmsd_angle.label_alt_id_2 
_pdbx_validate_rmsd_angle.auth_atom_id_3 
_pdbx_validate_rmsd_angle.auth_asym_id_3 
_pdbx_validate_rmsd_angle.auth_comp_id_3 
_pdbx_validate_rmsd_angle.auth_seq_id_3 
_pdbx_validate_rmsd_angle.PDB_ins_code_3 
_pdbx_validate_rmsd_angle.label_alt_id_3 
_pdbx_validate_rmsd_angle.angle_value 
_pdbx_validate_rmsd_angle.angle_target_value 
_pdbx_validate_rmsd_angle.angle_deviation 
_pdbx_validate_rmsd_angle.angle_standard_deviation 
_pdbx_validate_rmsd_angle.linker_flag 
1 1 C A VAL -5 ? ? N A PRO -4 ? ? CA A PRO -4 ? ? 145.14 127.00 18.14  2.40 Y 
2 1 C A VAL -5 ? ? N A PRO -4 ? ? CD A PRO -4 ? ? 101.98 120.60 -18.62 2.20 Y 
# 
loop_
_pdbx_validate_torsion.id 
_pdbx_validate_torsion.PDB_model_num 
_pdbx_validate_torsion.auth_comp_id 
_pdbx_validate_torsion.auth_asym_id 
_pdbx_validate_torsion.auth_seq_id 
_pdbx_validate_torsion.PDB_ins_code 
_pdbx_validate_torsion.label_alt_id 
_pdbx_validate_torsion.phi 
_pdbx_validate_torsion.psi 
1 1 ILE A 3   ? ? 34.69   93.95  
2 1 PRO A 46  ? ? -46.50  151.71 
3 1 SER A 95  ? ? -166.12 -41.20 
4 1 LEU A 154 ? ? -31.41  122.49 
# 
_phasing.method   MAD 
# 
loop_
_pdbx_unobs_or_zero_occ_residues.id 
_pdbx_unobs_or_zero_occ_residues.PDB_model_num 
_pdbx_unobs_or_zero_occ_residues.polymer_flag 
_pdbx_unobs_or_zero_occ_residues.occupancy_flag 
_pdbx_unobs_or_zero_occ_residues.auth_asym_id 
_pdbx_unobs_or_zero_occ_residues.auth_comp_id 
_pdbx_unobs_or_zero_occ_residues.auth_seq_id 
_pdbx_unobs_or_zero_occ_residues.PDB_ins_code 
_pdbx_unobs_or_zero_occ_residues.label_asym_id 
_pdbx_unobs_or_zero_occ_residues.label_comp_id 
_pdbx_unobs_or_zero_occ_residues.label_seq_id 
1  1 Y 1 A MET -19 ? A MET 1   
2  1 Y 1 A GLY -18 ? A GLY 2   
3  1 Y 1 A SER -17 ? A SER 3   
4  1 Y 1 A SER -16 ? A SER 4   
5  1 Y 1 A HIS -15 ? A HIS 5   
6  1 Y 1 A HIS -14 ? A HIS 6   
7  1 Y 1 A HIS -13 ? A HIS 7   
8  1 Y 1 A HIS -12 ? A HIS 8   
9  1 Y 1 A HIS -11 ? A HIS 9   
10 1 Y 1 A HIS -10 ? A HIS 10  
11 1 Y 1 A SER -9  ? A SER 11  
12 1 Y 1 A GLY -2  ? A GLY 18  
13 1 Y 1 A SER -1  ? A SER 19  
14 1 Y 1 A HIS 0   ? A HIS 20  
15 1 Y 1 A MET 1   ? A MET 21  
16 1 Y 1 A VAL 169 ? A VAL 189 
17 1 Y 1 A ASN 170 ? A ASN 190 
18 1 Y 1 A VAL 171 ? A VAL 191 
19 1 Y 1 A ASP 172 ? A ASP 192 
20 1 Y 1 A SER 173 ? A SER 193 
21 1 Y 1 A PHE 174 ? A PHE 194 
22 1 Y 1 A SER 175 ? A SER 195 
23 1 Y 1 A LEU 176 ? A LEU 196 
24 1 Y 1 A GLU 177 ? A GLU 197 
25 1 Y 1 A GLN 178 ? A GLN 198 
26 1 Y 1 A ALA 179 ? A ALA 199 
27 1 Y 1 A VAL 180 ? A VAL 200 
# 
loop_
_chem_comp_atom.comp_id 
_chem_comp_atom.atom_id 
_chem_comp_atom.type_symbol 
_chem_comp_atom.pdbx_aromatic_flag 
_chem_comp_atom.pdbx_stereo_config 
_chem_comp_atom.pdbx_ordinal 
ALA N    N N N 1   
ALA CA   C N S 2   
ALA C    C N N 3   
ALA O    O N N 4   
ALA CB   C N N 5   
ALA OXT  O N N 6   
ALA H    H N N 7   
ALA H2   H N N 8   
ALA HA   H N N 9   
ALA HB1  H N N 10  
ALA HB2  H N N 11  
ALA HB3  H N N 12  
ALA HXT  H N N 13  
ARG N    N N N 14  
ARG CA   C N S 15  
ARG C    C N N 16  
ARG O    O N N 17  
ARG CB   C N N 18  
ARG CG   C N N 19  
ARG CD   C N N 20  
ARG NE   N N N 21  
ARG CZ   C N N 22  
ARG NH1  N N N 23  
ARG NH2  N N N 24  
ARG OXT  O N N 25  
ARG H    H N N 26  
ARG H2   H N N 27  
ARG HA   H N N 28  
ARG HB2  H N N 29  
ARG HB3  H N N 30  
ARG HG2  H N N 31  
ARG HG3  H N N 32  
ARG HD2  H N N 33  
ARG HD3  H N N 34  
ARG HE   H N N 35  
ARG HH11 H N N 36  
ARG HH12 H N N 37  
ARG HH21 H N N 38  
ARG HH22 H N N 39  
ARG HXT  H N N 40  
ASN N    N N N 41  
ASN CA   C N S 42  
ASN C    C N N 43  
ASN O    O N N 44  
ASN CB   C N N 45  
ASN CG   C N N 46  
ASN OD1  O N N 47  
ASN ND2  N N N 48  
ASN OXT  O N N 49  
ASN H    H N N 50  
ASN H2   H N N 51  
ASN HA   H N N 52  
ASN HB2  H N N 53  
ASN HB3  H N N 54  
ASN HD21 H N N 55  
ASN HD22 H N N 56  
ASN HXT  H N N 57  
ASP N    N N N 58  
ASP CA   C N S 59  
ASP C    C N N 60  
ASP O    O N N 61  
ASP CB   C N N 62  
ASP CG   C N N 63  
ASP OD1  O N N 64  
ASP OD2  O N N 65  
ASP OXT  O N N 66  
ASP H    H N N 67  
ASP H2   H N N 68  
ASP HA   H N N 69  
ASP HB2  H N N 70  
ASP HB3  H N N 71  
ASP HD2  H N N 72  
ASP HXT  H N N 73  
CYS N    N N N 74  
CYS CA   C N R 75  
CYS C    C N N 76  
CYS O    O N N 77  
CYS CB   C N N 78  
CYS SG   S N N 79  
CYS OXT  O N N 80  
CYS H    H N N 81  
CYS H2   H N N 82  
CYS HA   H N N 83  
CYS HB2  H N N 84  
CYS HB3  H N N 85  
CYS HG   H N N 86  
CYS HXT  H N N 87  
GLN N    N N N 88  
GLN CA   C N S 89  
GLN C    C N N 90  
GLN O    O N N 91  
GLN CB   C N N 92  
GLN CG   C N N 93  
GLN CD   C N N 94  
GLN OE1  O N N 95  
GLN NE2  N N N 96  
GLN OXT  O N N 97  
GLN H    H N N 98  
GLN H2   H N N 99  
GLN HA   H N N 100 
GLN HB2  H N N 101 
GLN HB3  H N N 102 
GLN HG2  H N N 103 
GLN HG3  H N N 104 
GLN HE21 H N N 105 
GLN HE22 H N N 106 
GLN HXT  H N N 107 
GLU N    N N N 108 
GLU CA   C N S 109 
GLU C    C N N 110 
GLU O    O N N 111 
GLU CB   C N N 112 
GLU CG   C N N 113 
GLU CD   C N N 114 
GLU OE1  O N N 115 
GLU OE2  O N N 116 
GLU OXT  O N N 117 
GLU H    H N N 118 
GLU H2   H N N 119 
GLU HA   H N N 120 
GLU HB2  H N N 121 
GLU HB3  H N N 122 
GLU HG2  H N N 123 
GLU HG3  H N N 124 
GLU HE2  H N N 125 
GLU HXT  H N N 126 
GLY N    N N N 127 
GLY CA   C N N 128 
GLY C    C N N 129 
GLY O    O N N 130 
GLY OXT  O N N 131 
GLY H    H N N 132 
GLY H2   H N N 133 
GLY HA2  H N N 134 
GLY HA3  H N N 135 
GLY HXT  H N N 136 
HIS N    N N N 137 
HIS CA   C N S 138 
HIS C    C N N 139 
HIS O    O N N 140 
HIS CB   C N N 141 
HIS CG   C Y N 142 
HIS ND1  N Y N 143 
HIS CD2  C Y N 144 
HIS CE1  C Y N 145 
HIS NE2  N Y N 146 
HIS OXT  O N N 147 
HIS H    H N N 148 
HIS H2   H N N 149 
HIS HA   H N N 150 
HIS HB2  H N N 151 
HIS HB3  H N N 152 
HIS HD1  H N N 153 
HIS HD2  H N N 154 
HIS HE1  H N N 155 
HIS HE2  H N N 156 
HIS HXT  H N N 157 
HOH O    O N N 158 
HOH H1   H N N 159 
HOH H2   H N N 160 
ILE N    N N N 161 
ILE CA   C N S 162 
ILE C    C N N 163 
ILE O    O N N 164 
ILE CB   C N S 165 
ILE CG1  C N N 166 
ILE CG2  C N N 167 
ILE CD1  C N N 168 
ILE OXT  O N N 169 
ILE H    H N N 170 
ILE H2   H N N 171 
ILE HA   H N N 172 
ILE HB   H N N 173 
ILE HG12 H N N 174 
ILE HG13 H N N 175 
ILE HG21 H N N 176 
ILE HG22 H N N 177 
ILE HG23 H N N 178 
ILE HD11 H N N 179 
ILE HD12 H N N 180 
ILE HD13 H N N 181 
ILE HXT  H N N 182 
LEU N    N N N 183 
LEU CA   C N S 184 
LEU C    C N N 185 
LEU O    O N N 186 
LEU CB   C N N 187 
LEU CG   C N N 188 
LEU CD1  C N N 189 
LEU CD2  C N N 190 
LEU OXT  O N N 191 
LEU H    H N N 192 
LEU H2   H N N 193 
LEU HA   H N N 194 
LEU HB2  H N N 195 
LEU HB3  H N N 196 
LEU HG   H N N 197 
LEU HD11 H N N 198 
LEU HD12 H N N 199 
LEU HD13 H N N 200 
LEU HD21 H N N 201 
LEU HD22 H N N 202 
LEU HD23 H N N 203 
LEU HXT  H N N 204 
LYS N    N N N 205 
LYS CA   C N S 206 
LYS C    C N N 207 
LYS O    O N N 208 
LYS CB   C N N 209 
LYS CG   C N N 210 
LYS CD   C N N 211 
LYS CE   C N N 212 
LYS NZ   N N N 213 
LYS OXT  O N N 214 
LYS H    H N N 215 
LYS H2   H N N 216 
LYS HA   H N N 217 
LYS HB2  H N N 218 
LYS HB3  H N N 219 
LYS HG2  H N N 220 
LYS HG3  H N N 221 
LYS HD2  H N N 222 
LYS HD3  H N N 223 
LYS HE2  H N N 224 
LYS HE3  H N N 225 
LYS HZ1  H N N 226 
LYS HZ2  H N N 227 
LYS HZ3  H N N 228 
LYS HXT  H N N 229 
MET N    N N N 230 
MET CA   C N S 231 
MET C    C N N 232 
MET O    O N N 233 
MET CB   C N N 234 
MET CG   C N N 235 
MET SD   S N N 236 
MET CE   C N N 237 
MET OXT  O N N 238 
MET H    H N N 239 
MET H2   H N N 240 
MET HA   H N N 241 
MET HB2  H N N 242 
MET HB3  H N N 243 
MET HG2  H N N 244 
MET HG3  H N N 245 
MET HE1  H N N 246 
MET HE2  H N N 247 
MET HE3  H N N 248 
MET HXT  H N N 249 
PHE N    N N N 250 
PHE CA   C N S 251 
PHE C    C N N 252 
PHE O    O N N 253 
PHE CB   C N N 254 
PHE CG   C Y N 255 
PHE CD1  C Y N 256 
PHE CD2  C Y N 257 
PHE CE1  C Y N 258 
PHE CE2  C Y N 259 
PHE CZ   C Y N 260 
PHE OXT  O N N 261 
PHE H    H N N 262 
PHE H2   H N N 263 
PHE HA   H N N 264 
PHE HB2  H N N 265 
PHE HB3  H N N 266 
PHE HD1  H N N 267 
PHE HD2  H N N 268 
PHE HE1  H N N 269 
PHE HE2  H N N 270 
PHE HZ   H N N 271 
PHE HXT  H N N 272 
PRO N    N N N 273 
PRO CA   C N S 274 
PRO C    C N N 275 
PRO O    O N N 276 
PRO CB   C N N 277 
PRO CG   C N N 278 
PRO CD   C N N 279 
PRO OXT  O N N 280 
PRO H    H N N 281 
PRO HA   H N N 282 
PRO HB2  H N N 283 
PRO HB3  H N N 284 
PRO HG2  H N N 285 
PRO HG3  H N N 286 
PRO HD2  H N N 287 
PRO HD3  H N N 288 
PRO HXT  H N N 289 
SER N    N N N 290 
SER CA   C N S 291 
SER C    C N N 292 
SER O    O N N 293 
SER CB   C N N 294 
SER OG   O N N 295 
SER OXT  O N N 296 
SER H    H N N 297 
SER H2   H N N 298 
SER HA   H N N 299 
SER HB2  H N N 300 
SER HB3  H N N 301 
SER HG   H N N 302 
SER HXT  H N N 303 
THR N    N N N 304 
THR CA   C N S 305 
THR C    C N N 306 
THR O    O N N 307 
THR CB   C N R 308 
THR OG1  O N N 309 
THR CG2  C N N 310 
THR OXT  O N N 311 
THR H    H N N 312 
THR H2   H N N 313 
THR HA   H N N 314 
THR HB   H N N 315 
THR HG1  H N N 316 
THR HG21 H N N 317 
THR HG22 H N N 318 
THR HG23 H N N 319 
THR HXT  H N N 320 
TRP N    N N N 321 
TRP CA   C N S 322 
TRP C    C N N 323 
TRP O    O N N 324 
TRP CB   C N N 325 
TRP CG   C Y N 326 
TRP CD1  C Y N 327 
TRP CD2  C Y N 328 
TRP NE1  N Y N 329 
TRP CE2  C Y N 330 
TRP CE3  C Y N 331 
TRP CZ2  C Y N 332 
TRP CZ3  C Y N 333 
TRP CH2  C Y N 334 
TRP OXT  O N N 335 
TRP H    H N N 336 
TRP H2   H N N 337 
TRP HA   H N N 338 
TRP HB2  H N N 339 
TRP HB3  H N N 340 
TRP HD1  H N N 341 
TRP HE1  H N N 342 
TRP HE3  H N N 343 
TRP HZ2  H N N 344 
TRP HZ3  H N N 345 
TRP HH2  H N N 346 
TRP HXT  H N N 347 
TYR N    N N N 348 
TYR CA   C N S 349 
TYR C    C N N 350 
TYR O    O N N 351 
TYR CB   C N N 352 
TYR CG   C Y N 353 
TYR CD1  C Y N 354 
TYR CD2  C Y N 355 
TYR CE1  C Y N 356 
TYR CE2  C Y N 357 
TYR CZ   C Y N 358 
TYR OH   O N N 359 
TYR OXT  O N N 360 
TYR H    H N N 361 
TYR H2   H N N 362 
TYR HA   H N N 363 
TYR HB2  H N N 364 
TYR HB3  H N N 365 
TYR HD1  H N N 366 
TYR HD2  H N N 367 
TYR HE1  H N N 368 
TYR HE2  H N N 369 
TYR HH   H N N 370 
TYR HXT  H N N 371 
VAL N    N N N 372 
VAL CA   C N S 373 
VAL C    C N N 374 
VAL O    O N N 375 
VAL CB   C N N 376 
VAL CG1  C N N 377 
VAL CG2  C N N 378 
VAL OXT  O N N 379 
VAL H    H N N 380 
VAL H2   H N N 381 
VAL HA   H N N 382 
VAL HB   H N N 383 
VAL HG11 H N N 384 
VAL HG12 H N N 385 
VAL HG13 H N N 386 
VAL HG21 H N N 387 
VAL HG22 H N N 388 
VAL HG23 H N N 389 
VAL HXT  H N N 390 
# 
loop_
_chem_comp_bond.comp_id 
_chem_comp_bond.atom_id_1 
_chem_comp_bond.atom_id_2 
_chem_comp_bond.value_order 
_chem_comp_bond.pdbx_aromatic_flag 
_chem_comp_bond.pdbx_stereo_config 
_chem_comp_bond.pdbx_ordinal 
ALA N   CA   sing N N 1   
ALA N   H    sing N N 2   
ALA N   H2   sing N N 3   
ALA CA  C    sing N N 4   
ALA CA  CB   sing N N 5   
ALA CA  HA   sing N N 6   
ALA C   O    doub N N 7   
ALA C   OXT  sing N N 8   
ALA CB  HB1  sing N N 9   
ALA CB  HB2  sing N N 10  
ALA CB  HB3  sing N N 11  
ALA OXT HXT  sing N N 12  
ARG N   CA   sing N N 13  
ARG N   H    sing N N 14  
ARG N   H2   sing N N 15  
ARG CA  C    sing N N 16  
ARG CA  CB   sing N N 17  
ARG CA  HA   sing N N 18  
ARG C   O    doub N N 19  
ARG C   OXT  sing N N 20  
ARG CB  CG   sing N N 21  
ARG CB  HB2  sing N N 22  
ARG CB  HB3  sing N N 23  
ARG CG  CD   sing N N 24  
ARG CG  HG2  sing N N 25  
ARG CG  HG3  sing N N 26  
ARG CD  NE   sing N N 27  
ARG CD  HD2  sing N N 28  
ARG CD  HD3  sing N N 29  
ARG NE  CZ   sing N N 30  
ARG NE  HE   sing N N 31  
ARG CZ  NH1  sing N N 32  
ARG CZ  NH2  doub N N 33  
ARG NH1 HH11 sing N N 34  
ARG NH1 HH12 sing N N 35  
ARG NH2 HH21 sing N N 36  
ARG NH2 HH22 sing N N 37  
ARG OXT HXT  sing N N 38  
ASN N   CA   sing N N 39  
ASN N   H    sing N N 40  
ASN N   H2   sing N N 41  
ASN CA  C    sing N N 42  
ASN CA  CB   sing N N 43  
ASN CA  HA   sing N N 44  
ASN C   O    doub N N 45  
ASN C   OXT  sing N N 46  
ASN CB  CG   sing N N 47  
ASN CB  HB2  sing N N 48  
ASN CB  HB3  sing N N 49  
ASN CG  OD1  doub N N 50  
ASN CG  ND2  sing N N 51  
ASN ND2 HD21 sing N N 52  
ASN ND2 HD22 sing N N 53  
ASN OXT HXT  sing N N 54  
ASP N   CA   sing N N 55  
ASP N   H    sing N N 56  
ASP N   H2   sing N N 57  
ASP CA  C    sing N N 58  
ASP CA  CB   sing N N 59  
ASP CA  HA   sing N N 60  
ASP C   O    doub N N 61  
ASP C   OXT  sing N N 62  
ASP CB  CG   sing N N 63  
ASP CB  HB2  sing N N 64  
ASP CB  HB3  sing N N 65  
ASP CG  OD1  doub N N 66  
ASP CG  OD2  sing N N 67  
ASP OD2 HD2  sing N N 68  
ASP OXT HXT  sing N N 69  
CYS N   CA   sing N N 70  
CYS N   H    sing N N 71  
CYS N   H2   sing N N 72  
CYS CA  C    sing N N 73  
CYS CA  CB   sing N N 74  
CYS CA  HA   sing N N 75  
CYS C   O    doub N N 76  
CYS C   OXT  sing N N 77  
CYS CB  SG   sing N N 78  
CYS CB  HB2  sing N N 79  
CYS CB  HB3  sing N N 80  
CYS SG  HG   sing N N 81  
CYS OXT HXT  sing N N 82  
GLN N   CA   sing N N 83  
GLN N   H    sing N N 84  
GLN N   H2   sing N N 85  
GLN CA  C    sing N N 86  
GLN CA  CB   sing N N 87  
GLN CA  HA   sing N N 88  
GLN C   O    doub N N 89  
GLN C   OXT  sing N N 90  
GLN CB  CG   sing N N 91  
GLN CB  HB2  sing N N 92  
GLN CB  HB3  sing N N 93  
GLN CG  CD   sing N N 94  
GLN CG  HG2  sing N N 95  
GLN CG  HG3  sing N N 96  
GLN CD  OE1  doub N N 97  
GLN CD  NE2  sing N N 98  
GLN NE2 HE21 sing N N 99  
GLN NE2 HE22 sing N N 100 
GLN OXT HXT  sing N N 101 
GLU N   CA   sing N N 102 
GLU N   H    sing N N 103 
GLU N   H2   sing N N 104 
GLU CA  C    sing N N 105 
GLU CA  CB   sing N N 106 
GLU CA  HA   sing N N 107 
GLU C   O    doub N N 108 
GLU C   OXT  sing N N 109 
GLU CB  CG   sing N N 110 
GLU CB  HB2  sing N N 111 
GLU CB  HB3  sing N N 112 
GLU CG  CD   sing N N 113 
GLU CG  HG2  sing N N 114 
GLU CG  HG3  sing N N 115 
GLU CD  OE1  doub N N 116 
GLU CD  OE2  sing N N 117 
GLU OE2 HE2  sing N N 118 
GLU OXT HXT  sing N N 119 
GLY N   CA   sing N N 120 
GLY N   H    sing N N 121 
GLY N   H2   sing N N 122 
GLY CA  C    sing N N 123 
GLY CA  HA2  sing N N 124 
GLY CA  HA3  sing N N 125 
GLY C   O    doub N N 126 
GLY C   OXT  sing N N 127 
GLY OXT HXT  sing N N 128 
HIS N   CA   sing N N 129 
HIS N   H    sing N N 130 
HIS N   H2   sing N N 131 
HIS CA  C    sing N N 132 
HIS CA  CB   sing N N 133 
HIS CA  HA   sing N N 134 
HIS C   O    doub N N 135 
HIS C   OXT  sing N N 136 
HIS CB  CG   sing N N 137 
HIS CB  HB2  sing N N 138 
HIS CB  HB3  sing N N 139 
HIS CG  ND1  sing Y N 140 
HIS CG  CD2  doub Y N 141 
HIS ND1 CE1  doub Y N 142 
HIS ND1 HD1  sing N N 143 
HIS CD2 NE2  sing Y N 144 
HIS CD2 HD2  sing N N 145 
HIS CE1 NE2  sing Y N 146 
HIS CE1 HE1  sing N N 147 
HIS NE2 HE2  sing N N 148 
HIS OXT HXT  sing N N 149 
HOH O   H1   sing N N 150 
HOH O   H2   sing N N 151 
ILE N   CA   sing N N 152 
ILE N   H    sing N N 153 
ILE N   H2   sing N N 154 
ILE CA  C    sing N N 155 
ILE CA  CB   sing N N 156 
ILE CA  HA   sing N N 157 
ILE C   O    doub N N 158 
ILE C   OXT  sing N N 159 
ILE CB  CG1  sing N N 160 
ILE CB  CG2  sing N N 161 
ILE CB  HB   sing N N 162 
ILE CG1 CD1  sing N N 163 
ILE CG1 HG12 sing N N 164 
ILE CG1 HG13 sing N N 165 
ILE CG2 HG21 sing N N 166 
ILE CG2 HG22 sing N N 167 
ILE CG2 HG23 sing N N 168 
ILE CD1 HD11 sing N N 169 
ILE CD1 HD12 sing N N 170 
ILE CD1 HD13 sing N N 171 
ILE OXT HXT  sing N N 172 
LEU N   CA   sing N N 173 
LEU N   H    sing N N 174 
LEU N   H2   sing N N 175 
LEU CA  C    sing N N 176 
LEU CA  CB   sing N N 177 
LEU CA  HA   sing N N 178 
LEU C   O    doub N N 179 
LEU C   OXT  sing N N 180 
LEU CB  CG   sing N N 181 
LEU CB  HB2  sing N N 182 
LEU CB  HB3  sing N N 183 
LEU CG  CD1  sing N N 184 
LEU CG  CD2  sing N N 185 
LEU CG  HG   sing N N 186 
LEU CD1 HD11 sing N N 187 
LEU CD1 HD12 sing N N 188 
LEU CD1 HD13 sing N N 189 
LEU CD2 HD21 sing N N 190 
LEU CD2 HD22 sing N N 191 
LEU CD2 HD23 sing N N 192 
LEU OXT HXT  sing N N 193 
LYS N   CA   sing N N 194 
LYS N   H    sing N N 195 
LYS N   H2   sing N N 196 
LYS CA  C    sing N N 197 
LYS CA  CB   sing N N 198 
LYS CA  HA   sing N N 199 
LYS C   O    doub N N 200 
LYS C   OXT  sing N N 201 
LYS CB  CG   sing N N 202 
LYS CB  HB2  sing N N 203 
LYS CB  HB3  sing N N 204 
LYS CG  CD   sing N N 205 
LYS CG  HG2  sing N N 206 
LYS CG  HG3  sing N N 207 
LYS CD  CE   sing N N 208 
LYS CD  HD2  sing N N 209 
LYS CD  HD3  sing N N 210 
LYS CE  NZ   sing N N 211 
LYS CE  HE2  sing N N 212 
LYS CE  HE3  sing N N 213 
LYS NZ  HZ1  sing N N 214 
LYS NZ  HZ2  sing N N 215 
LYS NZ  HZ3  sing N N 216 
LYS OXT HXT  sing N N 217 
MET N   CA   sing N N 218 
MET N   H    sing N N 219 
MET N   H2   sing N N 220 
MET CA  C    sing N N 221 
MET CA  CB   sing N N 222 
MET CA  HA   sing N N 223 
MET C   O    doub N N 224 
MET C   OXT  sing N N 225 
MET CB  CG   sing N N 226 
MET CB  HB2  sing N N 227 
MET CB  HB3  sing N N 228 
MET CG  SD   sing N N 229 
MET CG  HG2  sing N N 230 
MET CG  HG3  sing N N 231 
MET SD  CE   sing N N 232 
MET CE  HE1  sing N N 233 
MET CE  HE2  sing N N 234 
MET CE  HE3  sing N N 235 
MET OXT HXT  sing N N 236 
PHE N   CA   sing N N 237 
PHE N   H    sing N N 238 
PHE N   H2   sing N N 239 
PHE CA  C    sing N N 240 
PHE CA  CB   sing N N 241 
PHE CA  HA   sing N N 242 
PHE C   O    doub N N 243 
PHE C   OXT  sing N N 244 
PHE CB  CG   sing N N 245 
PHE CB  HB2  sing N N 246 
PHE CB  HB3  sing N N 247 
PHE CG  CD1  doub Y N 248 
PHE CG  CD2  sing Y N 249 
PHE CD1 CE1  sing Y N 250 
PHE CD1 HD1  sing N N 251 
PHE CD2 CE2  doub Y N 252 
PHE CD2 HD2  sing N N 253 
PHE CE1 CZ   doub Y N 254 
PHE CE1 HE1  sing N N 255 
PHE CE2 CZ   sing Y N 256 
PHE CE2 HE2  sing N N 257 
PHE CZ  HZ   sing N N 258 
PHE OXT HXT  sing N N 259 
PRO N   CA   sing N N 260 
PRO N   CD   sing N N 261 
PRO N   H    sing N N 262 
PRO CA  C    sing N N 263 
PRO CA  CB   sing N N 264 
PRO CA  HA   sing N N 265 
PRO C   O    doub N N 266 
PRO C   OXT  sing N N 267 
PRO CB  CG   sing N N 268 
PRO CB  HB2  sing N N 269 
PRO CB  HB3  sing N N 270 
PRO CG  CD   sing N N 271 
PRO CG  HG2  sing N N 272 
PRO CG  HG3  sing N N 273 
PRO CD  HD2  sing N N 274 
PRO CD  HD3  sing N N 275 
PRO OXT HXT  sing N N 276 
SER N   CA   sing N N 277 
SER N   H    sing N N 278 
SER N   H2   sing N N 279 
SER CA  C    sing N N 280 
SER CA  CB   sing N N 281 
SER CA  HA   sing N N 282 
SER C   O    doub N N 283 
SER C   OXT  sing N N 284 
SER CB  OG   sing N N 285 
SER CB  HB2  sing N N 286 
SER CB  HB3  sing N N 287 
SER OG  HG   sing N N 288 
SER OXT HXT  sing N N 289 
THR N   CA   sing N N 290 
THR N   H    sing N N 291 
THR N   H2   sing N N 292 
THR CA  C    sing N N 293 
THR CA  CB   sing N N 294 
THR CA  HA   sing N N 295 
THR C   O    doub N N 296 
THR C   OXT  sing N N 297 
THR CB  OG1  sing N N 298 
THR CB  CG2  sing N N 299 
THR CB  HB   sing N N 300 
THR OG1 HG1  sing N N 301 
THR CG2 HG21 sing N N 302 
THR CG2 HG22 sing N N 303 
THR CG2 HG23 sing N N 304 
THR OXT HXT  sing N N 305 
TRP N   CA   sing N N 306 
TRP N   H    sing N N 307 
TRP N   H2   sing N N 308 
TRP CA  C    sing N N 309 
TRP CA  CB   sing N N 310 
TRP CA  HA   sing N N 311 
TRP C   O    doub N N 312 
TRP C   OXT  sing N N 313 
TRP CB  CG   sing N N 314 
TRP CB  HB2  sing N N 315 
TRP CB  HB3  sing N N 316 
TRP CG  CD1  doub Y N 317 
TRP CG  CD2  sing Y N 318 
TRP CD1 NE1  sing Y N 319 
TRP CD1 HD1  sing N N 320 
TRP CD2 CE2  doub Y N 321 
TRP CD2 CE3  sing Y N 322 
TRP NE1 CE2  sing Y N 323 
TRP NE1 HE1  sing N N 324 
TRP CE2 CZ2  sing Y N 325 
TRP CE3 CZ3  doub Y N 326 
TRP CE3 HE3  sing N N 327 
TRP CZ2 CH2  doub Y N 328 
TRP CZ2 HZ2  sing N N 329 
TRP CZ3 CH2  sing Y N 330 
TRP CZ3 HZ3  sing N N 331 
TRP CH2 HH2  sing N N 332 
TRP OXT HXT  sing N N 333 
TYR N   CA   sing N N 334 
TYR N   H    sing N N 335 
TYR N   H2   sing N N 336 
TYR CA  C    sing N N 337 
TYR CA  CB   sing N N 338 
TYR CA  HA   sing N N 339 
TYR C   O    doub N N 340 
TYR C   OXT  sing N N 341 
TYR CB  CG   sing N N 342 
TYR CB  HB2  sing N N 343 
TYR CB  HB3  sing N N 344 
TYR CG  CD1  doub Y N 345 
TYR CG  CD2  sing Y N 346 
TYR CD1 CE1  sing Y N 347 
TYR CD1 HD1  sing N N 348 
TYR CD2 CE2  doub Y N 349 
TYR CD2 HD2  sing N N 350 
TYR CE1 CZ   doub Y N 351 
TYR CE1 HE1  sing N N 352 
TYR CE2 CZ   sing Y N 353 
TYR CE2 HE2  sing N N 354 
TYR CZ  OH   sing N N 355 
TYR OH  HH   sing N N 356 
TYR OXT HXT  sing N N 357 
VAL N   CA   sing N N 358 
VAL N   H    sing N N 359 
VAL N   H2   sing N N 360 
VAL CA  C    sing N N 361 
VAL CA  CB   sing N N 362 
VAL CA  HA   sing N N 363 
VAL C   O    doub N N 364 
VAL C   OXT  sing N N 365 
VAL CB  CG1  sing N N 366 
VAL CB  CG2  sing N N 367 
VAL CB  HB   sing N N 368 
VAL CG1 HG11 sing N N 369 
VAL CG1 HG12 sing N N 370 
VAL CG1 HG13 sing N N 371 
VAL CG2 HG21 sing N N 372 
VAL CG2 HG22 sing N N 373 
VAL CG2 HG23 sing N N 374 
VAL OXT HXT  sing N N 375 
# 
_atom_sites.entry_id                    5E1L 
_atom_sites.fract_transf_matrix[1][1]   -0.00808414 
_atom_sites.fract_transf_matrix[1][2]   0.00223513 
_atom_sites.fract_transf_matrix[1][3]   -0.01332832 
_atom_sites.fract_transf_matrix[2][1]   -0.01696645 
_atom_sites.fract_transf_matrix[2][2]   -0.00974144 
_atom_sites.fract_transf_matrix[2][3]   0.00865720 
_atom_sites.fract_transf_matrix[3][1]   -0.00751322 
_atom_sites.fract_transf_matrix[3][2]   0.01460705 
_atom_sites.fract_transf_matrix[3][3]   0.00171199 
_atom_sites.fract_transf_vector[1]      0.281276 
_atom_sites.fract_transf_vector[2]      0.006463 
_atom_sites.fract_transf_vector[3]      0.255328 
# 
loop_
_atom_type.symbol 
C 
N 
O 
S 
# 
loop_
_atom_site.group_PDB 
_atom_site.id 
_atom_site.type_symbol 
_atom_site.label_atom_id 
_atom_site.label_alt_id 
_atom_site.label_comp_id 
_atom_site.label_asym_id 
_atom_site.label_entity_id 
_atom_site.label_seq_id 
_atom_site.pdbx_PDB_ins_code 
_atom_site.Cartn_x 
_atom_site.Cartn_y 
_atom_site.Cartn_z 
_atom_site.occupancy 
_atom_site.B_iso_or_equiv 
_atom_site.pdbx_formal_charge 
_atom_site.auth_seq_id 
_atom_site.auth_comp_id 
_atom_site.auth_asym_id 
_atom_site.auth_atom_id 
_atom_site.pdbx_PDB_model_num 
ATOM   1    N N   . SER A 1 12  ? 3.740   4.830   9.661   1.00 41.43 ? -8  SER A N   1 
ATOM   2    C CA  . SER A 1 12  ? 4.380   6.067   10.100  1.00 42.88 ? -8  SER A CA  1 
ATOM   3    C C   . SER A 1 12  ? 3.380   7.223   10.024  1.00 49.66 ? -8  SER A C   1 
ATOM   4    O O   . SER A 1 12  ? 3.069   7.880   11.031  1.00 48.30 ? -8  SER A O   1 
ATOM   5    C CB  . SER A 1 12  ? 5.591   6.372   9.228   1.00 43.95 ? -8  SER A CB  1 
ATOM   6    O OG  . SER A 1 12  ? 5.821   5.338   8.292   1.00 42.85 ? -8  SER A OG  1 
ATOM   7    N N   . GLY A 1 13  ? 2.909   7.479   8.807   1.00 45.11 ? -7  GLY A N   1 
ATOM   8    C CA  . GLY A 1 13  ? 1.709   8.255   8.592   1.00 38.94 ? -7  GLY A CA  1 
ATOM   9    C C   . GLY A 1 13  ? 1.846   9.735   8.328   1.00 32.77 ? -7  GLY A C   1 
ATOM   10   O O   . GLY A 1 13  ? 2.917   10.260  8.005   1.00 27.83 ? -7  GLY A O   1 
ATOM   11   N N   . LEU A 1 14  ? 0.699   10.387  8.457   1.00 35.04 ? -6  LEU A N   1 
ATOM   12   C CA  . LEU A 1 14  ? 0.542   11.816  8.336   1.00 38.29 ? -6  LEU A CA  1 
ATOM   13   C C   . LEU A 1 14  ? 1.089   12.499  9.591   1.00 39.16 ? -6  LEU A C   1 
ATOM   14   O O   . LEU A 1 14  ? 0.705   12.158  10.711  1.00 36.86 ? -6  LEU A O   1 
ATOM   15   C CB  . LEU A 1 14  ? -0.950  12.146  8.198   1.00 34.34 ? -6  LEU A CB  1 
ATOM   16   C CG  . LEU A 1 14  ? -1.701  11.667  6.954   1.00 35.24 ? -6  LEU A CG  1 
ATOM   17   C CD1 . LEU A 1 14  ? -1.179  12.382  5.713   1.00 33.35 ? -6  LEU A CD1 1 
ATOM   18   C CD2 . LEU A 1 14  ? -1.618  10.157  6.764   1.00 33.52 ? -6  LEU A CD2 1 
ATOM   19   N N   . VAL A 1 15  ? 1.998   13.446  9.398   1.00 33.91 ? -5  VAL A N   1 
ATOM   20   C CA  . VAL A 1 15  ? 2.463   14.310  10.483  1.00 41.92 ? -5  VAL A CA  1 
ATOM   21   C C   . VAL A 1 15  ? 2.098   15.732  10.062  1.00 44.48 ? -5  VAL A C   1 
ATOM   22   O O   . VAL A 1 15  ? 2.512   16.169  8.992   1.00 35.44 ? -5  VAL A O   1 
ATOM   23   C CB  . VAL A 1 15  ? 4.007   14.279  10.652  1.00 39.54 ? -5  VAL A CB  1 
ATOM   24   C CG1 . VAL A 1 15  ? 4.449   13.445  11.872  1.00 35.35 ? -5  VAL A CG1 1 
ATOM   25   C CG2 . VAL A 1 15  ? 4.691   13.798  9.363   1.00 39.79 ? -5  VAL A CG2 1 
ATOM   26   N N   . PRO A 1 16  ? 1.317   16.484  10.863  1.00 49.54 ? -4  PRO A N   1 
ATOM   27   C CA  . PRO A 1 16  ? 0.465   16.487  12.071  1.00 60.31 ? -4  PRO A CA  1 
ATOM   28   C C   . PRO A 1 16  ? -1.057  16.241  11.891  1.00 64.17 ? -4  PRO A C   1 
ATOM   29   O O   . PRO A 1 16  ? -1.693  17.077  11.239  1.00 66.16 ? -4  PRO A O   1 
ATOM   30   C CB  . PRO A 1 16  ? 0.587   17.951  12.542  1.00 55.99 ? -4  PRO A CB  1 
ATOM   31   C CG  . PRO A 1 16  ? 0.847   18.733  11.319  1.00 54.65 ? -4  PRO A CG  1 
ATOM   32   C CD  . PRO A 1 16  ? 1.811   17.848  10.581  1.00 51.46 ? -4  PRO A CD  1 
ATOM   33   N N   . ARG A 1 17  ? -1.646  15.224  12.534  1.00 62.79 ? -3  ARG A N   1 
ATOM   34   C CA  . ARG A 1 17  ? -3.106  14.968  12.460  1.00 64.93 ? -3  ARG A CA  1 
ATOM   35   C C   . ARG A 1 17  ? -3.867  15.857  11.464  1.00 67.11 ? -3  ARG A C   1 
ATOM   36   O O   . ARG A 1 17  ? -4.749  16.625  11.856  1.00 64.67 ? -3  ARG A O   1 
ATOM   37   C CB  . ARG A 1 17  ? -3.750  15.071  13.844  1.00 63.92 ? -3  ARG A CB  1 
ATOM   38   N N   . ARG A 1 22  ? -8.836  16.851  5.733   1.00 55.86 ? 2   ARG A N   1 
ATOM   39   C CA  . ARG A 1 22  ? -8.410  17.876  4.790   1.00 51.79 ? 2   ARG A CA  1 
ATOM   40   C C   . ARG A 1 22  ? -8.016  17.238  3.467   1.00 53.21 ? 2   ARG A C   1 
ATOM   41   O O   . ARG A 1 22  ? -8.871  16.942  2.622   1.00 56.65 ? 2   ARG A O   1 
ATOM   42   C CB  . ARG A 1 22  ? -7.205  18.611  5.349   1.00 52.22 ? 2   ARG A CB  1 
ATOM   43   C CG  . ARG A 1 22  ? -7.022  20.001  4.778   1.00 57.12 ? 2   ARG A CG  1 
ATOM   44   C CD  . ARG A 1 22  ? -6.993  21.020  5.901   1.00 59.46 ? 2   ARG A CD  1 
ATOM   45   N NE  . ARG A 1 22  ? -5.937  20.701  6.858   1.00 60.22 ? 2   ARG A NE  1 
ATOM   46   C CZ  . ARG A 1 22  ? -4.918  21.507  7.139   1.00 62.10 ? 2   ARG A CZ  1 
ATOM   47   N NH1 . ARG A 1 22  ? -4.838  22.696  6.554   1.00 54.68 ? 2   ARG A NH1 1 
ATOM   48   N NH2 . ARG A 1 22  ? -3.994  21.135  8.019   1.00 54.69 ? 2   ARG A NH2 1 
ATOM   49   N N   . ILE A 1 23  ? -6.704  17.071  3.299   1.00 48.01 ? 3   ILE A N   1 
ATOM   50   C CA  . ILE A 1 23  ? -6.116  16.236  2.252   1.00 42.11 ? 3   ILE A CA  1 
ATOM   51   C C   . ILE A 1 23  ? -6.887  16.226  0.927   1.00 35.12 ? 3   ILE A C   1 
ATOM   52   O O   . ILE A 1 23  ? -7.835  15.455  0.740   1.00 38.49 ? 3   ILE A O   1 
ATOM   53   C CB  . ILE A 1 23  ? -5.907  14.788  2.745   1.00 42.49 ? 3   ILE A CB  1 
ATOM   54   C CG1 . ILE A 1 23  ? -5.158  14.798  4.086   1.00 29.85 ? 3   ILE A CG1 1 
ATOM   55   C CG2 . ILE A 1 23  ? -5.187  13.972  1.658   1.00 37.05 ? 3   ILE A CG2 1 
ATOM   56   C CD1 . ILE A 1 23  ? -5.173  13.489  4.819   1.00 39.62 ? 3   ILE A CD1 1 
ATOM   57   N N   . LYS A 1 24  ? -6.473  17.104  0.021   1.00 33.46 ? 4   LYS A N   1 
ATOM   58   C CA  . LYS A 1 24  ? -6.956  17.129  -1.350  1.00 36.36 ? 4   LYS A CA  1 
ATOM   59   C C   . LYS A 1 24  ? -5.736  17.427  -2.203  1.00 32.50 ? 4   LYS A C   1 
ATOM   60   O O   . LYS A 1 24  ? -5.015  18.385  -1.932  1.00 30.65 ? 4   LYS A O   1 
ATOM   61   C CB  . LYS A 1 24  ? -8.026  18.217  -1.525  1.00 36.18 ? 4   LYS A CB  1 
ATOM   62   C CG  . LYS A 1 24  ? -8.199  18.735  -2.961  1.00 32.96 ? 4   LYS A CG  1 
ATOM   63   C CD  . LYS A 1 24  ? -9.477  19.554  -3.140  1.00 37.29 ? 4   LYS A CD  1 
ATOM   64   C CE  . LYS A 1 24  ? -9.450  20.870  -2.347  1.00 46.65 ? 4   LYS A CE  1 
ATOM   65   N NZ  . LYS A 1 24  ? -8.681  21.950  -3.036  1.00 52.59 ? 4   LYS A NZ  1 
ATOM   66   N N   . PRO A 1 25  ? -5.480  16.594  -3.218  1.00 24.75 ? 5   PRO A N   1 
ATOM   67   C CA  . PRO A 1 25  ? -4.346  16.895  -4.095  1.00 25.73 ? 5   PRO A CA  1 
ATOM   68   C C   . PRO A 1 25  ? -4.433  18.279  -4.753  1.00 28.21 ? 5   PRO A C   1 
ATOM   69   O O   . PRO A 1 25  ? -5.510  18.679  -5.214  1.00 29.36 ? 5   PRO A O   1 
ATOM   70   C CB  . PRO A 1 25  ? -4.398  15.778  -5.155  1.00 24.50 ? 5   PRO A CB  1 
ATOM   71   C CG  . PRO A 1 25  ? -5.628  14.984  -4.892  1.00 29.03 ? 5   PRO A CG  1 
ATOM   72   C CD  . PRO A 1 25  ? -6.073  15.279  -3.492  1.00 26.76 ? 5   PRO A CD  1 
ATOM   73   N N   . ASP A 1 26  ? -3.309  19.003  -4.760  1.00 23.65 ? 6   ASP A N   1 
ATOM   74   C CA  . ASP A 1 26  ? -3.164  20.216  -5.557  1.00 27.60 ? 6   ASP A CA  1 
ATOM   75   C C   . ASP A 1 26  ? -1.790  20.257  -6.220  1.00 26.46 ? 6   ASP A C   1 
ATOM   76   O O   . ASP A 1 26  ? -0.951  19.379  -5.986  1.00 24.14 ? 6   ASP A O   1 
ATOM   77   C CB  . ASP A 1 26  ? -3.422  21.478  -4.721  1.00 30.57 ? 6   ASP A CB  1 
ATOM   78   C CG  . ASP A 1 26  ? -2.360  21.716  -3.649  1.00 31.51 ? 6   ASP A CG  1 
ATOM   79   O OD1 . ASP A 1 26  ? -1.146  21.696  -3.967  1.00 26.85 ? 6   ASP A OD1 1 
ATOM   80   O OD2 . ASP A 1 26  ? -2.746  21.930  -2.478  1.00 29.91 ? 6   ASP A OD2 1 
ATOM   81   N N   . ASP A 1 27  ? -1.557  21.275  -7.039  1.00 29.30 ? 7   ASP A N   1 
ATOM   82   C CA  . ASP A 1 27  ? -0.341  21.348  -7.855  1.00 30.07 ? 7   ASP A CA  1 
ATOM   83   C C   . ASP A 1 27  ? 0.964   21.552  -7.075  1.00 26.87 ? 7   ASP A C   1 
ATOM   84   O O   . ASP A 1 27  ? 2.050   21.443  -7.646  1.00 27.46 ? 7   ASP A O   1 
ATOM   85   C CB  . ASP A 1 27  ? -0.480  22.432  -8.930  1.00 31.63 ? 7   ASP A CB  1 
ATOM   86   C CG  . ASP A 1 27  ? -1.413  22.015  -10.049 1.00 34.70 ? 7   ASP A CG  1 
ATOM   87   O OD1 . ASP A 1 27  ? -2.619  22.345  -9.971  1.00 31.97 ? 7   ASP A OD1 1 
ATOM   88   O OD2 . ASP A 1 27  ? -0.939  21.341  -10.994 1.00 39.36 ? 7   ASP A OD2 1 
ATOM   89   N N   . ASN A 1 28  ? 0.862   21.852  -5.786  1.00 21.93 ? 8   ASN A N   1 
ATOM   90   C CA  . ASN A 1 28  ? 2.047   22.031  -4.941  1.00 24.20 ? 8   ASN A CA  1 
ATOM   91   C C   . ASN A 1 28  ? 2.448   20.761  -4.189  1.00 22.88 ? 8   ASN A C   1 
ATOM   92   O O   . ASN A 1 28  ? 3.440   20.750  -3.438  1.00 15.39 ? 8   ASN A O   1 
ATOM   93   C CB  . ASN A 1 28  ? 1.807   23.172  -3.940  1.00 19.38 ? 8   ASN A CB  1 
ATOM   94   C CG  . ASN A 1 28  ? 1.611   24.521  -4.634  1.00 30.82 ? 8   ASN A CG  1 
ATOM   95   O OD1 . ASN A 1 28  ? 2.398   24.897  -5.489  1.00 23.78 ? 8   ASN A OD1 1 
ATOM   96   N ND2 . ASN A 1 28  ? 0.545   25.238  -4.277  1.00 35.61 ? 8   ASN A ND2 1 
ATOM   97   N N   . TRP A 1 29  ? 1.659   19.700  -4.363  1.00 22.99 ? 9   TRP A N   1 
ATOM   98   C CA  . TRP A 1 29  ? 2.015   18.409  -3.775  1.00 20.55 ? 9   TRP A CA  1 
ATOM   99   C C   . TRP A 1 29  ? 3.304   17.965  -4.429  1.00 16.79 ? 9   TRP A C   1 
ATOM   100  O O   . TRP A 1 29  ? 3.462   18.105  -5.644  1.00 17.39 ? 9   TRP A O   1 
ATOM   101  C CB  . TRP A 1 29  ? 0.923   17.365  -4.025  1.00 20.26 ? 9   TRP A CB  1 
ATOM   102  C CG  . TRP A 1 29  ? -0.186  17.365  -3.014  1.00 17.82 ? 9   TRP A CG  1 
ATOM   103  C CD1 . TRP A 1 29  ? -0.613  18.419  -2.261  1.00 22.04 ? 9   TRP A CD1 1 
ATOM   104  C CD2 . TRP A 1 29  ? -1.015  16.250  -2.646  1.00 22.73 ? 9   TRP A CD2 1 
ATOM   105  N NE1 . TRP A 1 29  ? -1.642  18.032  -1.448  1.00 21.92 ? 9   TRP A NE1 1 
ATOM   106  C CE2 . TRP A 1 29  ? -1.899  16.702  -1.656  1.00 19.21 ? 9   TRP A CE2 1 
ATOM   107  C CE3 . TRP A 1 29  ? -1.074  14.908  -3.048  1.00 20.30 ? 9   TRP A CE3 1 
ATOM   108  C CZ2 . TRP A 1 29  ? -2.850  15.870  -1.070  1.00 18.79 ? 9   TRP A CZ2 1 
ATOM   109  C CZ3 . TRP A 1 29  ? -2.023  14.078  -2.457  1.00 19.99 ? 9   TRP A CZ3 1 
ATOM   110  C CH2 . TRP A 1 29  ? -2.895  14.565  -1.481  1.00 22.27 ? 9   TRP A CH2 1 
ATOM   111  N N   . ARG A 1 30  ? 4.230   17.424  -3.646  1.00 18.90 ? 10  ARG A N   1 
ATOM   112  C CA  . ARG A 1 30  ? 5.508   17.008  -4.234  1.00 17.75 ? 10  ARG A CA  1 
ATOM   113  C C   . ARG A 1 30  ? 6.145   15.791  -3.563  1.00 19.62 ? 10  ARG A C   1 
ATOM   114  O O   . ARG A 1 30  ? 6.226   15.722  -2.340  1.00 14.55 ? 10  ARG A O   1 
ATOM   115  C CB  . ARG A 1 30  ? 6.479   18.198  -4.302  1.00 25.93 ? 10  ARG A CB  1 
ATOM   116  C CG  . ARG A 1 30  ? 7.401   18.366  -3.121  1.00 30.66 ? 10  ARG A CG  1 
ATOM   117  C CD  . ARG A 1 30  ? 8.437   19.476  -3.391  1.00 43.86 ? 10  ARG A CD  1 
ATOM   118  N NE  . ARG A 1 30  ? 9.425   19.601  -2.319  1.00 42.96 ? 10  ARG A NE  1 
ATOM   119  C CZ  . ARG A 1 30  ? 10.597  18.968  -2.312  1.00 52.31 ? 10  ARG A CZ  1 
ATOM   120  N NH1 . ARG A 1 30  ? 10.936  18.177  -3.321  1.00 48.80 ? 10  ARG A NH1 1 
ATOM   121  N NH2 . ARG A 1 30  ? 11.434  19.127  -1.298  1.00 54.59 ? 10  ARG A NH2 1 
ATOM   122  N N   . TRP A 1 31  ? 6.585   14.832  -4.379  1.00 20.45 ? 11  TRP A N   1 
ATOM   123  C CA  . TRP A 1 31  ? 7.222   13.612  -3.880  1.00 20.41 ? 11  TRP A CA  1 
ATOM   124  C C   . TRP A 1 31  ? 8.669   13.905  -3.562  1.00 17.71 ? 11  TRP A C   1 
ATOM   125  O O   . TRP A 1 31  ? 9.329   14.586  -4.333  1.00 22.38 ? 11  TRP A O   1 
ATOM   126  C CB  . TRP A 1 31  ? 7.203   12.513  -4.940  1.00 18.07 ? 11  TRP A CB  1 
ATOM   127  C CG  . TRP A 1 31  ? 5.859   12.084  -5.398  1.00 18.41 ? 11  TRP A CG  1 
ATOM   128  C CD1 . TRP A 1 31  ? 5.280   12.351  -6.600  1.00 19.19 ? 11  TRP A CD1 1 
ATOM   129  C CD2 . TRP A 1 31  ? 4.922   11.286  -4.670  1.00 21.54 ? 11  TRP A CD2 1 
ATOM   130  N NE1 . TRP A 1 31  ? 4.040   11.764  -6.669  1.00 20.51 ? 11  TRP A NE1 1 
ATOM   131  C CE2 . TRP A 1 31  ? 3.797   11.103  -5.495  1.00 18.51 ? 11  TRP A CE2 1 
ATOM   132  C CE3 . TRP A 1 31  ? 4.922   10.717  -3.392  1.00 22.35 ? 11  TRP A CE3 1 
ATOM   133  C CZ2 . TRP A 1 31  ? 2.679   10.387  -5.083  1.00 18.01 ? 11  TRP A CZ2 1 
ATOM   134  C CZ3 . TRP A 1 31  ? 3.823   9.986   -2.997  1.00 19.45 ? 11  TRP A CZ3 1 
ATOM   135  C CH2 . TRP A 1 31  ? 2.713   9.837   -3.836  1.00 18.27 ? 11  TRP A CH2 1 
ATOM   136  N N   . TYR A 1 32  ? 9.172   13.396  -2.441  1.00 15.37 ? 12  TYR A N   1 
ATOM   137  C CA  . TYR A 1 32  ? 10.598  13.529  -2.142  1.00 15.27 ? 12  TYR A CA  1 
ATOM   138  C C   . TYR A 1 32  ? 11.046  12.425  -1.206  1.00 16.62 ? 12  TYR A C   1 
ATOM   139  O O   . TYR A 1 32  ? 10.266  11.946  -0.391  1.00 13.82 ? 12  TYR A O   1 
ATOM   140  C CB  . TYR A 1 32  ? 10.955  14.914  -1.568  1.00 17.62 ? 12  TYR A CB  1 
ATOM   141  C CG  . TYR A 1 32  ? 10.428  15.149  -0.177  1.00 18.18 ? 12  TYR A CG  1 
ATOM   142  C CD1 . TYR A 1 32  ? 11.231  14.967  0.940   1.00 19.08 ? 12  TYR A CD1 1 
ATOM   143  C CD2 . TYR A 1 32  ? 9.114   15.525  0.019   1.00 18.40 ? 12  TYR A CD2 1 
ATOM   144  C CE1 . TYR A 1 32  ? 10.722  15.168  2.215   1.00 17.57 ? 12  TYR A CE1 1 
ATOM   145  C CE2 . TYR A 1 32  ? 8.604   15.721  1.274   1.00 15.06 ? 12  TYR A CE2 1 
ATOM   146  C CZ  . TYR A 1 32  ? 9.398   15.549  2.362   1.00 16.57 ? 12  TYR A CZ  1 
ATOM   147  O OH  . TYR A 1 32  ? 8.831   15.761  3.595   1.00 21.99 ? 12  TYR A OH  1 
ATOM   148  N N   . TYR A 1 33  ? 12.290  11.985  -1.375  1.00 18.46 ? 13  TYR A N   1 
ATOM   149  C CA  . TYR A 1 33  ? 12.887  11.043  -0.449  1.00 21.50 ? 13  TYR A CA  1 
ATOM   150  C C   . TYR A 1 33  ? 13.586  11.765  0.705   1.00 22.59 ? 13  TYR A C   1 
ATOM   151  O O   . TYR A 1 33  ? 14.303  12.738  0.506   1.00 25.84 ? 13  TYR A O   1 
ATOM   152  C CB  . TYR A 1 33  ? 13.877  10.115  -1.160  1.00 25.82 ? 13  TYR A CB  1 
ATOM   153  C CG  . TYR A 1 33  ? 14.704  9.303   -0.196  1.00 20.34 ? 13  TYR A CG  1 
ATOM   154  C CD1 . TYR A 1 33  ? 14.175  8.189   0.446   1.00 19.86 ? 13  TYR A CD1 1 
ATOM   155  C CD2 . TYR A 1 33  ? 16.015  9.650   0.068   1.00 25.33 ? 13  TYR A CD2 1 
ATOM   156  C CE1 . TYR A 1 33  ? 14.931  7.455   1.333   1.00 19.67 ? 13  TYR A CE1 1 
ATOM   157  C CE2 . TYR A 1 33  ? 16.782  8.914   0.944   1.00 29.25 ? 13  TYR A CE2 1 
ATOM   158  C CZ  . TYR A 1 33  ? 16.241  7.821   1.575   1.00 23.32 ? 13  TYR A CZ  1 
ATOM   159  O OH  . TYR A 1 33  ? 17.024  7.115   2.455   1.00 25.12 ? 13  TYR A OH  1 
ATOM   160  N N   . ASP A 1 34  ? 13.388  11.266  1.913   1.00 25.78 ? 14  ASP A N   1 
ATOM   161  C CA  . ASP A 1 34  ? 13.927  11.928  3.078   1.00 28.55 ? 14  ASP A CA  1 
ATOM   162  C C   . ASP A 1 34  ? 15.098  11.145  3.667   1.00 33.76 ? 14  ASP A C   1 
ATOM   163  O O   . ASP A 1 34  ? 14.904  10.097  4.303   1.00 29.39 ? 14  ASP A O   1 
ATOM   164  C CB  . ASP A 1 34  ? 12.828  12.092  4.125   1.00 28.41 ? 14  ASP A CB  1 
ATOM   165  C CG  . ASP A 1 34  ? 13.269  12.955  5.285   1.00 38.91 ? 14  ASP A CG  1 
ATOM   166  O OD1 . ASP A 1 34  ? 13.255  14.202  5.135   1.00 32.40 ? 14  ASP A OD1 1 
ATOM   167  O OD2 . ASP A 1 34  ? 13.636  12.384  6.337   1.00 40.54 ? 14  ASP A OD2 1 
ATOM   168  N N   . GLU A 1 35  ? 16.308  11.660  3.454   1.00 39.57 ? 15  GLU A N   1 
ATOM   169  C CA  . GLU A 1 35  ? 17.535  10.995  3.899   1.00 38.66 ? 15  GLU A CA  1 
ATOM   170  C C   . GLU A 1 35  ? 17.544  10.709  5.397   1.00 39.28 ? 15  GLU A C   1 
ATOM   171  O O   . GLU A 1 35  ? 18.126  9.725   5.849   1.00 49.93 ? 15  GLU A O   1 
ATOM   172  C CB  . GLU A 1 35  ? 18.763  11.841  3.548   1.00 44.69 ? 15  GLU A CB  1 
ATOM   173  C CG  . GLU A 1 35  ? 19.333  11.652  2.144   1.00 45.46 ? 15  GLU A CG  1 
ATOM   174  C CD  . GLU A 1 35  ? 18.622  12.489  1.092   1.00 53.77 ? 15  GLU A CD  1 
ATOM   175  O OE1 . GLU A 1 35  ? 17.658  13.211  1.451   1.00 54.73 ? 15  GLU A OE1 1 
ATOM   176  O OE2 . GLU A 1 35  ? 19.035  12.428  -0.093  1.00 53.14 ? 15  GLU A OE2 1 
ATOM   177  N N   . GLU A 1 36  ? 16.898  11.576  6.167   1.00 33.16 ? 16  GLU A N   1 
ATOM   178  C CA  . GLU A 1 36  ? 16.917  11.477  7.623   1.00 37.59 ? 16  GLU A CA  1 
ATOM   179  C C   . GLU A 1 36  ? 16.046  10.355  8.188   1.00 42.78 ? 16  GLU A C   1 
ATOM   180  O O   . GLU A 1 36  ? 16.495  9.603   9.050   1.00 44.92 ? 16  GLU A O   1 
ATOM   181  C CB  . GLU A 1 36  ? 16.504  12.810  8.242   1.00 45.93 ? 16  GLU A CB  1 
ATOM   182  C CG  . GLU A 1 36  ? 15.904  12.698  9.623   1.00 51.51 ? 16  GLU A CG  1 
ATOM   183  C CD  . GLU A 1 36  ? 15.636  14.066  10.237  1.00 60.68 ? 16  GLU A CD  1 
ATOM   184  O OE1 . GLU A 1 36  ? 15.597  15.066  9.482   1.00 65.71 ? 16  GLU A OE1 1 
ATOM   185  O OE2 . GLU A 1 36  ? 15.471  14.138  11.474  1.00 64.30 ? 16  GLU A OE2 1 
ATOM   186  N N   . HIS A 1 37  ? 14.803  10.255  7.720   1.00 38.40 ? 17  HIS A N   1 
ATOM   187  C CA  . HIS A 1 37  ? 13.890  9.204   8.170   1.00 35.63 ? 17  HIS A CA  1 
ATOM   188  C C   . HIS A 1 37  ? 14.079  7.942   7.358   1.00 33.99 ? 17  HIS A C   1 
ATOM   189  O O   . HIS A 1 37  ? 13.475  6.914   7.655   1.00 32.94 ? 17  HIS A O   1 
ATOM   190  C CB  . HIS A 1 37  ? 12.441  9.651   8.006   1.00 36.97 ? 17  HIS A CB  1 
ATOM   191  C CG  . HIS A 1 37  ? 12.044  10.749  8.935   1.00 43.91 ? 17  HIS A CG  1 
ATOM   192  N ND1 . HIS A 1 37  ? 11.986  10.575  10.299  1.00 50.76 ? 17  HIS A ND1 1 
ATOM   193  C CD2 . HIS A 1 37  ? 11.681  12.031  8.697   1.00 40.47 ? 17  HIS A CD2 1 
ATOM   194  C CE1 . HIS A 1 37  ? 11.608  11.708  10.867  1.00 44.96 ? 17  HIS A CE1 1 
ATOM   195  N NE2 . HIS A 1 37  ? 11.412  12.604  9.918   1.00 49.28 ? 17  HIS A NE2 1 
ATOM   196  N N   . ASP A 1 38  ? 14.911  8.043   6.327   1.00 26.97 ? 18  ASP A N   1 
ATOM   197  C CA  . ASP A 1 38  ? 15.057  6.996   5.332   1.00 30.47 ? 18  ASP A CA  1 
ATOM   198  C C   . ASP A 1 38  ? 13.684  6.485   4.892   1.00 24.90 ? 18  ASP A C   1 
ATOM   199  O O   . ASP A 1 38  ? 13.374  5.302   5.037   1.00 23.07 ? 18  ASP A O   1 
ATOM   200  C CB  . ASP A 1 38  ? 15.921  5.850   5.851   1.00 24.47 ? 18  ASP A CB  1 
ATOM   201  C CG  . ASP A 1 38  ? 16.271  4.864   4.762   1.00 30.85 ? 18  ASP A CG  1 
ATOM   202  O OD1 . ASP A 1 38  ? 16.201  5.254   3.567   1.00 24.72 ? 18  ASP A OD1 1 
ATOM   203  O OD2 . ASP A 1 38  ? 16.609  3.707   5.104   1.00 22.31 ? 18  ASP A OD2 1 
ATOM   204  N N   . ARG A 1 39  ? 12.874  7.402   4.364   1.00 22.79 ? 19  ARG A N   1 
ATOM   205  C CA  . ARG A 1 39  ? 11.515  7.105   3.924   1.00 22.57 ? 19  ARG A CA  1 
ATOM   206  C C   . ARG A 1 39  ? 11.184  7.934   2.704   1.00 18.93 ? 19  ARG A C   1 
ATOM   207  O O   . ARG A 1 39  ? 11.554  9.105   2.625   1.00 19.30 ? 19  ARG A O   1 
ATOM   208  C CB  . ARG A 1 39  ? 10.487  7.411   5.032   1.00 24.02 ? 19  ARG A CB  1 
ATOM   209  C CG  . ARG A 1 39  ? 10.545  6.501   6.256   1.00 24.89 ? 19  ARG A CG  1 
ATOM   210  C CD  . ARG A 1 39  ? 10.163  5.065   5.932   1.00 24.05 ? 19  ARG A CD  1 
ATOM   211  N NE  . ARG A 1 39  ? 10.473  4.190   7.059   1.00 29.03 ? 19  ARG A NE  1 
ATOM   212  C CZ  . ARG A 1 39  ? 9.638   3.897   8.053   1.00 42.05 ? 19  ARG A CZ  1 
ATOM   213  N NH1 . ARG A 1 39  ? 8.404   4.405   8.064   1.00 38.85 ? 19  ARG A NH1 1 
ATOM   214  N NH2 . ARG A 1 39  ? 10.042  3.084   9.034   1.00 40.58 ? 19  ARG A NH2 1 
ATOM   215  N N   . MET A 1 40  ? 10.486  7.328   1.749   1.00 17.67 ? 20  MET A N   1 
ATOM   216  C CA  . MET A 1 40  ? 9.878   8.096   0.675   1.00 15.95 ? 20  MET A CA  1 
ATOM   217  C C   . MET A 1 40  ? 8.751   8.920   1.287   1.00 16.00 ? 20  MET A C   1 
ATOM   218  O O   . MET A 1 40  ? 8.043   8.448   2.160   1.00 19.80 ? 20  MET A O   1 
ATOM   219  C CB  . MET A 1 40  ? 9.329   7.188   -0.415  1.00 16.75 ? 20  MET A CB  1 
ATOM   220  C CG  . MET A 1 40  ? 9.021   7.928   -1.708  1.00 18.23 ? 20  MET A CG  1 
ATOM   221  S SD  . MET A 1 40  ? 10.498  8.784   -2.275  1.00 19.57 ? 20  MET A SD  1 
ATOM   222  C CE  . MET A 1 40  ? 9.860   9.717   -3.672  1.00 17.33 ? 20  MET A CE  1 
ATOM   223  N N   . MET A 1 41  ? 8.585   10.153  0.841   1.00 17.42 ? 21  MET A N   1 
ATOM   224  C CA  . MET A 1 41  ? 7.617   11.040  1.477   1.00 18.90 ? 21  MET A CA  1 
ATOM   225  C C   . MET A 1 41  ? 6.824   11.815  0.452   1.00 17.50 ? 21  MET A C   1 
ATOM   226  O O   . MET A 1 41  ? 7.135   11.781  -0.743  1.00 13.54 ? 21  MET A O   1 
ATOM   227  C CB  . MET A 1 41  ? 8.320   11.985  2.474   1.00 20.80 ? 21  MET A CB  1 
ATOM   228  C CG  . MET A 1 41  ? 8.921   11.199  3.650   1.00 25.47 ? 21  MET A CG  1 
ATOM   229  S SD  . MET A 1 41  ? 9.239   12.086  5.177   1.00 39.59 ? 21  MET A SD  1 
ATOM   230  C CE  . MET A 1 41  ? 7.740   13.072  5.428   1.00 25.18 ? 21  MET A CE  1 
ATOM   231  N N   . LEU A 1 42  ? 5.776   12.485  0.922   1.00 17.35 ? 22  LEU A N   1 
ATOM   232  C CA  . LEU A 1 42  ? 4.999   13.378  0.076   1.00 13.77 ? 22  LEU A CA  1 
ATOM   233  C C   . LEU A 1 42  ? 4.773   14.678  0.836   1.00 18.31 ? 22  LEU A C   1 
ATOM   234  O O   . LEU A 1 42  ? 4.369   14.640  1.984   1.00 17.31 ? 22  LEU A O   1 
ATOM   235  C CB  . LEU A 1 42  ? 3.670   12.725  -0.280  1.00 13.50 ? 22  LEU A CB  1 
ATOM   236  C CG  . LEU A 1 42  ? 2.660   13.588  -1.035  1.00 19.49 ? 22  LEU A CG  1 
ATOM   237  C CD1 . LEU A 1 42  ? 3.219   14.047  -2.348  1.00 20.42 ? 22  LEU A CD1 1 
ATOM   238  C CD2 . LEU A 1 42  ? 1.367   12.821  -1.247  1.00 19.93 ? 22  LEU A CD2 1 
ATOM   239  N N   . ASP A 1 43  ? 5.059   15.820  0.212   1.00 17.79 ? 23  ASP A N   1 
ATOM   240  C CA  . ASP A 1 43  ? 4.754   17.129  0.806   1.00 20.11 ? 23  ASP A CA  1 
ATOM   241  C C   . ASP A 1 43  ? 3.324   17.499  0.389   1.00 16.16 ? 23  ASP A C   1 
ATOM   242  O O   . ASP A 1 43  ? 3.065   17.691  -0.796  1.00 19.92 ? 23  ASP A O   1 
ATOM   243  C CB  . ASP A 1 43  ? 5.774   18.182  0.303   1.00 16.43 ? 23  ASP A CB  1 
ATOM   244  C CG  . ASP A 1 43  ? 5.642   19.541  1.006   1.00 24.28 ? 23  ASP A CG  1 
ATOM   245  O OD1 . ASP A 1 43  ? 4.604   19.824  1.643   1.00 18.98 ? 23  ASP A OD1 1 
ATOM   246  O OD2 . ASP A 1 43  ? 6.592   20.334  0.918   1.00 19.34 ? 23  ASP A OD2 1 
ATOM   247  N N   . LEU A 1 44  ? 2.398   17.577  1.341   1.00 15.93 ? 24  LEU A N   1 
ATOM   248  C CA  . LEU A 1 44  ? 1.002   17.948  1.013   1.00 21.99 ? 24  LEU A CA  1 
ATOM   249  C C   . LEU A 1 44  ? 0.750   19.466  0.903   1.00 22.20 ? 24  LEU A C   1 
ATOM   250  O O   . LEU A 1 44  ? -0.385  19.895  0.734   1.00 24.64 ? 24  LEU A O   1 
ATOM   251  C CB  . LEU A 1 44  ? -0.018  17.316  1.972   1.00 23.02 ? 24  LEU A CB  1 
ATOM   252  C CG  . LEU A 1 44  ? -0.269  15.809  1.906   1.00 23.28 ? 24  LEU A CG  1 
ATOM   253  C CD1 . LEU A 1 44  ? 0.925   15.095  2.409   1.00 22.27 ? 24  LEU A CD1 1 
ATOM   254  C CD2 . LEU A 1 44  ? -1.500  15.416  2.724   1.00 27.83 ? 24  LEU A CD2 1 
ATOM   255  N N   . ALA A 1 45  ? 1.812   20.258  1.030   1.00 21.11 ? 25  ALA A N   1 
ATOM   256  C CA  . ALA A 1 45  ? 1.816   21.665  0.633   1.00 20.99 ? 25  ALA A CA  1 
ATOM   257  C C   . ALA A 1 45  ? 0.961   22.569  1.501   1.00 22.89 ? 25  ALA A C   1 
ATOM   258  O O   . ALA A 1 45  ? 0.503   23.623  1.055   1.00 29.98 ? 25  ALA A O   1 
ATOM   259  C CB  . ALA A 1 45  ? 1.430   21.812  -0.840  1.00 19.62 ? 25  ALA A CB  1 
ATOM   260  N N   . ASN A 1 46  ? 0.773   22.163  2.746   1.00 23.51 ? 26  ASN A N   1 
ATOM   261  C CA  . ASN A 1 46  ? -0.125  22.846  3.656   1.00 27.65 ? 26  ASN A CA  1 
ATOM   262  C C   . ASN A 1 46  ? 0.360   22.707  5.085   1.00 25.47 ? 26  ASN A C   1 
ATOM   263  O O   . ASN A 1 46  ? -0.350  23.041  6.013   1.00 23.14 ? 26  ASN A O   1 
ATOM   264  C CB  . ASN A 1 46  ? -1.536  22.257  3.537   1.00 30.07 ? 26  ASN A CB  1 
ATOM   265  C CG  . ASN A 1 46  ? -1.628  20.839  4.072   1.00 31.79 ? 26  ASN A CG  1 
ATOM   266  O OD1 . ASN A 1 46  ? -0.622  20.226  4.449   1.00 28.34 ? 26  ASN A OD1 1 
ATOM   267  N ND2 . ASN A 1 46  ? -2.846  20.302  4.093   1.00 40.73 ? 26  ASN A ND2 1 
ATOM   268  N N   . GLY A 1 47  ? 1.560   22.163  5.261   1.00 22.55 ? 27  GLY A N   1 
ATOM   269  C CA  . GLY A 1 47  ? 2.113   21.977  6.594   1.00 20.06 ? 27  GLY A CA  1 
ATOM   270  C C   . GLY A 1 47  ? 2.083   20.516  6.980   1.00 25.55 ? 27  GLY A C   1 
ATOM   271  O O   . GLY A 1 47  ? 2.811   20.083  7.873   1.00 24.75 ? 27  GLY A O   1 
ATOM   272  N N   . MET A 1 48  ? 1.235   19.746  6.308   1.00 24.74 ? 28  MET A N   1 
ATOM   273  C CA  . MET A 1 48  ? 1.216   18.303  6.530   1.00 27.20 ? 28  MET A CA  1 
ATOM   274  C C   . MET A 1 48  ? 2.251   17.616  5.661   1.00 21.73 ? 28  MET A C   1 
ATOM   275  O O   . MET A 1 48  ? 2.399   17.947  4.489   1.00 22.97 ? 28  MET A O   1 
ATOM   276  C CB  . MET A 1 48  ? -0.152  17.728  6.210   1.00 23.24 ? 28  MET A CB  1 
ATOM   277  C CG  . MET A 1 48  ? -1.295  18.383  6.984   1.00 40.80 ? 28  MET A CG  1 
ATOM   278  S SD  . MET A 1 48  ? -2.803  17.412  6.841   1.00 55.24 ? 28  MET A SD  1 
ATOM   279  C CE  . MET A 1 48  ? -2.314  15.899  7.682   1.00 44.87 ? 28  MET A CE  1 
ATOM   280  N N   . LEU A 1 49  ? 2.950   16.646  6.237   1.00 24.01 ? 29  LEU A N   1 
ATOM   281  C CA  . LEU A 1 49  ? 3.852   15.775  5.486   1.00 22.60 ? 29  LEU A CA  1 
ATOM   282  C C   . LEU A 1 49  ? 3.424   14.315  5.616   1.00 27.09 ? 29  LEU A C   1 
ATOM   283  O O   . LEU A 1 49  ? 2.942   13.896  6.669   1.00 31.85 ? 29  LEU A O   1 
ATOM   284  C CB  . LEU A 1 49  ? 5.265   15.898  6.030   1.00 20.63 ? 29  LEU A CB  1 
ATOM   285  C CG  . LEU A 1 49  ? 5.819   17.307  6.038   1.00 22.69 ? 29  LEU A CG  1 
ATOM   286  C CD1 . LEU A 1 49  ? 7.193   17.303  6.685   1.00 29.41 ? 29  LEU A CD1 1 
ATOM   287  C CD2 . LEU A 1 49  ? 5.868   17.831  4.614   1.00 20.15 ? 29  LEU A CD2 1 
ATOM   288  N N   . PHE A 1 50  ? 3.598   13.542  4.550   1.00 21.00 ? 30  PHE A N   1 
ATOM   289  C CA  . PHE A 1 50  ? 3.351   12.107  4.606   1.00 18.93 ? 30  PHE A CA  1 
ATOM   290  C C   . PHE A 1 50  ? 4.659   11.302  4.574   1.00 18.26 ? 30  PHE A C   1 
ATOM   291  O O   . PHE A 1 50  ? 5.527   11.511  3.738   1.00 17.10 ? 30  PHE A O   1 
ATOM   292  C CB  . PHE A 1 50  ? 2.412   11.659  3.479   1.00 15.12 ? 30  PHE A CB  1 
ATOM   293  C CG  . PHE A 1 50  ? 2.326   10.162  3.318   1.00 16.66 ? 30  PHE A CG  1 
ATOM   294  C CD1 . PHE A 1 50  ? 1.647   9.387   4.247   1.00 16.02 ? 30  PHE A CD1 1 
ATOM   295  C CD2 . PHE A 1 50  ? 2.921   9.527   2.225   1.00 14.15 ? 30  PHE A CD2 1 
ATOM   296  C CE1 . PHE A 1 50  ? 1.556   7.992   4.097   1.00 19.27 ? 30  PHE A CE1 1 
ATOM   297  C CE2 . PHE A 1 50  ? 2.845   8.142   2.069   1.00 16.96 ? 30  PHE A CE2 1 
ATOM   298  C CZ  . PHE A 1 50  ? 2.171   7.368   3.001   1.00 13.86 ? 30  PHE A CZ  1 
ATOM   299  N N   . ARG A 1 51  ? 4.773   10.378  5.514   1.00 21.65 ? 31  ARG A N   1 
ATOM   300  C CA  . ARG A 1 51  ? 5.922   9.505   5.618   1.00 23.57 ? 31  ARG A CA  1 
ATOM   301  C C   . ARG A 1 51  ? 5.412   8.114   5.292   1.00 19.22 ? 31  ARG A C   1 
ATOM   302  O O   . ARG A 1 51  ? 4.592   7.545   6.048   1.00 16.28 ? 31  ARG A O   1 
ATOM   303  C CB  . ARG A 1 51  ? 6.454   9.551   7.044   1.00 29.40 ? 31  ARG A CB  1 
ATOM   304  C CG  . ARG A 1 51  ? 7.876   9.050   7.228   1.00 32.48 ? 31  ARG A CG  1 
ATOM   305  C CD  . ARG A 1 51  ? 8.282   9.256   8.677   1.00 39.88 ? 31  ARG A CD  1 
ATOM   306  N NE  . ARG A 1 51  ? 7.263   8.722   9.579   1.00 46.80 ? 31  ARG A NE  1 
ATOM   307  C CZ  . ARG A 1 51  ? 7.323   8.755   10.909  1.00 53.24 ? 31  ARG A CZ  1 
ATOM   308  N NH1 . ARG A 1 51  ? 8.369   9.307   11.513  1.00 55.57 ? 31  ARG A NH1 1 
ATOM   309  N NH2 . ARG A 1 51  ? 6.334   8.236   11.631  1.00 47.02 ? 31  ARG A NH2 1 
ATOM   310  N N   . SER A 1 52  ? 5.863   7.575   4.153   1.00 18.60 ? 32  SER A N   1 
ATOM   311  C CA  . SER A 1 52  ? 5.411   6.261   3.702   1.00 14.91 ? 32  SER A CA  1 
ATOM   312  C C   . SER A 1 52  ? 6.076   5.171   4.506   1.00 21.11 ? 32  SER A C   1 
ATOM   313  O O   . SER A 1 52  ? 6.968   5.448   5.312   1.00 18.15 ? 32  SER A O   1 
ATOM   314  C CB  . SER A 1 52  ? 5.705   6.038   2.211   1.00 15.21 ? 32  SER A CB  1 
ATOM   315  O OG  . SER A 1 52  ? 7.068   5.708   1.981   1.00 16.11 ? 32  SER A OG  1 
ATOM   316  N N   . ARG A 1 53  ? 5.647   3.931   4.254   1.00 17.29 ? 33  ARG A N   1 
ATOM   317  C CA  . ARG A 1 53  ? 6.255   2.757   4.854   1.00 23.65 ? 33  ARG A CA  1 
ATOM   318  C C   . ARG A 1 53  ? 7.607   2.366   4.213   1.00 20.94 ? 33  ARG A C   1 
ATOM   319  O O   . ARG A 1 53  ? 8.287   1.488   4.716   1.00 21.02 ? 33  ARG A O   1 
ATOM   320  C CB  . ARG A 1 53  ? 5.279   1.561   4.772   1.00 22.13 ? 33  ARG A CB  1 
ATOM   321  C CG  . ARG A 1 53  ? 3.898   1.773   5.440   1.00 23.93 ? 33  ARG A CG  1 
ATOM   322  C CD  . ARG A 1 53  ? 4.048   1.867   6.952   1.00 25.74 ? 33  ARG A CD  1 
ATOM   323  N NE  . ARG A 1 53  ? 5.232   1.132   7.385   1.00 30.11 ? 33  ARG A NE  1 
ATOM   324  C CZ  . ARG A 1 53  ? 5.847   1.296   8.551   1.00 41.63 ? 33  ARG A CZ  1 
ATOM   325  N NH1 . ARG A 1 53  ? 5.392   2.174   9.441   1.00 44.45 ? 33  ARG A NH1 1 
ATOM   326  N NH2 . ARG A 1 53  ? 6.931   0.580   8.822   1.00 43.28 ? 33  ARG A NH2 1 
ATOM   327  N N   . PHE A 1 54  ? 8.001   3.020   3.120   1.00 17.39 ? 34  PHE A N   1 
ATOM   328  C CA  . PHE A 1 54  ? 9.068   2.489   2.260   1.00 17.52 ? 34  PHE A CA  1 
ATOM   329  C C   . PHE A 1 54  ? 10.439  3.178   2.324   1.00 20.89 ? 34  PHE A C   1 
ATOM   330  O O   . PHE A 1 54  ? 10.598  4.352   1.965   1.00 22.33 ? 34  PHE A O   1 
ATOM   331  C CB  . PHE A 1 54  ? 8.544   2.386   0.819   1.00 16.75 ? 34  PHE A CB  1 
ATOM   332  C CG  . PHE A 1 54  ? 7.215   1.692   0.738   1.00 19.29 ? 34  PHE A CG  1 
ATOM   333  C CD1 . PHE A 1 54  ? 6.063   2.398   0.425   1.00 18.83 ? 34  PHE A CD1 1 
ATOM   334  C CD2 . PHE A 1 54  ? 7.107   0.343   1.064   1.00 11.90 ? 34  PHE A CD2 1 
ATOM   335  C CE1 . PHE A 1 54  ? 4.824   1.761   0.381   1.00 18.06 ? 34  PHE A CE1 1 
ATOM   336  C CE2 . PHE A 1 54  ? 5.887   -0.293  1.030   1.00 20.73 ? 34  PHE A CE2 1 
ATOM   337  C CZ  . PHE A 1 54  ? 4.734   0.409   0.685   1.00 16.36 ? 34  PHE A CZ  1 
ATOM   338  N N   . ALA A 1 55  ? 11.428  2.414   2.774   1.00 19.89 ? 35  ALA A N   1 
ATOM   339  C CA  . ALA A 1 55  ? 12.782  2.905   2.959   1.00 23.13 ? 35  ALA A CA  1 
ATOM   340  C C   . ALA A 1 55  ? 13.595  2.799   1.658   1.00 22.87 ? 35  ALA A C   1 
ATOM   341  O O   . ALA A 1 55  ? 13.124  2.245   0.655   1.00 16.84 ? 35  ALA A O   1 
ATOM   342  C CB  . ALA A 1 55  ? 13.466  2.147   4.122   1.00 18.04 ? 35  ALA A CB  1 
ATOM   343  N N   . ARG A 1 56  ? 14.799  3.361   1.670   1.00 22.60 ? 36  ARG A N   1 
ATOM   344  C CA  . ARG A 1 56  ? 15.635  3.429   0.473   1.00 23.68 ? 36  ARG A CA  1 
ATOM   345  C C   . ARG A 1 56  ? 15.834  2.060   -0.173  1.00 22.40 ? 36  ARG A C   1 
ATOM   346  O O   . ARG A 1 56  ? 15.739  1.912   -1.400  1.00 21.44 ? 36  ARG A O   1 
ATOM   347  C CB  . ARG A 1 56  ? 16.999  4.033   0.804   1.00 24.20 ? 36  ARG A CB  1 
ATOM   348  C CG  . ARG A 1 56  ? 18.019  3.869   -0.315  1.00 31.59 ? 36  ARG A CG  1 
ATOM   349  C CD  . ARG A 1 56  ? 19.456  4.064   0.180   1.00 31.42 ? 36  ARG A CD  1 
ATOM   350  N NE  . ARG A 1 56  ? 19.681  5.399   0.732   1.00 34.94 ? 36  ARG A NE  1 
ATOM   351  C CZ  . ARG A 1 56  ? 19.839  6.499   -0.003  1.00 30.21 ? 36  ARG A CZ  1 
ATOM   352  N NH1 . ARG A 1 56  ? 19.789  6.430   -1.328  1.00 26.17 ? 36  ARG A NH1 1 
ATOM   353  N NH2 . ARG A 1 56  ? 20.045  7.671   0.588   1.00 33.14 ? 36  ARG A NH2 1 
ATOM   354  N N   . LYS A 1 57  ? 16.106  1.058   0.649   1.00 19.82 ? 37  LYS A N   1 
ATOM   355  C CA  . LYS A 1 57  ? 16.363  -0.280  0.134   1.00 25.56 ? 37  LYS A CA  1 
ATOM   356  C C   . LYS A 1 57  ? 15.184  -0.814  -0.689  1.00 28.42 ? 37  LYS A C   1 
ATOM   357  O O   . LYS A 1 57  ? 15.305  -1.836  -1.357  1.00 23.12 ? 37  LYS A O   1 
ATOM   358  C CB  . LYS A 1 57  ? 16.674  -1.247  1.280   1.00 27.89 ? 37  LYS A CB  1 
ATOM   359  C CG  . LYS A 1 57  ? 15.438  -1.922  1.845   1.00 34.21 ? 37  LYS A CG  1 
ATOM   360  C CD  . LYS A 1 57  ? 15.540  -2.094  3.358   1.00 43.49 ? 37  LYS A CD  1 
ATOM   361  C CE  . LYS A 1 57  ? 14.191  -2.484  3.976   1.00 50.95 ? 37  LYS A CE  1 
ATOM   362  N NZ  . LYS A 1 57  ? 13.732  -3.854  3.593   1.00 48.71 ? 37  LYS A NZ  1 
ATOM   363  N N   . MET A 1 58  ? 14.045  -0.131  -0.654  1.00 21.18 ? 38  MET A N   1 
ATOM   364  C CA  . MET A 1 58  ? 12.863  -0.668  -1.321  1.00 21.59 ? 38  MET A CA  1 
ATOM   365  C C   . MET A 1 58  ? 12.422  0.131   -2.528  1.00 16.23 ? 38  MET A C   1 
ATOM   366  O O   . MET A 1 58  ? 11.482  -0.261  -3.226  1.00 19.68 ? 38  MET A O   1 
ATOM   367  C CB  . MET A 1 58  ? 11.715  -0.817  -0.331  1.00 26.79 ? 38  MET A CB  1 
ATOM   368  C CG  . MET A 1 58  ? 11.873  -1.982  0.640   1.00 28.54 ? 38  MET A CG  1 
ATOM   369  S SD  . MET A 1 58  ? 10.487  -2.021  1.817   1.00 47.73 ? 38  MET A SD  1 
ATOM   370  C CE  . MET A 1 58  ? 10.866  -0.613  2.892   1.00 28.40 ? 38  MET A CE  1 
ATOM   371  N N   . LEU A 1 59  ? 13.158  1.203   -2.813  1.00 15.74 ? 39  LEU A N   1 
ATOM   372  C CA  . LEU A 1 59  ? 12.751  2.192   -3.805  1.00 15.83 ? 39  LEU A CA  1 
ATOM   373  C C   . LEU A 1 59  ? 13.619  2.146   -5.047  1.00 19.01 ? 39  LEU A C   1 
ATOM   374  O O   . LEU A 1 59  ? 14.836  2.017   -4.958  1.00 21.16 ? 39  LEU A O   1 
ATOM   375  C CB  . LEU A 1 59  ? 12.800  3.620   -3.191  1.00 15.15 ? 39  LEU A CB  1 
ATOM   376  C CG  . LEU A 1 59  ? 11.924  3.815   -1.954  1.00 15.07 ? 39  LEU A CG  1 
ATOM   377  C CD1 . LEU A 1 59  ? 12.244  5.131   -1.185  1.00 18.56 ? 39  LEU A CD1 1 
ATOM   378  C CD2 . LEU A 1 59  ? 10.470  3.803   -2.405  1.00 13.01 ? 39  LEU A CD2 1 
ATOM   379  N N   . THR A 1 60  ? 12.982  2.282   -6.207  1.00 21.47 ? 40  THR A N   1 
ATOM   380  C CA  . THR A 1 60  ? 13.681  2.385   -7.482  1.00 22.16 ? 40  THR A CA  1 
ATOM   381  C C   . THR A 1 60  ? 14.418  3.724   -7.560  1.00 28.32 ? 40  THR A C   1 
ATOM   382  O O   . THR A 1 60  ? 14.205  4.603   -6.735  1.00 22.82 ? 40  THR A O   1 
ATOM   383  C CB  . THR A 1 60  ? 12.697  2.262   -8.675  1.00 21.35 ? 40  THR A CB  1 
ATOM   384  O OG1 . THR A 1 60  ? 11.749  3.338   -8.636  1.00 23.55 ? 40  THR A OG1 1 
ATOM   385  C CG2 . THR A 1 60  ? 11.957  0.925   -8.624  1.00 21.01 ? 40  THR A CG2 1 
ATOM   386  N N   . PRO A 1 61  ? 15.324  3.866   -8.534  1.00 31.76 ? 41  PRO A N   1 
ATOM   387  C CA  . PRO A 1 61  ? 16.103  5.108   -8.614  1.00 25.69 ? 41  PRO A CA  1 
ATOM   388  C C   . PRO A 1 61  ? 15.289  6.364   -8.934  1.00 27.01 ? 41  PRO A C   1 
ATOM   389  O O   . PRO A 1 61  ? 15.757  7.461   -8.660  1.00 28.38 ? 41  PRO A O   1 
ATOM   390  C CB  . PRO A 1 61  ? 17.155  4.816   -9.706  1.00 27.34 ? 41  PRO A CB  1 
ATOM   391  C CG  . PRO A 1 61  ? 16.806  3.460   -10.282 1.00 27.93 ? 41  PRO A CG  1 
ATOM   392  C CD  . PRO A 1 61  ? 15.946  2.753   -9.273  1.00 21.85 ? 41  PRO A CD  1 
ATOM   393  N N   . ASP A 1 62  ? 14.098  6.210   -9.495  1.00 28.22 ? 42  ASP A N   1 
ATOM   394  C CA  . ASP A 1 62  ? 13.192  7.344   -9.690  1.00 29.32 ? 42  ASP A CA  1 
ATOM   395  C C   . ASP A 1 62  ? 12.906  8.077   -8.386  1.00 25.05 ? 42  ASP A C   1 
ATOM   396  O O   . ASP A 1 62  ? 12.582  9.260   -8.394  1.00 26.78 ? 42  ASP A O   1 
ATOM   397  C CB  . ASP A 1 62  ? 11.848  6.861   -10.238 1.00 35.81 ? 42  ASP A CB  1 
ATOM   398  C CG  . ASP A 1 62  ? 11.873  6.628   -11.719 1.00 44.14 ? 42  ASP A CG  1 
ATOM   399  O OD1 . ASP A 1 62  ? 11.209  5.668   -12.161 1.00 47.89 ? 42  ASP A OD1 1 
ATOM   400  O OD2 . ASP A 1 62  ? 12.553  7.401   -12.433 1.00 43.11 ? 42  ASP A OD2 1 
ATOM   401  N N   . ALA A 1 63  ? 13.010  7.359   -7.274  1.00 19.88 ? 43  ALA A N   1 
ATOM   402  C CA  . ALA A 1 63  ? 12.601  7.872   -5.982  1.00 20.51 ? 43  ALA A CA  1 
ATOM   403  C C   . ALA A 1 63  ? 13.477  9.003   -5.470  1.00 26.22 ? 43  ALA A C   1 
ATOM   404  O O   . ALA A 1 63  ? 13.036  9.803   -4.652  1.00 17.69 ? 43  ALA A O   1 
ATOM   405  C CB  . ALA A 1 63  ? 12.574  6.746   -4.963  1.00 20.71 ? 43  ALA A CB  1 
ATOM   406  N N   . PHE A 1 64  ? 14.721  9.059   -5.935  1.00 25.83 ? 44  PHE A N   1 
ATOM   407  C CA  . PHE A 1 64  ? 15.705  9.950   -5.322  1.00 27.45 ? 44  PHE A CA  1 
ATOM   408  C C   . PHE A 1 64  ? 15.921  11.252  -6.072  1.00 27.83 ? 44  PHE A C   1 
ATOM   409  O O   . PHE A 1 64  ? 16.791  12.036  -5.725  1.00 34.01 ? 44  PHE A O   1 
ATOM   410  C CB  . PHE A 1 64  ? 17.020  9.206   -5.068  1.00 25.96 ? 44  PHE A CB  1 
ATOM   411  C CG  . PHE A 1 64  ? 16.831  7.966   -4.274  1.00 18.66 ? 44  PHE A CG  1 
ATOM   412  C CD1 . PHE A 1 64  ? 16.810  6.738   -4.894  1.00 20.45 ? 44  PHE A CD1 1 
ATOM   413  C CD2 . PHE A 1 64  ? 16.591  8.037   -2.914  1.00 19.30 ? 44  PHE A CD2 1 
ATOM   414  C CE1 . PHE A 1 64  ? 16.588  5.587   -4.162  1.00 21.42 ? 44  PHE A CE1 1 
ATOM   415  C CE2 . PHE A 1 64  ? 16.361  6.899   -2.178  1.00 22.22 ? 44  PHE A CE2 1 
ATOM   416  C CZ  . PHE A 1 64  ? 16.368  5.668   -2.802  1.00 21.99 ? 44  PHE A CZ  1 
ATOM   417  N N   . SER A 1 65  ? 15.104  11.491  -7.089  1.00 28.43 ? 45  SER A N   1 
ATOM   418  C CA  . SER A 1 65  ? 14.980  12.838  -7.635  1.00 37.27 ? 45  SER A CA  1 
ATOM   419  C C   . SER A 1 65  ? 13.543  13.342  -7.440  1.00 30.68 ? 45  SER A C   1 
ATOM   420  O O   . SER A 1 65  ? 12.589  12.750  -7.961  1.00 28.90 ? 45  SER A O   1 
ATOM   421  C CB  . SER A 1 65  ? 15.390  12.880  -9.109  1.00 42.46 ? 45  SER A CB  1 
ATOM   422  O OG  . SER A 1 65  ? 14.289  12.664  -9.984  1.00 48.99 ? 45  SER A OG  1 
ATOM   423  N N   . PRO A 1 66  ? 13.379  14.435  -6.679  1.00 41.04 ? 46  PRO A N   1 
ATOM   424  C CA  . PRO A 1 66  ? 12.038  14.968  -6.380  1.00 38.84 ? 46  PRO A CA  1 
ATOM   425  C C   . PRO A 1 66  ? 11.133  15.063  -7.614  1.00 35.86 ? 46  PRO A C   1 
ATOM   426  O O   . PRO A 1 66  ? 11.610  15.182  -8.749  1.00 36.54 ? 46  PRO A O   1 
ATOM   427  C CB  . PRO A 1 66  ? 12.337  16.355  -5.805  1.00 39.43 ? 46  PRO A CB  1 
ATOM   428  C CG  . PRO A 1 66  ? 13.680  16.184  -5.151  1.00 39.17 ? 46  PRO A CG  1 
ATOM   429  C CD  . PRO A 1 66  ? 14.447  15.236  -6.050  1.00 41.54 ? 46  PRO A CD  1 
ATOM   430  N N   . ALA A 1 67  ? 9.827   14.961  -7.402  1.00 33.10 ? 47  ALA A N   1 
ATOM   431  C CA  . ALA A 1 67  ? 8.906   15.129  -8.521  1.00 32.79 ? 47  ALA A CA  1 
ATOM   432  C C   . ALA A 1 67  ? 7.594   15.718  -8.083  1.00 30.56 ? 47  ALA A C   1 
ATOM   433  O O   . ALA A 1 67  ? 7.181   15.581  -6.926  1.00 23.71 ? 47  ALA A O   1 
ATOM   434  C CB  . ALA A 1 67  ? 8.672   13.808  -9.261  1.00 31.07 ? 47  ALA A CB  1 
ATOM   435  N N   . GLY A 1 68  ? 6.945   16.383  -9.030  1.00 37.65 ? 48  GLY A N   1 
ATOM   436  C CA  . GLY A 1 68  ? 5.596   16.850  -8.844  1.00 21.14 ? 48  GLY A CA  1 
ATOM   437  C C   . GLY A 1 68  ? 4.604   15.707  -8.875  1.00 21.68 ? 48  GLY A C   1 
ATOM   438  O O   . GLY A 1 68  ? 4.736   14.727  -9.631  1.00 28.85 ? 48  GLY A O   1 
ATOM   439  N N   . PHE A 1 69  ? 3.614   15.826  -8.011  1.00 20.31 ? 49  PHE A N   1 
ATOM   440  C CA  . PHE A 1 69  ? 2.440   14.991  -8.040  1.00 22.92 ? 49  PHE A CA  1 
ATOM   441  C C   . PHE A 1 69  ? 1.726   15.444  -9.300  1.00 25.05 ? 49  PHE A C   1 
ATOM   442  O O   . PHE A 1 69  ? 1.412   16.623  -9.457  1.00 26.34 ? 49  PHE A O   1 
ATOM   443  C CB  . PHE A 1 69  ? 1.627   15.328  -6.805  1.00 19.04 ? 49  PHE A CB  1 
ATOM   444  C CG  . PHE A 1 69  ? 0.575   14.338  -6.455  1.00 24.02 ? 49  PHE A CG  1 
ATOM   445  C CD1 . PHE A 1 69  ? 0.846   13.308  -5.568  1.00 18.43 ? 49  PHE A CD1 1 
ATOM   446  C CD2 . PHE A 1 69  ? -0.709  14.473  -6.947  1.00 20.70 ? 49  PHE A CD2 1 
ATOM   447  C CE1 . PHE A 1 69  ? -0.139  12.423  -5.199  1.00 19.61 ? 49  PHE A CE1 1 
ATOM   448  C CE2 . PHE A 1 69  ? -1.699  13.582  -6.594  1.00 21.87 ? 49  PHE A CE2 1 
ATOM   449  C CZ  . PHE A 1 69  ? -1.416  12.552  -5.716  1.00 18.43 ? 49  PHE A CZ  1 
ATOM   450  N N   . CYS A 1 70  ? 1.490   14.514  -10.209 1.00 22.82 ? 50  CYS A N   1 
ATOM   451  C CA  . CYS A 1 70  ? 0.909   14.844  -11.501 1.00 24.10 ? 50  CYS A CA  1 
ATOM   452  C C   . CYS A 1 70  ? -0.546  14.385  -11.553 1.00 21.48 ? 50  CYS A C   1 
ATOM   453  O O   . CYS A 1 70  ? -1.024  13.751  -10.616 1.00 20.64 ? 50  CYS A O   1 
ATOM   454  C CB  . CYS A 1 70  ? 1.706   14.154  -12.607 1.00 28.14 ? 50  CYS A CB  1 
ATOM   455  S SG  . CYS A 1 70  ? 1.836   12.389  -12.330 1.00 40.15 ? 50  CYS A SG  1 
ATOM   456  N N   . VAL A 1 71  ? -1.235  14.716  -12.645 1.00 17.15 ? 51  VAL A N   1 
ATOM   457  C CA  . VAL A 1 71  ? -2.625  14.322  -12.849 1.00 21.47 ? 51  VAL A CA  1 
ATOM   458  C C   . VAL A 1 71  ? -2.799  12.817  -12.690 1.00 25.58 ? 51  VAL A C   1 
ATOM   459  O O   . VAL A 1 71  ? -3.763  12.379  -12.074 1.00 19.96 ? 51  VAL A O   1 
ATOM   460  C CB  . VAL A 1 71  ? -3.163  14.761  -14.246 1.00 20.19 ? 51  VAL A CB  1 
ATOM   461  C CG1 . VAL A 1 71  ? -4.605  14.312  -14.430 1.00 16.77 ? 51  VAL A CG1 1 
ATOM   462  C CG2 . VAL A 1 71  ? -3.049  16.312  -14.440 1.00 22.03 ? 51  VAL A CG2 1 
ATOM   463  N N   . ASP A 1 72  ? -1.865  12.034  -13.239 1.00 19.32 ? 52  ASP A N   1 
ATOM   464  C CA  . ASP A 1 72  ? -1.938  10.587  -13.136 1.00 18.11 ? 52  ASP A CA  1 
ATOM   465  C C   . ASP A 1 72  ? -1.941  10.168  -11.693 1.00 17.80 ? 52  ASP A C   1 
ATOM   466  O O   . ASP A 1 72  ? -2.723  9.309   -11.295 1.00 16.90 ? 52  ASP A O   1 
ATOM   467  C CB  . ASP A 1 72  ? -0.762  9.910   -13.837 1.00 25.07 ? 52  ASP A CB  1 
ATOM   468  C CG  . ASP A 1 72  ? -0.831  10.031  -15.340 1.00 30.68 ? 52  ASP A CG  1 
ATOM   469  O OD1 . ASP A 1 72  ? -1.952  10.104  -15.889 1.00 31.88 ? 52  ASP A OD1 1 
ATOM   470  O OD2 . ASP A 1 72  ? 0.245   10.057  -15.971 1.00 39.06 ? 52  ASP A OD2 1 
ATOM   471  N N   . ASP A 1 73  ? -1.064  10.782  -10.900 1.00 20.41 ? 53  ASP A N   1 
ATOM   472  C CA  . ASP A 1 73  ? -1.035  10.527  -9.461  1.00 19.93 ? 53  ASP A CA  1 
ATOM   473  C C   . ASP A 1 73  ? -2.333  10.921  -8.800  1.00 18.19 ? 53  ASP A C   1 
ATOM   474  O O   . ASP A 1 73  ? -2.751  10.300  -7.834  1.00 17.74 ? 53  ASP A O   1 
ATOM   475  C CB  . ASP A 1 73  ? 0.087   11.306  -8.791  1.00 22.26 ? 53  ASP A CB  1 
ATOM   476  C CG  . ASP A 1 73  ? 1.454   10.846  -9.230  1.00 25.92 ? 53  ASP A CG  1 
ATOM   477  O OD1 . ASP A 1 73  ? 1.563   9.687   -9.698  1.00 22.29 ? 53  ASP A OD1 1 
ATOM   478  O OD2 . ASP A 1 73  ? 2.407   11.646  -9.098  1.00 20.34 ? 53  ASP A OD2 1 
ATOM   479  N N   . ALA A 1 74  ? -2.973  11.962  -9.316  1.00 20.09 ? 54  ALA A N   1 
ATOM   480  C CA  . ALA A 1 74  ? -4.209  12.455  -8.713  1.00 21.32 ? 54  ALA A CA  1 
ATOM   481  C C   . ALA A 1 74  ? -5.352  11.500  -8.985  1.00 18.38 ? 54  ALA A C   1 
ATOM   482  O O   . ALA A 1 74  ? -6.182  11.231  -8.097  1.00 20.80 ? 54  ALA A O   1 
ATOM   483  C CB  . ALA A 1 74  ? -4.539  13.863  -9.228  1.00 17.31 ? 54  ALA A CB  1 
ATOM   484  N N   . ALA A 1 75  ? -5.385  10.987  -10.216 1.00 14.54 ? 55  ALA A N   1 
ATOM   485  C CA  . ALA A 1 75  ? -6.380  10.014  -10.627 1.00 19.72 ? 55  ALA A CA  1 
ATOM   486  C C   . ALA A 1 75  ? -6.286  8.777   -9.745  1.00 19.60 ? 55  ALA A C   1 
ATOM   487  O O   . ALA A 1 75  ? -7.302  8.225   -9.287  1.00 14.91 ? 55  ALA A O   1 
ATOM   488  C CB  . ALA A 1 75  ? -6.188  9.634   -12.100 1.00 13.02 ? 55  ALA A CB  1 
ATOM   489  N N   . LEU A 1 76  ? -5.054  8.341   -9.510  1.00 18.76 ? 56  LEU A N   1 
ATOM   490  C CA  . LEU A 1 76  ? -4.834  7.203   -8.635  1.00 21.06 ? 56  LEU A CA  1 
ATOM   491  C C   . LEU A 1 76  ? -5.329  7.493   -7.219  1.00 18.60 ? 56  LEU A C   1 
ATOM   492  O O   . LEU A 1 76  ? -5.977  6.649   -6.593  1.00 20.86 ? 56  LEU A O   1 
ATOM   493  C CB  . LEU A 1 76  ? -3.358  6.807   -8.620  1.00 17.18 ? 56  LEU A CB  1 
ATOM   494  C CG  . LEU A 1 76  ? -2.884  6.124   -9.902  1.00 19.36 ? 56  LEU A CG  1 
ATOM   495  C CD1 . LEU A 1 76  ? -1.403  5.829   -9.800  1.00 18.84 ? 56  LEU A CD1 1 
ATOM   496  C CD2 . LEU A 1 76  ? -3.680  4.852   -10.147 1.00 18.85 ? 56  LEU A CD2 1 
ATOM   497  N N   . TYR A 1 77  ? -5.039  8.682   -6.711  1.00 15.61 ? 57  TYR A N   1 
ATOM   498  C CA  . TYR A 1 77  ? -5.443  9.013   -5.358  1.00 14.33 ? 57  TYR A CA  1 
ATOM   499  C C   . TYR A 1 77  ? -6.948  8.944   -5.245  1.00 17.09 ? 57  TYR A C   1 
ATOM   500  O O   . TYR A 1 77  ? -7.486  8.336   -4.310  1.00 20.53 ? 57  TYR A O   1 
ATOM   501  C CB  . TYR A 1 77  ? -4.989  10.410  -4.944  1.00 16.90 ? 57  TYR A CB  1 
ATOM   502  C CG  . TYR A 1 77  ? -5.594  10.826  -3.612  1.00 19.47 ? 57  TYR A CG  1 
ATOM   503  C CD1 . TYR A 1 77  ? -4.953  10.514  -2.418  1.00 17.28 ? 57  TYR A CD1 1 
ATOM   504  C CD2 . TYR A 1 77  ? -6.816  11.501  -3.547  1.00 21.41 ? 57  TYR A CD2 1 
ATOM   505  C CE1 . TYR A 1 77  ? -5.484  10.863  -1.200  1.00 25.53 ? 57  TYR A CE1 1 
ATOM   506  C CE2 . TYR A 1 77  ? -7.374  11.871  -2.298  1.00 23.41 ? 57  TYR A CE2 1 
ATOM   507  C CZ  . TYR A 1 77  ? -6.688  11.539  -1.136  1.00 25.95 ? 57  TYR A CZ  1 
ATOM   508  O OH  . TYR A 1 77  ? -7.162  11.860  0.109   1.00 30.03 ? 57  TYR A OH  1 
ATOM   509  N N   . PHE A 1 78  ? -7.642  9.584   -6.183  1.00 16.06 ? 58  PHE A N   1 
ATOM   510  C CA  . PHE A 1 78  ? -9.102  9.636   -6.086  1.00 17.71 ? 58  PHE A CA  1 
ATOM   511  C C   . PHE A 1 78  ? -9.753  8.262   -6.294  1.00 17.96 ? 58  PHE A C   1 
ATOM   512  O O   . PHE A 1 78  ? -10.771 7.958   -5.690  1.00 18.36 ? 58  PHE A O   1 
ATOM   513  C CB  . PHE A 1 78  ? -9.694  10.712  -7.014  1.00 14.61 ? 58  PHE A CB  1 
ATOM   514  C CG  . PHE A 1 78  ? -9.475  12.124  -6.505  1.00 18.66 ? 58  PHE A CG  1 
ATOM   515  C CD1 . PHE A 1 78  ? -8.565  12.964  -7.119  1.00 17.25 ? 58  PHE A CD1 1 
ATOM   516  C CD2 . PHE A 1 78  ? -10.160 12.589  -5.384  1.00 22.20 ? 58  PHE A CD2 1 
ATOM   517  C CE1 . PHE A 1 78  ? -8.340  14.257  -6.637  1.00 20.25 ? 58  PHE A CE1 1 
ATOM   518  C CE2 . PHE A 1 78  ? -9.942  13.878  -4.895  1.00 19.15 ? 58  PHE A CE2 1 
ATOM   519  C CZ  . PHE A 1 78  ? -9.034  14.714  -5.538  1.00 17.94 ? 58  PHE A CZ  1 
ATOM   520  N N   . SER A 1 79  ? -9.148  7.415   -7.118  1.00 15.97 ? 59  SER A N   1 
ATOM   521  C CA  . SER A 1 79  ? -9.713  6.087   -7.362  1.00 21.01 ? 59  SER A CA  1 
ATOM   522  C C   . SER A 1 79  ? -9.572  5.170   -6.144  1.00 16.92 ? 59  SER A C   1 
ATOM   523  O O   . SER A 1 79  ? -10.546 4.561   -5.694  1.00 20.56 ? 59  SER A O   1 
ATOM   524  C CB  . SER A 1 79  ? -9.052  5.429   -8.574  1.00 14.65 ? 59  SER A CB  1 
ATOM   525  O OG  . SER A 1 79  ? -9.496  4.085   -8.663  1.00 28.27 ? 59  SER A OG  1 
ATOM   526  N N   . PHE A 1 80  ? -8.352  5.072   -5.625  1.00 16.95 ? 60  PHE A N   1 
ATOM   527  C CA  . PHE A 1 80  ? -8.083  4.317   -4.398  1.00 18.06 ? 60  PHE A CA  1 
ATOM   528  C C   . PHE A 1 80  ? -8.847  4.879   -3.175  1.00 20.63 ? 60  PHE A C   1 
ATOM   529  O O   . PHE A 1 80  ? -9.289  4.120   -2.315  1.00 17.38 ? 60  PHE A O   1 
ATOM   530  C CB  . PHE A 1 80  ? -6.569  4.266   -4.122  1.00 14.34 ? 60  PHE A CB  1 
ATOM   531  C CG  . PHE A 1 80  ? -5.864  3.199   -4.880  1.00 15.00 ? 60  PHE A CG  1 
ATOM   532  C CD1 . PHE A 1 80  ? -5.192  3.491   -6.055  1.00 15.48 ? 60  PHE A CD1 1 
ATOM   533  C CD2 . PHE A 1 80  ? -5.884  1.884   -4.426  1.00 16.71 ? 60  PHE A CD2 1 
ATOM   534  C CE1 . PHE A 1 80  ? -4.553  2.491   -6.779  1.00 16.65 ? 60  PHE A CE1 1 
ATOM   535  C CE2 . PHE A 1 80  ? -5.251  0.865   -5.146  1.00 16.78 ? 60  PHE A CE2 1 
ATOM   536  C CZ  . PHE A 1 80  ? -4.588  1.166   -6.329  1.00 16.03 ? 60  PHE A CZ  1 
ATOM   537  N N   . GLU A 1 81  ? -9.005  6.197   -3.088  1.00 17.54 ? 61  GLU A N   1 
ATOM   538  C CA  . GLU A 1 81  ? -9.735  6.775   -1.952  1.00 18.99 ? 61  GLU A CA  1 
ATOM   539  C C   . GLU A 1 81  ? -11.190 6.321   -1.956  1.00 21.65 ? 61  GLU A C   1 
ATOM   540  O O   . GLU A 1 81  ? -11.760 6.019   -0.904  1.00 19.88 ? 61  GLU A O   1 
ATOM   541  C CB  . GLU A 1 81  ? -9.651  8.312   -1.926  1.00 20.94 ? 61  GLU A CB  1 
ATOM   542  C CG  . GLU A 1 81  ? -10.615 8.972   -0.917  1.00 25.71 ? 61  GLU A CG  1 
ATOM   543  C CD  . GLU A 1 81  ? -10.616 10.483  -1.009  1.00 38.05 ? 61  GLU A CD  1 
ATOM   544  O OE1 . GLU A 1 81  ? -10.434 11.138  0.034   1.00 46.12 ? 61  GLU A OE1 1 
ATOM   545  O OE2 . GLU A 1 81  ? -10.803 11.022  -2.122  1.00 41.74 ? 61  GLU A OE2 1 
ATOM   546  N N   . GLU A 1 82  ? -11.798 6.248   -3.137  1.00 22.82 ? 62  GLU A N   1 
ATOM   547  C CA  . GLU A 1 82  ? -13.157 5.717   -3.213  1.00 24.59 ? 62  GLU A CA  1 
ATOM   548  C C   . GLU A 1 82  ? -13.205 4.217   -2.894  1.00 22.74 ? 62  GLU A C   1 
ATOM   549  O O   . GLU A 1 82  ? -14.150 3.747   -2.260  1.00 17.26 ? 62  GLU A O   1 
ATOM   550  C CB  . GLU A 1 82  ? -13.801 5.970   -4.568  1.00 23.79 ? 62  GLU A CB  1 
ATOM   551  C CG  . GLU A 1 82  ? -15.314 5.771   -4.500  1.00 39.28 ? 62  GLU A CG  1 
ATOM   552  C CD  . GLU A 1 82  ? -16.018 5.946   -5.830  1.00 50.51 ? 62  GLU A CD  1 
ATOM   553  O OE1 . GLU A 1 82  ? -15.402 6.475   -6.782  1.00 53.86 ? 62  GLU A OE1 1 
ATOM   554  O OE2 . GLU A 1 82  ? -17.199 5.545   -5.919  1.00 59.21 ? 62  GLU A OE2 1 
ATOM   555  N N   . LYS A 1 83  ? -12.186 3.481   -3.339  1.00 18.74 ? 63  LYS A N   1 
ATOM   556  C CA  . LYS A 1 83  ? -12.071 2.040   -3.079  1.00 23.98 ? 63  LYS A CA  1 
ATOM   557  C C   . LYS A 1 83  ? -12.001 1.691   -1.589  1.00 21.19 ? 63  LYS A C   1 
ATOM   558  O O   . LYS A 1 83  ? -12.476 0.634   -1.168  1.00 21.92 ? 63  LYS A O   1 
ATOM   559  C CB  . LYS A 1 83  ? -10.839 1.448   -3.799  1.00 21.54 ? 63  LYS A CB  1 
ATOM   560  C CG  . LYS A 1 83  ? -11.003 1.266   -5.301  1.00 22.32 ? 63  LYS A CG  1 
ATOM   561  C CD  . LYS A 1 83  ? -12.226 0.425   -5.588  1.00 30.51 ? 63  LYS A CD  1 
ATOM   562  C CE  . LYS A 1 83  ? -12.813 0.728   -6.954  1.00 39.44 ? 63  LYS A CE  1 
ATOM   563  N NZ  . LYS A 1 83  ? -11.888 0.369   -8.055  1.00 38.06 ? 63  LYS A NZ  1 
ATOM   564  N N   . CYS A 1 84  ? -11.391 2.575   -0.803  1.00 19.39 ? 64  CYS A N   1 
ATOM   565  C CA  . CYS A 1 84  ? -11.131 2.324   0.615   1.00 22.42 ? 64  CYS A CA  1 
ATOM   566  C C   . CYS A 1 84  ? -12.123 3.011   1.559   1.00 21.49 ? 64  CYS A C   1 
ATOM   567  O O   . CYS A 1 84  ? -12.041 2.835   2.774   1.00 22.13 ? 64  CYS A O   1 
ATOM   568  C CB  . CYS A 1 84  ? -9.703  2.748   0.987   1.00 20.54 ? 64  CYS A CB  1 
ATOM   569  S SG  . CYS A 1 84  ? -8.425  1.899   0.028   1.00 17.88 ? 64  CYS A SG  1 
ATOM   570  N N   . ARG A 1 85  ? -13.047 3.790   1.013   1.00 25.65 ? 65  ARG A N   1 
ATOM   571  C CA  . ARG A 1 85  ? -13.968 4.548   1.846   1.00 24.93 ? 65  ARG A CA  1 
ATOM   572  C C   . ARG A 1 85  ? -14.766 3.723   2.849   1.00 27.18 ? 65  ARG A C   1 
ATOM   573  O O   . ARG A 1 85  ? -15.162 4.243   3.889   1.00 33.08 ? 65  ARG A O   1 
ATOM   574  C CB  . ARG A 1 85  ? -14.887 5.415   0.985   1.00 27.83 ? 65  ARG A CB  1 
ATOM   575  C CG  . ARG A 1 85  ? -14.258 6.756   0.639   1.00 39.73 ? 65  ARG A CG  1 
ATOM   576  C CD  . ARG A 1 85  ? -15.296 7.865   0.613   1.00 46.56 ? 65  ARG A CD  1 
ATOM   577  N NE  . ARG A 1 85  ? -15.848 8.099   -0.721  1.00 57.06 ? 65  ARG A NE  1 
ATOM   578  C CZ  . ARG A 1 85  ? -15.155 8.604   -1.740  1.00 53.66 ? 65  ARG A CZ  1 
ATOM   579  N NH1 . ARG A 1 85  ? -13.860 8.893   -1.593  1.00 45.26 ? 65  ARG A NH1 1 
ATOM   580  N NH2 . ARG A 1 85  ? -15.749 8.794   -2.918  1.00 55.12 ? 65  ARG A NH2 1 
ATOM   581  N N   . ASP A 1 86  ? -15.002 2.451   2.552   1.00 29.36 ? 66  ASP A N   1 
ATOM   582  C CA  . ASP A 1 86  ? -15.835 1.626   3.428   1.00 33.48 ? 66  ASP A CA  1 
ATOM   583  C C   . ASP A 1 86  ? -15.035 0.692   4.327   1.00 28.12 ? 66  ASP A C   1 
ATOM   584  O O   . ASP A 1 86  ? -15.611 -0.117  5.053   1.00 25.99 ? 66  ASP A O   1 
ATOM   585  C CB  . ASP A 1 86  ? -16.850 0.809   2.627   1.00 28.45 ? 66  ASP A CB  1 
ATOM   586  C CG  . ASP A 1 86  ? -17.891 1.669   1.951   1.00 37.21 ? 66  ASP A CG  1 
ATOM   587  O OD1 . ASP A 1 86  ? -18.253 2.730   2.514   1.00 36.55 ? 66  ASP A OD1 1 
ATOM   588  O OD2 . ASP A 1 86  ? -18.357 1.287   0.855   1.00 40.48 ? 66  ASP A OD2 1 
ATOM   589  N N   . PHE A 1 87  ? -13.713 0.798   4.290   1.00 25.67 ? 67  PHE A N   1 
ATOM   590  C CA  . PHE A 1 87  ? -12.893 -0.047  5.159   1.00 24.10 ? 67  PHE A CA  1 
ATOM   591  C C   . PHE A 1 87  ? -13.121 0.327   6.633   1.00 26.57 ? 67  PHE A C   1 
ATOM   592  O O   . PHE A 1 87  ? -13.537 1.455   6.940   1.00 20.63 ? 67  PHE A O   1 
ATOM   593  C CB  . PHE A 1 87  ? -11.401 0.051   4.798   1.00 18.65 ? 67  PHE A CB  1 
ATOM   594  C CG  . PHE A 1 87  ? -11.044 -0.576  3.469   1.00 21.01 ? 67  PHE A CG  1 
ATOM   595  C CD1 . PHE A 1 87  ? -9.720  -0.681  3.073   1.00 20.70 ? 67  PHE A CD1 1 
ATOM   596  C CD2 . PHE A 1 87  ? -12.032 -1.035  2.610   1.00 22.88 ? 67  PHE A CD2 1 
ATOM   597  C CE1 . PHE A 1 87  ? -9.378  -1.266  1.847   1.00 17.49 ? 67  PHE A CE1 1 
ATOM   598  C CE2 . PHE A 1 87  ? -11.709 -1.606  1.376   1.00 23.49 ? 67  PHE A CE2 1 
ATOM   599  C CZ  . PHE A 1 87  ? -10.376 -1.730  0.997   1.00 23.57 ? 67  PHE A CZ  1 
ATOM   600  N N   . ASN A 1 88  ? -12.827 -0.623  7.522   1.00 24.81 ? 68  ASN A N   1 
ATOM   601  C CA  . ASN A 1 88  ? -12.863 -0.410  8.964   1.00 24.05 ? 68  ASN A CA  1 
ATOM   602  C C   . ASN A 1 88  ? -11.588 0.268   9.449   1.00 24.91 ? 68  ASN A C   1 
ATOM   603  O O   . ASN A 1 88  ? -10.739 -0.348  10.096  1.00 24.22 ? 68  ASN A O   1 
ATOM   604  C CB  . ASN A 1 88  ? -13.045 -1.740  9.702   1.00 26.66 ? 68  ASN A CB  1 
ATOM   605  C CG  . ASN A 1 88  ? -14.341 -2.444  9.342   1.00 34.43 ? 68  ASN A CG  1 
ATOM   606  O OD1 . ASN A 1 88  ? -15.256 -1.847  8.780   1.00 34.55 ? 68  ASN A OD1 1 
ATOM   607  N ND2 . ASN A 1 88  ? -14.420 -3.732  9.672   1.00 42.15 ? 68  ASN A ND2 1 
ATOM   608  N N   . LEU A 1 89  ? -11.466 1.548   9.130   1.00 23.09 ? 69  LEU A N   1 
ATOM   609  C CA  . LEU A 1 89  ? -10.240 2.280   9.359   1.00 17.06 ? 69  LEU A CA  1 
ATOM   610  C C   . LEU A 1 89  ? -10.621 3.710   9.639   1.00 17.16 ? 69  LEU A C   1 
ATOM   611  O O   . LEU A 1 89  ? -11.602 4.201   9.084   1.00 17.70 ? 69  LEU A O   1 
ATOM   612  C CB  . LEU A 1 89  ? -9.377  2.246   8.095   1.00 14.77 ? 69  LEU A CB  1 
ATOM   613  C CG  . LEU A 1 89  ? -8.732  0.927   7.631   1.00 20.07 ? 69  LEU A CG  1 
ATOM   614  C CD1 . LEU A 1 89  ? -7.960  1.150   6.310   1.00 12.06 ? 69  LEU A CD1 1 
ATOM   615  C CD2 . LEU A 1 89  ? -7.808  0.335   8.717   1.00 14.39 ? 69  LEU A CD2 1 
ATOM   616  N N   . SER A 1 90  ? -9.835  4.381   10.471  1.00 16.11 ? 70  SER A N   1 
ATOM   617  C CA  . SER A 1 90  ? -9.986  5.810   10.715  1.00 18.99 ? 70  SER A CA  1 
ATOM   618  C C   . SER A 1 90  ? -9.729  6.576   9.420   1.00 21.62 ? 70  SER A C   1 
ATOM   619  O O   . SER A 1 90  ? -9.281  5.991   8.424   1.00 13.34 ? 70  SER A O   1 
ATOM   620  C CB  . SER A 1 90  ? -8.955  6.261   11.733  1.00 19.99 ? 70  SER A CB  1 
ATOM   621  O OG  . SER A 1 90  ? -7.665  6.205   11.147  1.00 21.02 ? 70  SER A OG  1 
ATOM   622  N N   . LYS A 1 91  ? -10.022 7.873   9.424   1.00 17.23 ? 71  LYS A N   1 
ATOM   623  C CA  . LYS A 1 91  ? -9.716  8.691   8.263   1.00 21.82 ? 71  LYS A CA  1 
ATOM   624  C C   . LYS A 1 91  ? -8.223  8.891   8.071   1.00 18.21 ? 71  LYS A C   1 
ATOM   625  O O   . LYS A 1 91  ? -7.779  8.899   6.939   1.00 17.46 ? 71  LYS A O   1 
ATOM   626  C CB  . LYS A 1 91  ? -10.513 10.018  8.257   1.00 21.77 ? 71  LYS A CB  1 
ATOM   627  C CG  . LYS A 1 91  ? -11.982 9.825   7.831   1.00 28.36 ? 71  LYS A CG  1 
ATOM   628  C CD  . LYS A 1 91  ? -12.768 11.145  7.822   1.00 36.66 ? 71  LYS A CD  1 
ATOM   629  C CE  . LYS A 1 91  ? -12.532 11.945  6.546   1.00 42.48 ? 71  LYS A CE  1 
ATOM   630  N NZ  . LYS A 1 91  ? -13.440 11.488  5.463   1.00 51.15 ? 71  LYS A NZ  1 
ATOM   631  N N   . GLU A 1 92  ? -7.458  9.081   9.155   1.00 19.36 ? 72  GLU A N   1 
ATOM   632  C CA  . GLU A 1 92  ? -5.983  9.122   9.020   1.00 17.38 ? 72  GLU A CA  1 
ATOM   633  C C   . GLU A 1 92  ? -5.474  7.817   8.373   1.00 17.01 ? 72  GLU A C   1 
ATOM   634  O O   . GLU A 1 92  ? -4.625  7.831   7.476   1.00 17.38 ? 72  GLU A O   1 
ATOM   635  C CB  . GLU A 1 92  ? -5.255  9.343   10.354  1.00 15.49 ? 72  GLU A CB  1 
ATOM   636  C CG  . GLU A 1 92  ? -3.759  8.977   10.266  1.00 36.95 ? 72  GLU A CG  1 
ATOM   637  C CD  . GLU A 1 92  ? -2.932  9.515   11.428  1.00 47.08 ? 72  GLU A CD  1 
ATOM   638  O OE1 . GLU A 1 92  ? -3.525  9.879   12.472  1.00 50.87 ? 72  GLU A OE1 1 
ATOM   639  O OE2 . GLU A 1 92  ? -1.681  9.534   11.269  1.00 48.81 ? 72  GLU A OE2 1 
ATOM   640  N N   . GLN A 1 93  ? -6.041  6.691   8.800   1.00 15.72 ? 73  GLN A N   1 
ATOM   641  C CA  . GLN A 1 93  ? -5.632  5.381   8.290   1.00 17.68 ? 73  GLN A CA  1 
ATOM   642  C C   . GLN A 1 93  ? -5.958  5.177   6.802   1.00 15.39 ? 73  GLN A C   1 
ATOM   643  O O   . GLN A 1 93  ? -5.143  4.650   6.043   1.00 18.33 ? 73  GLN A O   1 
ATOM   644  C CB  . GLN A 1 93  ? -6.215  4.268   9.168   1.00 16.05 ? 73  GLN A CB  1 
ATOM   645  C CG  . GLN A 1 93  ? -5.549  4.138   10.541  1.00 16.92 ? 73  GLN A CG  1 
ATOM   646  C CD  . GLN A 1 93  ? -6.306  3.195   11.466  1.00 24.78 ? 73  GLN A CD  1 
ATOM   647  O OE1 . GLN A 1 93  ? -7.530  3.075   11.382  1.00 21.95 ? 73  GLN A OE1 1 
ATOM   648  N NE2 . GLN A 1 93  ? -5.576  2.512   12.348  1.00 23.69 ? 73  GLN A NE2 1 
ATOM   649  N N   . LYS A 1 94  ? -7.131  5.625   6.380   1.00 14.01 ? 74  LYS A N   1 
ATOM   650  C CA  . LYS A 1 94  ? -7.497  5.530   4.976   1.00 14.94 ? 74  LYS A CA  1 
ATOM   651  C C   . LYS A 1 94  ? -6.576  6.367   4.075   1.00 16.19 ? 74  LYS A C   1 
ATOM   652  O O   . LYS A 1 94  ? -6.189  5.933   2.977   1.00 17.13 ? 74  LYS A O   1 
ATOM   653  C CB  . LYS A 1 94  ? -8.965  5.924   4.758   1.00 13.24 ? 74  LYS A CB  1 
ATOM   654  C CG  . LYS A 1 94  ? -9.972  4.942   5.326   1.00 17.60 ? 74  LYS A CG  1 
ATOM   655  C CD  . LYS A 1 94  ? -11.343 5.564   5.453   1.00 20.23 ? 74  LYS A CD  1 
ATOM   656  C CE  . LYS A 1 94  ? -12.418 4.511   5.707   1.00 24.31 ? 74  LYS A CE  1 
ATOM   657  N NZ  . LYS A 1 94  ? -13.767 5.141   5.847   1.00 25.32 ? 74  LYS A NZ  1 
ATOM   658  N N   . ALA A 1 95  ? -6.231  7.565   4.526   1.00 16.38 ? 75  ALA A N   1 
ATOM   659  C CA  . ALA A 1 95  ? -5.381  8.436   3.723   1.00 19.01 ? 75  ALA A CA  1 
ATOM   660  C C   . ALA A 1 95  ? -4.008  7.821   3.702   1.00 15.02 ? 75  ALA A C   1 
ATOM   661  O O   . ALA A 1 95  ? -3.323  7.832   2.697   1.00 16.09 ? 75  ALA A O   1 
ATOM   662  C CB  . ALA A 1 95  ? -5.332  9.861   4.298   1.00 12.42 ? 75  ALA A CB  1 
ATOM   663  N N   . GLU A 1 96  ? -3.615  7.264   4.832   1.00 17.19 ? 76  GLU A N   1 
ATOM   664  C CA  . GLU A 1 96  ? -2.311  6.663   4.945   1.00 18.41 ? 76  GLU A CA  1 
ATOM   665  C C   . GLU A 1 96  ? -2.190  5.426   4.034   1.00 15.56 ? 76  GLU A C   1 
ATOM   666  O O   . GLU A 1 96  ? -1.191  5.245   3.356   1.00 12.39 ? 76  GLU A O   1 
ATOM   667  C CB  . GLU A 1 96  ? -2.009  6.346   6.408   1.00 18.99 ? 76  GLU A CB  1 
ATOM   668  C CG  . GLU A 1 96  ? -0.624  5.790   6.609   1.00 29.35 ? 76  GLU A CG  1 
ATOM   669  C CD  . GLU A 1 96  ? -0.271  5.617   8.072   1.00 41.78 ? 76  GLU A CD  1 
ATOM   670  O OE1 . GLU A 1 96  ? -1.143  5.884   8.938   1.00 45.10 ? 76  GLU A OE1 1 
ATOM   671  O OE2 . GLU A 1 96  ? 0.889   5.219   8.343   1.00 31.43 ? 76  GLU A OE2 1 
ATOM   672  N N   . LEU A 1 97  ? -3.218  4.592   3.981   1.00 13.40 ? 77  LEU A N   1 
ATOM   673  C CA  . LEU A 1 97  ? -3.172  3.430   3.094   1.00 11.43 ? 77  LEU A CA  1 
ATOM   674  C C   . LEU A 1 97  ? -3.158  3.836   1.607   1.00 13.15 ? 77  LEU A C   1 
ATOM   675  O O   . LEU A 1 97  ? -2.405  3.274   0.799   1.00 10.10 ? 77  LEU A O   1 
ATOM   676  C CB  . LEU A 1 97  ? -4.354  2.502   3.398   1.00 10.35 ? 77  LEU A CB  1 
ATOM   677  C CG  . LEU A 1 97  ? -4.628  1.300   2.503   1.00 13.11 ? 77  LEU A CG  1 
ATOM   678  C CD1 . LEU A 1 97  ? -3.458  0.259   2.641   1.00 8.67  ? 77  LEU A CD1 1 
ATOM   679  C CD2 . LEU A 1 97  ? -5.972  0.695   2.895   1.00 9.80  ? 77  LEU A CD2 1 
ATOM   680  N N   . VAL A 1 98  ? -3.974  4.823   1.245   1.00 10.71 ? 78  VAL A N   1 
ATOM   681  C CA  . VAL A 1 98  ? -4.044  5.265   -0.141  1.00 10.65 ? 78  VAL A CA  1 
ATOM   682  C C   . VAL A 1 98  ? -2.722  5.851   -0.606  1.00 12.83 ? 78  VAL A C   1 
ATOM   683  O O   . VAL A 1 98  ? -2.260  5.563   -1.706  1.00 11.19 ? 78  VAL A O   1 
ATOM   684  C CB  . VAL A 1 98  ? -5.185  6.270   -0.361  1.00 15.70 ? 78  VAL A CB  1 
ATOM   685  C CG1 . VAL A 1 98  ? -5.065  6.937   -1.723  1.00 14.35 ? 78  VAL A CG1 1 
ATOM   686  C CG2 . VAL A 1 98  ? -6.519  5.560   -0.230  1.00 15.70 ? 78  VAL A CG2 1 
ATOM   687  N N   . LEU A 1 99  ? -2.110  6.666   0.240   1.00 9.82  ? 79  LEU A N   1 
ATOM   688  C CA  . LEU A 1 99  ? -0.834  7.302   -0.099  1.00 9.99  ? 79  LEU A CA  1 
ATOM   689  C C   . LEU A 1 99  ? 0.334   6.283   -0.184  1.00 11.05 ? 79  LEU A C   1 
ATOM   690  O O   . LEU A 1 99  ? 1.218   6.383   -1.043  1.00 8.71  ? 79  LEU A O   1 
ATOM   691  C CB  . LEU A 1 99  ? -0.539  8.438   0.887   1.00 12.71 ? 79  LEU A CB  1 
ATOM   692  C CG  . LEU A 1 99  ? -1.495  9.664   0.783   1.00 13.85 ? 79  LEU A CG  1 
ATOM   693  C CD1 . LEU A 1 99  ? -1.209  10.733  1.822   1.00 14.40 ? 79  LEU A CD1 1 
ATOM   694  C CD2 . LEU A 1 99  ? -1.394  10.274  -0.587  1.00 11.07 ? 79  LEU A CD2 1 
ATOM   695  N N   . ASN A 1 100 ? 0.333   5.292   0.697   1.00 8.85  ? 80  ASN A N   1 
ATOM   696  C CA  . ASN A 1 100 ? 1.286   4.205   0.555   1.00 14.32 ? 80  ASN A CA  1 
ATOM   697  C C   . ASN A 1 100 ? 1.099   3.459   -0.761  1.00 10.53 ? 80  ASN A C   1 
ATOM   698  O O   . ASN A 1 100 ? 2.082   3.113   -1.396  1.00 10.31 ? 80  ASN A O   1 
ATOM   699  C CB  . ASN A 1 100 ? 1.259   3.268   1.753   1.00 11.06 ? 80  ASN A CB  1 
ATOM   700  C CG  . ASN A 1 100 ? 2.090   3.795   2.900   1.00 13.49 ? 80  ASN A CG  1 
ATOM   701  O OD1 . ASN A 1 100 ? 3.328   3.813   2.831   1.00 14.23 ? 80  ASN A OD1 1 
ATOM   702  N ND2 . ASN A 1 100 ? 1.421   4.244   3.961   1.00 14.19 ? 80  ASN A ND2 1 
ATOM   703  N N   . ALA A 1 101 ? -0.156  3.286   -1.188  1.00 9.38  ? 81  ALA A N   1 
ATOM   704  C CA  . ALA A 1 101 ? -0.478  2.669   -2.475  1.00 12.80 ? 81  ALA A CA  1 
ATOM   705  C C   . ALA A 1 101 ? 0.128   3.433   -3.644  1.00 16.80 ? 81  ALA A C   1 
ATOM   706  O O   . ALA A 1 101 ? 0.644   2.827   -4.580  1.00 11.09 ? 81  ALA A O   1 
ATOM   707  C CB  . ALA A 1 101 ? -1.988  2.556   -2.666  1.00 11.75 ? 81  ALA A CB  1 
ATOM   708  N N   . LEU A 1 102 ? 0.017   4.760   -3.614  1.00 11.91 ? 82  LEU A N   1 
ATOM   709  C CA  . LEU A 1 102 ? 0.633   5.585   -4.656  1.00 11.03 ? 82  LEU A CA  1 
ATOM   710  C C   . LEU A 1 102 ? 2.159   5.452   -4.601  1.00 13.73 ? 82  LEU A C   1 
ATOM   711  O O   . LEU A 1 102 ? 2.811   5.421   -5.631  1.00 14.34 ? 82  LEU A O   1 
ATOM   712  C CB  . LEU A 1 102 ? 0.228   7.065   -4.539  1.00 11.48 ? 82  LEU A CB  1 
ATOM   713  C CG  . LEU A 1 102 ? -1.251  7.496   -4.575  1.00 15.86 ? 82  LEU A CG  1 
ATOM   714  C CD1 . LEU A 1 102 ? -1.437  9.005   -4.987  1.00 15.40 ? 82  LEU A CD1 1 
ATOM   715  C CD2 . LEU A 1 102 ? -2.080  6.585   -5.434  1.00 16.17 ? 82  LEU A CD2 1 
ATOM   716  N N   . VAL A 1 103 ? 2.736   5.398   -3.404  1.00 11.21 ? 83  VAL A N   1 
ATOM   717  C CA  . VAL A 1 103 ? 4.179   5.242   -3.324  1.00 13.24 ? 83  VAL A CA  1 
ATOM   718  C C   . VAL A 1 103 ? 4.583   3.871   -3.903  1.00 17.19 ? 83  VAL A C   1 
ATOM   719  O O   . VAL A 1 103 ? 5.459   3.801   -4.760  1.00 15.51 ? 83  VAL A O   1 
ATOM   720  C CB  . VAL A 1 103 ? 4.736   5.470   -1.909  1.00 13.96 ? 83  VAL A CB  1 
ATOM   721  C CG1 . VAL A 1 103 ? 6.243   5.207   -1.884  1.00 14.00 ? 83  VAL A CG1 1 
ATOM   722  C CG2 . VAL A 1 103 ? 4.452   6.901   -1.458  1.00 16.34 ? 83  VAL A CG2 1 
ATOM   723  N N   . ALA A 1 104 ? 3.901   2.803   -3.492  1.00 14.46 ? 84  ALA A N   1 
ATOM   724  C CA  . ALA A 1 104 ? 4.224   1.466   -4.009  1.00 15.86 ? 84  ALA A CA  1 
ATOM   725  C C   . ALA A 1 104 ? 4.126   1.400   -5.531  1.00 16.27 ? 84  ALA A C   1 
ATOM   726  O O   . ALA A 1 104 ? 5.035   0.928   -6.196  1.00 17.39 ? 84  ALA A O   1 
ATOM   727  C CB  . ALA A 1 104 ? 3.345   0.402   -3.372  1.00 10.91 ? 84  ALA A CB  1 
ATOM   728  N N   . ILE A 1 105 ? 3.020   1.886   -6.082  1.00 18.39 ? 85  ILE A N   1 
ATOM   729  C CA  . ILE A 1 105 ? 2.822   1.839   -7.524  1.00 17.41 ? 85  ILE A CA  1 
ATOM   730  C C   . ILE A 1 105 ? 3.933   2.579   -8.249  1.00 18.18 ? 85  ILE A C   1 
ATOM   731  O O   . ILE A 1 105 ? 4.420   2.137   -9.276  1.00 18.18 ? 85  ILE A O   1 
ATOM   732  C CB  . ILE A 1 105 ? 1.458   2.433   -7.933  1.00 17.32 ? 85  ILE A CB  1 
ATOM   733  C CG1 . ILE A 1 105 ? 0.328   1.522   -7.453  1.00 19.17 ? 85  ILE A CG1 1 
ATOM   734  C CG2 . ILE A 1 105 ? 1.395   2.640   -9.459  1.00 14.12 ? 85  ILE A CG2 1 
ATOM   735  C CD1 . ILE A 1 105 ? -1.083  2.090   -7.719  1.00 17.12 ? 85  ILE A CD1 1 
ATOM   736  N N   . ARG A 1 106 ? 4.337   3.709   -7.693  1.00 17.59 ? 86  ARG A N   1 
ATOM   737  C CA  . ARG A 1 106 ? 5.275   4.592   -8.364  1.00 20.98 ? 86  ARG A CA  1 
ATOM   738  C C   . ARG A 1 106 ? 6.757   4.234   -8.171  1.00 17.51 ? 86  ARG A C   1 
ATOM   739  O O   . ARG A 1 106 ? 7.534   4.353   -9.099  1.00 17.96 ? 86  ARG A O   1 
ATOM   740  C CB  . ARG A 1 106 ? 5.041   6.033   -7.896  1.00 20.52 ? 86  ARG A CB  1 
ATOM   741  C CG  . ARG A 1 106 ? 5.338   7.055   -8.957  1.00 27.13 ? 86  ARG A CG  1 
ATOM   742  C CD  . ARG A 1 106 ? 4.609   6.702   -10.250 1.00 37.14 ? 86  ARG A CD  1 
ATOM   743  N NE  . ARG A 1 106 ? 3.295   7.337   -10.386 1.00 30.19 ? 86  ARG A NE  1 
ATOM   744  C CZ  . ARG A 1 106 ? 2.413   7.022   -11.333 1.00 33.71 ? 86  ARG A CZ  1 
ATOM   745  N NH1 . ARG A 1 106 ? 2.687   6.061   -12.204 1.00 41.30 ? 86  ARG A NH1 1 
ATOM   746  N NH2 . ARG A 1 106 ? 1.249   7.659   -11.415 1.00 30.83 ? 86  ARG A NH2 1 
ATOM   747  N N   . TYR A 1 107 ? 7.139   3.807   -6.974  1.00 13.77 ? 87  TYR A N   1 
ATOM   748  C CA  . TYR A 1 107 ? 8.550   3.763   -6.600  1.00 16.69 ? 87  TYR A CA  1 
ATOM   749  C C   . TYR A 1 107 ? 9.049   2.443   -6.008  1.00 18.34 ? 87  TYR A C   1 
ATOM   750  O O   . TYR A 1 107 ? 10.240  2.315   -5.739  1.00 19.64 ? 87  TYR A O   1 
ATOM   751  C CB  . TYR A 1 107 ? 8.869   4.878   -5.584  1.00 18.14 ? 87  TYR A CB  1 
ATOM   752  C CG  . TYR A 1 107 ? 8.645   6.284   -6.100  1.00 18.39 ? 87  TYR A CG  1 
ATOM   753  C CD1 . TYR A 1 107 ? 7.677   7.096   -5.533  1.00 19.81 ? 87  TYR A CD1 1 
ATOM   754  C CD2 . TYR A 1 107 ? 9.379   6.792   -7.167  1.00 17.98 ? 87  TYR A CD2 1 
ATOM   755  C CE1 . TYR A 1 107 ? 7.456   8.374   -5.989  1.00 18.35 ? 87  TYR A CE1 1 
ATOM   756  C CE2 . TYR A 1 107 ? 9.161   8.088   -7.635  1.00 17.10 ? 87  TYR A CE2 1 
ATOM   757  C CZ  . TYR A 1 107 ? 8.195   8.874   -7.025  1.00 19.93 ? 87  TYR A CZ  1 
ATOM   758  O OH  . TYR A 1 107 ? 7.937   10.166  -7.447  1.00 18.49 ? 87  TYR A OH  1 
ATOM   759  N N   . LEU A 1 108 ? 8.167   1.469   -5.804  1.00 14.59 ? 88  LEU A N   1 
ATOM   760  C CA  . LEU A 1 108 ? 8.587   0.234   -5.158  1.00 16.40 ? 88  LEU A CA  1 
ATOM   761  C C   . LEU A 1 108 ? 9.272   -0.708  -6.138  1.00 15.63 ? 88  LEU A C   1 
ATOM   762  O O   . LEU A 1 108 ? 8.811   -0.891  -7.252  1.00 14.87 ? 88  LEU A O   1 
ATOM   763  C CB  . LEU A 1 108 ? 7.408   -0.474  -4.516  1.00 13.99 ? 88  LEU A CB  1 
ATOM   764  C CG  . LEU A 1 108 ? 7.772   -1.401  -3.359  1.00 23.02 ? 88  LEU A CG  1 
ATOM   765  C CD1 . LEU A 1 108 ? 8.061   -0.532  -2.125  1.00 18.45 ? 88  LEU A CD1 1 
ATOM   766  C CD2 . LEU A 1 108 ? 6.642   -2.396  -3.056  1.00 16.57 ? 88  LEU A CD2 1 
ATOM   767  N N   . LYS A 1 109 ? 10.380  -1.292  -5.724  1.00 16.09 ? 89  LYS A N   1 
ATOM   768  C CA  . LYS A 1 109 ? 11.050  -2.266  -6.570  1.00 20.74 ? 89  LYS A CA  1 
ATOM   769  C C   . LYS A 1 109 ? 10.115  -3.470  -6.682  1.00 18.46 ? 89  LYS A C   1 
ATOM   770  O O   . LYS A 1 109 ? 9.295   -3.699  -5.793  1.00 16.04 ? 89  LYS A O   1 
ATOM   771  C CB  . LYS A 1 109 ? 12.383  -2.712  -5.956  1.00 14.33 ? 89  LYS A CB  1 
ATOM   772  C CG  . LYS A 1 109 ? 13.383  -1.632  -5.770  1.00 17.25 ? 89  LYS A CG  1 
ATOM   773  C CD  . LYS A 1 109 ? 14.571  -2.141  -4.999  1.00 20.28 ? 89  LYS A CD  1 
ATOM   774  C CE  . LYS A 1 109 ? 15.651  -1.083  -4.916  1.00 22.94 ? 89  LYS A CE  1 
ATOM   775  N NZ  . LYS A 1 109 ? 16.835  -1.581  -4.184  1.00 27.13 ? 89  LYS A NZ  1 
ATOM   776  N N   . PRO A 1 110 ? 10.241  -4.247  -7.757  1.00 18.48 ? 90  PRO A N   1 
ATOM   777  C CA  . PRO A 1 110 ? 9.379   -5.427  -7.844  1.00 18.40 ? 90  PRO A CA  1 
ATOM   778  C C   . PRO A 1 110 ? 9.700   -6.343  -6.677  1.00 14.02 ? 90  PRO A C   1 
ATOM   779  O O   . PRO A 1 110 ? 10.853  -6.438  -6.291  1.00 15.50 ? 90  PRO A O   1 
ATOM   780  C CB  . PRO A 1 110 ? 9.765   -6.062  -9.192  1.00 26.25 ? 90  PRO A CB  1 
ATOM   781  C CG  . PRO A 1 110 ? 11.102  -5.481  -9.543  1.00 23.18 ? 90  PRO A CG  1 
ATOM   782  C CD  . PRO A 1 110 ? 11.220  -4.156  -8.854  1.00 21.96 ? 90  PRO A CD  1 
ATOM   783  N N   . GLN A 1 111 ? 8.680   -6.957  -6.092  1.00 14.77 ? 91  GLN A N   1 
ATOM   784  C CA  . GLN A 1 111 ? 8.824   -7.770  -4.886  1.00 16.30 ? 91  GLN A CA  1 
ATOM   785  C C   . GLN A 1 111 ? 8.710   -9.257  -5.226  1.00 19.05 ? 91  GLN A C   1 
ATOM   786  O O   . GLN A 1 111 ? 8.198   -9.620  -6.287  1.00 18.43 ? 91  GLN A O   1 
ATOM   787  C CB  . GLN A 1 111 ? 7.734   -7.399  -3.872  1.00 14.30 ? 91  GLN A CB  1 
ATOM   788  C CG  . GLN A 1 111 ? 7.864   -5.959  -3.365  1.00 20.62 ? 91  GLN A CG  1 
ATOM   789  C CD  . GLN A 1 111 ? 9.174   -5.740  -2.670  1.00 21.56 ? 91  GLN A CD  1 
ATOM   790  O OE1 . GLN A 1 111 ? 9.493   -6.445  -1.703  1.00 26.21 ? 91  GLN A OE1 1 
ATOM   791  N NE2 . GLN A 1 111 ? 9.968   -4.781  -3.169  1.00 19.18 ? 91  GLN A NE2 1 
ATOM   792  N N   . MET A 1 112 ? 9.174   -10.099 -4.310  1.00 17.78 ? 92  MET A N   1 
ATOM   793  C CA  . MET A 1 112 ? 9.065   -11.548 -4.456  1.00 23.05 ? 92  MET A CA  1 
ATOM   794  C C   . MET A 1 112 ? 7.701   -12.027 -3.989  1.00 22.97 ? 92  MET A C   1 
ATOM   795  O O   . MET A 1 112 ? 7.290   -11.731 -2.864  1.00 18.83 ? 92  MET A O   1 
ATOM   796  C CB  . MET A 1 112 ? 10.133  -12.251 -3.623  1.00 21.44 ? 92  MET A CB  1 
ATOM   797  C CG  . MET A 1 112 ? 10.152  -13.742 -3.812  1.00 25.68 ? 92  MET A CG  1 
ATOM   798  S SD  . MET A 1 112 ? 10.882  -14.182 -5.404  1.00 24.94 ? 92  MET A SD  1 
ATOM   799  C CE  . MET A 1 112 ? 10.499  -15.931 -5.447  1.00 32.89 ? 92  MET A CE  1 
ATOM   800  N N   . PRO A 1 113 ? 7.009   -12.799 -4.840  1.00 23.16 ? 93  PRO A N   1 
ATOM   801  C CA  . PRO A 1 113 ? 5.684   -13.370 -4.555  1.00 22.55 ? 93  PRO A CA  1 
ATOM   802  C C   . PRO A 1 113 ? 5.727   -14.266 -3.325  1.00 22.22 ? 93  PRO A C   1 
ATOM   803  O O   . PRO A 1 113 ? 6.618   -15.102 -3.234  1.00 26.55 ? 93  PRO A O   1 
ATOM   804  C CB  . PRO A 1 113 ? 5.397   -14.232 -5.792  1.00 25.63 ? 93  PRO A CB  1 
ATOM   805  C CG  . PRO A 1 113 ? 6.299   -13.708 -6.866  1.00 28.71 ? 93  PRO A CG  1 
ATOM   806  C CD  . PRO A 1 113 ? 7.519   -13.184 -6.170  1.00 21.38 ? 93  PRO A CD  1 
ATOM   807  N N   . LYS A 1 114 ? 4.766   -14.121 -2.417  1.00 19.20 ? 94  LYS A N   1 
ATOM   808  C CA  . LYS A 1 114 ? 4.688   -14.950 -1.215  1.00 25.62 ? 94  LYS A CA  1 
ATOM   809  C C   . LYS A 1 114 ? 3.463   -15.854 -1.315  1.00 22.93 ? 94  LYS A C   1 
ATOM   810  O O   . LYS A 1 114 ? 2.549   -15.557 -2.071  1.00 21.96 ? 94  LYS A O   1 
ATOM   811  C CB  . LYS A 1 114 ? 4.566   -14.065 0.034   1.00 25.92 ? 94  LYS A CB  1 
ATOM   812  C CG  . LYS A 1 114 ? 5.621   -12.963 0.160   1.00 24.86 ? 94  LYS A CG  1 
ATOM   813  C CD  . LYS A 1 114 ? 6.752   -13.398 1.066   1.00 33.82 ? 94  LYS A CD  1 
ATOM   814  C CE  . LYS A 1 114 ? 7.605   -12.216 1.535   1.00 43.85 ? 94  LYS A CE  1 
ATOM   815  N NZ  . LYS A 1 114 ? 6.911   -11.359 2.552   1.00 39.74 ? 94  LYS A NZ  1 
ATOM   816  N N   . SER A 1 115 ? 3.435   -16.940 -0.547  1.00 22.12 ? 95  SER A N   1 
ATOM   817  C CA  . SER A 1 115 ? 2.336   -17.912 -0.624  1.00 25.12 ? 95  SER A CA  1 
ATOM   818  C C   . SER A 1 115 ? 2.315   -18.894 0.556   1.00 26.39 ? 95  SER A C   1 
ATOM   819  O O   . SER A 1 115 ? 1.261   -19.206 1.084   1.00 28.23 ? 95  SER A O   1 
ATOM   820  C CB  . SER A 1 115 ? 2.395   -18.701 -1.939  1.00 25.26 ? 95  SER A CB  1 
ATOM   821  O OG  . SER A 1 115 ? 3.597   -19.461 -2.041  1.00 23.96 ? 95  SER A OG  1 
ATOM   822  N N   . TRP A 1 116 ? 3.492   -19.363 0.955   1.00 28.33 ? 96  TRP A N   1 
ATOM   823  C CA  . TRP A 1 116 ? 3.656   -20.417 1.957   1.00 30.19 ? 96  TRP A CA  1 
ATOM   824  C C   . TRP A 1 116 ? 2.808   -20.244 3.217   1.00 29.89 ? 96  TRP A C   1 
ATOM   825  O O   . TRP A 1 116 ? 2.229   -21.200 3.723   1.00 33.25 ? 96  TRP A O   1 
ATOM   826  C CB  . TRP A 1 116 ? 5.140   -20.508 2.342   1.00 36.64 ? 96  TRP A CB  1 
ATOM   827  C CG  . TRP A 1 116 ? 5.492   -21.689 3.171   1.00 46.66 ? 96  TRP A CG  1 
ATOM   828  C CD1 . TRP A 1 116 ? 5.686   -21.717 4.525   1.00 49.47 ? 96  TRP A CD1 1 
ATOM   829  C CD2 . TRP A 1 116 ? 5.704   -23.031 2.706   1.00 48.48 ? 96  TRP A CD2 1 
ATOM   830  N NE1 . TRP A 1 116 ? 6.006   -22.995 4.929   1.00 60.24 ? 96  TRP A NE1 1 
ATOM   831  C CE2 . TRP A 1 116 ? 6.023   -23.818 3.833   1.00 53.83 ? 96  TRP A CE2 1 
ATOM   832  C CE3 . TRP A 1 116 ? 5.653   -23.641 1.448   1.00 42.89 ? 96  TRP A CE3 1 
ATOM   833  C CZ2 . TRP A 1 116 ? 6.287   -25.185 3.737   1.00 54.87 ? 96  TRP A CZ2 1 
ATOM   834  C CZ3 . TRP A 1 116 ? 5.918   -24.994 1.355   1.00 44.05 ? 96  TRP A CZ3 1 
ATOM   835  C CH2 . TRP A 1 116 ? 6.229   -25.753 2.491   1.00 49.66 ? 96  TRP A CH2 1 
ATOM   836  N N   . HIS A 1 117 ? 2.744   -19.035 3.743   1.00 25.75 ? 97  HIS A N   1 
ATOM   837  C CA  . HIS A 1 117 ? 2.057   -18.837 5.012   1.00 32.68 ? 97  HIS A CA  1 
ATOM   838  C C   . HIS A 1 117 ? 0.567   -18.615 4.838   1.00 29.56 ? 97  HIS A C   1 
ATOM   839  O O   . HIS A 1 117 ? -0.145  -18.319 5.801   1.00 26.39 ? 97  HIS A O   1 
ATOM   840  C CB  . HIS A 1 117 ? 2.709   -17.702 5.802   1.00 34.12 ? 97  HIS A CB  1 
ATOM   841  C CG  . HIS A 1 117 ? 4.117   -18.005 6.211   1.00 46.38 ? 97  HIS A CG  1 
ATOM   842  N ND1 . HIS A 1 117 ? 5.187   -17.197 5.877   1.00 43.91 ? 97  HIS A ND1 1 
ATOM   843  C CD2 . HIS A 1 117 ? 4.635   -19.046 6.911   1.00 42.17 ? 97  HIS A CD2 1 
ATOM   844  C CE1 . HIS A 1 117 ? 6.297   -17.723 6.362   1.00 53.68 ? 97  HIS A CE1 1 
ATOM   845  N NE2 . HIS A 1 117 ? 5.991   -18.844 6.994   1.00 58.43 ? 97  HIS A NE2 1 
ATOM   846  N N   . PHE A 1 118 ? 0.096   -18.789 3.607   1.00 24.76 ? 98  PHE A N   1 
ATOM   847  C CA  . PHE A 1 118 ? -1.302  -18.529 3.317   1.00 25.63 ? 98  PHE A CA  1 
ATOM   848  C C   . PHE A 1 118 ? -2.029  -19.747 2.800   1.00 22.99 ? 98  PHE A C   1 
ATOM   849  O O   . PHE A 1 118 ? -1.504  -20.495 1.991   1.00 19.94 ? 98  PHE A O   1 
ATOM   850  C CB  . PHE A 1 118 ? -1.429  -17.381 2.319   1.00 20.53 ? 98  PHE A CB  1 
ATOM   851  C CG  . PHE A 1 118 ? -0.680  -16.137 2.736   1.00 28.00 ? 98  PHE A CG  1 
ATOM   852  C CD1 . PHE A 1 118 ? 0.213   -15.519 1.874   1.00 24.76 ? 98  PHE A CD1 1 
ATOM   853  C CD2 . PHE A 1 118 ? -0.871  -15.593 3.994   1.00 26.06 ? 98  PHE A CD2 1 
ATOM   854  C CE1 . PHE A 1 118 ? 0.892   -14.372 2.265   1.00 23.90 ? 98  PHE A CE1 1 
ATOM   855  C CE2 . PHE A 1 118 ? -0.198  -14.447 4.388   1.00 26.26 ? 98  PHE A CE2 1 
ATOM   856  C CZ  . PHE A 1 118 ? 0.680   -13.833 3.522   1.00 23.49 ? 98  PHE A CZ  1 
ATOM   857  N N   . VAL A 1 119 ? -3.253  -19.914 3.283   1.00 19.88 ? 99  VAL A N   1 
ATOM   858  C CA  . VAL A 1 119 ? -4.224  -20.856 2.746   1.00 19.69 ? 99  VAL A CA  1 
ATOM   859  C C   . VAL A 1 119 ? -4.429  -20.722 1.238   1.00 23.61 ? 99  VAL A C   1 
ATOM   860  O O   . VAL A 1 119 ? -4.602  -19.615 0.732   1.00 20.04 ? 99  VAL A O   1 
ATOM   861  C CB  . VAL A 1 119 ? -5.580  -20.642 3.430   1.00 19.51 ? 99  VAL A CB  1 
ATOM   862  C CG1 . VAL A 1 119 ? -6.689  -21.254 2.621   1.00 23.00 ? 99  VAL A CG1 1 
ATOM   863  C CG2 . VAL A 1 119 ? -5.542  -21.204 4.839   1.00 21.87 ? 99  VAL A CG2 1 
ATOM   864  N N   . SER A 1 120 ? -4.419  -21.855 0.532   1.00 16.93 ? 100 SER A N   1 
ATOM   865  C CA  . SER A 1 120 ? -4.669  -21.886 -0.900  1.00 18.56 ? 100 SER A CA  1 
ATOM   866  C C   . SER A 1 120 ? -6.127  -22.222 -1.188  1.00 23.07 ? 100 SER A C   1 
ATOM   867  O O   . SER A 1 120 ? -6.749  -22.977 -0.452  1.00 25.82 ? 100 SER A O   1 
ATOM   868  C CB  . SER A 1 120 ? -3.766  -22.927 -1.567  1.00 20.25 ? 100 SER A CB  1 
ATOM   869  O OG  . SER A 1 120 ? -4.048  -23.031 -2.948  1.00 26.78 ? 100 SER A OG  1 
ATOM   870  N N   . HIS A 1 121 ? -6.668  -21.688 -2.273  1.00 23.78 ? 101 HIS A N   1 
ATOM   871  C CA  . HIS A 1 121 ? -8.082  -21.863 -2.559  1.00 24.41 ? 101 HIS A CA  1 
ATOM   872  C C   . HIS A 1 121 ? -8.258  -22.687 -3.823  1.00 31.24 ? 101 HIS A C   1 
ATOM   873  O O   . HIS A 1 121 ? -9.362  -22.855 -4.333  1.00 40.53 ? 101 HIS A O   1 
ATOM   874  C CB  . HIS A 1 121 ? -8.780  -20.496 -2.649  1.00 27.88 ? 101 HIS A CB  1 
ATOM   875  C CG  . HIS A 1 121 ? -8.692  -19.692 -1.383  1.00 24.36 ? 101 HIS A CG  1 
ATOM   876  N ND1 . HIS A 1 121 ? -9.595  -19.828 -0.348  1.00 25.24 ? 101 HIS A ND1 1 
ATOM   877  C CD2 . HIS A 1 121 ? -7.812  -18.742 -0.988  1.00 24.52 ? 101 HIS A CD2 1 
ATOM   878  C CE1 . HIS A 1 121 ? -9.270  -19.005 0.632   1.00 18.83 ? 101 HIS A CE1 1 
ATOM   879  N NE2 . HIS A 1 121 ? -8.184  -18.338 0.273   1.00 21.65 ? 101 HIS A NE2 1 
ATOM   880  N N   . GLY A 1 122 ? -7.146  -23.222 -4.305  1.00 36.87 ? 102 GLY A N   1 
ATOM   881  C CA  . GLY A 1 122 ? -7.159  -24.174 -5.403  1.00 50.94 ? 102 GLY A CA  1 
ATOM   882  C C   . GLY A 1 122 ? -7.006  -23.474 -6.734  1.00 55.56 ? 102 GLY A C   1 
ATOM   883  O O   . GLY A 1 122 ? -5.959  -23.567 -7.384  1.00 61.66 ? 102 GLY A O   1 
ATOM   884  N N   . GLU A 1 123 ? -8.058  -22.769 -7.136  1.00 55.77 ? 103 GLU A N   1 
ATOM   885  C CA  . GLU A 1 123 ? -8.014  -21.946 -8.334  1.00 52.40 ? 103 GLU A CA  1 
ATOM   886  C C   . GLU A 1 123 ? -7.479  -20.586 -7.931  1.00 50.37 ? 103 GLU A C   1 
ATOM   887  O O   . GLU A 1 123 ? -7.471  -20.245 -6.747  1.00 49.96 ? 103 GLU A O   1 
ATOM   888  C CB  . GLU A 1 123 ? -9.416  -21.796 -8.944  1.00 57.96 ? 103 GLU A CB  1 
ATOM   889  C CG  . GLU A 1 123 ? -10.304 -20.745 -8.260  1.00 52.10 ? 103 GLU A CG  1 
ATOM   890  C CD  . GLU A 1 123 ? -11.075 -21.298 -7.070  1.00 54.49 ? 103 GLU A CD  1 
ATOM   891  O OE1 . GLU A 1 123 ? -10.775 -22.426 -6.610  1.00 55.41 ? 103 GLU A OE1 1 
ATOM   892  O OE2 . GLU A 1 123 ? -11.994 -20.600 -6.600  1.00 50.38 ? 103 GLU A OE2 1 
ATOM   893  N N   . MET A 1 124 ? -7.023  -19.804 -8.901  1.00 51.18 ? 104 MET A N   1 
ATOM   894  C CA  . MET A 1 124 ? -6.612  -18.441 -8.589  1.00 45.05 ? 104 MET A CA  1 
ATOM   895  C C   . MET A 1 124 ? -7.650  -17.396 -9.013  1.00 51.22 ? 104 MET A C   1 
ATOM   896  O O   . MET A 1 124 ? -8.062  -17.355 -10.174 1.00 53.63 ? 104 MET A O   1 
ATOM   897  C CB  . MET A 1 124 ? -5.221  -18.111 -9.143  1.00 38.51 ? 104 MET A CB  1 
ATOM   898  C CG  . MET A 1 124 ? -4.754  -18.936 -10.331 1.00 43.80 ? 104 MET A CG  1 
ATOM   899  S SD  . MET A 1 124 ? -3.264  -18.236 -11.115 1.00 60.81 ? 104 MET A SD  1 
ATOM   900  C CE  . MET A 1 124 ? -3.900  -16.629 -11.617 1.00 39.55 ? 104 MET A CE  1 
ATOM   901  N N   . TRP A 1 125 ? -8.092  -16.590 -8.042  1.00 52.54 ? 105 TRP A N   1 
ATOM   902  C CA  . TRP A 1 125 ? -8.938  -15.415 -8.287  1.00 42.05 ? 105 TRP A CA  1 
ATOM   903  C C   . TRP A 1 125 ? -8.035  -14.349 -8.890  1.00 35.48 ? 105 TRP A C   1 
ATOM   904  O O   . TRP A 1 125 ? -6.887  -14.203 -8.459  1.00 44.34 ? 105 TRP A O   1 
ATOM   905  C CB  . TRP A 1 125 ? -9.543  -14.909 -6.964  1.00 42.12 ? 105 TRP A CB  1 
ATOM   906  C CG  . TRP A 1 125 ? -10.218 -13.557 -7.044  1.00 39.04 ? 105 TRP A CG  1 
ATOM   907  C CD1 . TRP A 1 125 ? -11.274 -13.224 -7.845  1.00 38.67 ? 105 TRP A CD1 1 
ATOM   908  C CD2 . TRP A 1 125 ? -9.909  -12.377 -6.280  1.00 36.93 ? 105 TRP A CD2 1 
ATOM   909  N NE1 . TRP A 1 125 ? -11.625 -11.918 -7.650  1.00 43.32 ? 105 TRP A NE1 1 
ATOM   910  C CE2 . TRP A 1 125 ? -10.810 -11.371 -6.694  1.00 39.98 ? 105 TRP A CE2 1 
ATOM   911  C CE3 . TRP A 1 125 ? -8.959  -12.069 -5.301  1.00 30.33 ? 105 TRP A CE3 1 
ATOM   912  C CZ2 . TRP A 1 125 ? -10.800 -10.093 -6.162  1.00 28.05 ? 105 TRP A CZ2 1 
ATOM   913  C CZ3 . TRP A 1 125 ? -8.943  -10.802 -4.780  1.00 27.26 ? 105 TRP A CZ3 1 
ATOM   914  C CH2 . TRP A 1 125 ? -9.861  -9.823  -5.210  1.00 29.00 ? 105 TRP A CH2 1 
ATOM   915  N N   . VAL A 1 126 ? -8.520  -13.607 -9.882  1.00 44.68 ? 106 VAL A N   1 
ATOM   916  C CA  . VAL A 1 126 ? -7.714  -12.521 -10.450 1.00 38.01 ? 106 VAL A CA  1 
ATOM   917  C C   . VAL A 1 126 ? -8.165  -11.154 -9.935  1.00 38.55 ? 106 VAL A C   1 
ATOM   918  O O   . VAL A 1 126 ? -9.210  -10.618 -10.326 1.00 37.31 ? 106 VAL A O   1 
ATOM   919  C CB  . VAL A 1 126 ? -7.649  -12.551 -11.994 1.00 51.29 ? 106 VAL A CB  1 
ATOM   920  C CG1 . VAL A 1 126 ? -7.095  -11.235 -12.544 1.00 47.43 ? 106 VAL A CG1 1 
ATOM   921  C CG2 . VAL A 1 126 ? -6.801  -13.724 -12.476 1.00 49.32 ? 106 VAL A CG2 1 
ATOM   922  N N   . PRO A 1 127 ? -7.366  -10.581 -9.038  1.00 38.28 ? 107 PRO A N   1 
ATOM   923  C CA  . PRO A 1 127 ? -7.726  -9.285  -8.461  1.00 37.82 ? 107 PRO A CA  1 
ATOM   924  C C   . PRO A 1 127 ? -7.506  -8.154  -9.455  1.00 34.29 ? 107 PRO A C   1 
ATOM   925  O O   . PRO A 1 127 ? -6.744  -8.278  -10.416 1.00 35.55 ? 107 PRO A O   1 
ATOM   926  C CB  . PRO A 1 127 ? -6.746  -9.153  -7.294  1.00 32.53 ? 107 PRO A CB  1 
ATOM   927  C CG  . PRO A 1 127 ? -5.561  -9.950  -7.723  1.00 26.76 ? 107 PRO A CG  1 
ATOM   928  C CD  . PRO A 1 127 ? -6.131  -11.126 -8.445  1.00 31.87 ? 107 PRO A CD  1 
ATOM   929  N N   . MET A 1 128 ? -8.197  -7.052  -9.231  1.00 32.47 ? 108 MET A N   1 
ATOM   930  C CA  . MET A 1 128 ? -7.898  -5.841  -9.965  1.00 34.51 ? 108 MET A CA  1 
ATOM   931  C C   . MET A 1 128 ? -7.466  -4.768  -8.973  1.00 26.31 ? 108 MET A C   1 
ATOM   932  O O   . MET A 1 128 ? -7.799  -4.858  -7.783  1.00 26.80 ? 108 MET A O   1 
ATOM   933  C CB  . MET A 1 128 ? -9.106  -5.407  -10.790 1.00 36.17 ? 108 MET A CB  1 
ATOM   934  C CG  . MET A 1 128 ? -9.204  -6.147  -12.122 1.00 42.40 ? 108 MET A CG  1 
ATOM   935  S SD  . MET A 1 128 ? -10.262 -5.296  -13.305 1.00 80.85 ? 108 MET A SD  1 
ATOM   936  C CE  . MET A 1 128 ? -9.623  -3.615  -13.208 1.00 51.51 ? 108 MET A CE  1 
ATOM   937  N N   . PRO A 1 129 ? -6.691  -3.775  -9.446  1.00 27.21 ? 109 PRO A N   1 
ATOM   938  C CA  . PRO A 1 129 ? -6.228  -2.685  -8.583  1.00 26.88 ? 109 PRO A CA  1 
ATOM   939  C C   . PRO A 1 129 ? -7.420  -2.055  -7.889  1.00 21.99 ? 109 PRO A C   1 
ATOM   940  O O   . PRO A 1 129 ? -8.489  -1.964  -8.485  1.00 22.40 ? 109 PRO A O   1 
ATOM   941  C CB  . PRO A 1 129 ? -5.590  -1.714  -9.578  1.00 26.67 ? 109 PRO A CB  1 
ATOM   942  C CG  . PRO A 1 129 ? -5.074  -2.617  -10.655 1.00 30.75 ? 109 PRO A CG  1 
ATOM   943  C CD  . PRO A 1 129 ? -6.144  -3.660  -10.812 1.00 28.13 ? 109 PRO A CD  1 
ATOM   944  N N   . GLY A 1 130 ? -7.257  -1.654  -6.635  1.00 23.03 ? 110 GLY A N   1 
ATOM   945  C CA  . GLY A 1 130 ? -8.377  -1.115  -5.878  1.00 18.49 ? 110 GLY A CA  1 
ATOM   946  C C   . GLY A 1 130 ? -9.215  -2.145  -5.125  1.00 19.70 ? 110 GLY A C   1 
ATOM   947  O O   . GLY A 1 130 ? -9.915  -1.791  -4.182  1.00 19.32 ? 110 GLY A O   1 
ATOM   948  N N   . ASP A 1 131 ? -9.160  -3.418  -5.518  1.00 22.04 ? 111 ASP A N   1 
ATOM   949  C CA  . ASP A 1 131 ? -9.959  -4.446  -4.832  1.00 20.49 ? 111 ASP A CA  1 
ATOM   950  C C   . ASP A 1 131 ? -9.575  -4.641  -3.368  1.00 21.48 ? 111 ASP A C   1 
ATOM   951  O O   . ASP A 1 131 ? -8.390  -4.626  -3.014  1.00 21.42 ? 111 ASP A O   1 
ATOM   952  C CB  . ASP A 1 131 ? -9.878  -5.800  -5.537  1.00 25.42 ? 111 ASP A CB  1 
ATOM   953  C CG  . ASP A 1 131 ? -10.691 -5.861  -6.809  1.00 30.24 ? 111 ASP A CG  1 
ATOM   954  O OD1 . ASP A 1 131 ? -10.581 -6.821  -7.572  1.00 33.55 ? 111 ASP A OD1 1 
ATOM   955  O OD2 . ASP A 1 131 ? -11.515 -4.845  -7.047  1.00 29.20 ? 111 ASP A OD2 1 
ATOM   956  N N   . ALA A 1 132 ? -10.592 -4.824  -2.529  1.00 18.91 ? 112 ALA A N   1 
ATOM   957  C CA  . ALA A 1 132 ? -10.423 -5.298  -1.165  1.00 20.99 ? 112 ALA A CA  1 
ATOM   958  C C   . ALA A 1 132 ? -10.264 -6.818  -1.208  1.00 20.59 ? 112 ALA A C   1 
ATOM   959  O O   . ALA A 1 132 ? -11.059 -7.518  -1.827  1.00 24.55 ? 112 ALA A O   1 
ATOM   960  C CB  . ALA A 1 132 ? -11.646 -4.923  -0.322  1.00 18.97 ? 112 ALA A CB  1 
ATOM   961  N N   . ALA A 1 133 ? -9.251  -7.336  -0.531  1.00 23.01 ? 113 ALA A N   1 
ATOM   962  C CA  . ALA A 1 133 ? -8.907  -8.740  -0.678  1.00 23.29 ? 113 ALA A CA  1 
ATOM   963  C C   . ALA A 1 133 ? -8.563  -9.301  0.693   1.00 24.41 ? 113 ALA A C   1 
ATOM   964  O O   . ALA A 1 133 ? -8.346  -8.530  1.621   1.00 19.41 ? 113 ALA A O   1 
ATOM   965  C CB  . ALA A 1 133 ? -7.730  -8.882  -1.650  1.00 19.03 ? 113 ALA A CB  1 
ATOM   966  N N   . CYS A 1 134 ? -8.517  -10.631 0.816   1.00 22.54 ? 114 CYS A N   1 
ATOM   967  C CA  . CYS A 1 134 ? -8.253  -11.292 2.100   1.00 22.50 ? 114 CYS A CA  1 
ATOM   968  C C   . CYS A 1 134 ? -7.307  -12.457 1.893   1.00 21.96 ? 114 CYS A C   1 
ATOM   969  O O   . CYS A 1 134 ? -7.354  -13.105 0.874   1.00 16.55 ? 114 CYS A O   1 
ATOM   970  C CB  . CYS A 1 134 ? -9.533  -11.914 2.691   1.00 29.80 ? 114 CYS A CB  1 
ATOM   971  S SG  . CYS A 1 134 ? -10.887 -10.834 3.137   1.00 40.73 ? 114 CYS A SG  1 
ATOM   972  N N   . VAL A 1 135 ? -6.476  -12.736 2.888   1.00 26.53 ? 115 VAL A N   1 
ATOM   973  C CA  . VAL A 1 135 ? -5.810  -14.035 2.999   1.00 23.76 ? 115 VAL A CA  1 
ATOM   974  C C   . VAL A 1 135 ? -6.141  -14.621 4.368   1.00 24.41 ? 115 VAL A C   1 
ATOM   975  O O   . VAL A 1 135 ? -6.573  -13.912 5.276   1.00 22.74 ? 115 VAL A O   1 
ATOM   976  C CB  . VAL A 1 135 ? -4.252  -13.950 2.844   1.00 27.79 ? 115 VAL A CB  1 
ATOM   977  C CG1 . VAL A 1 135 ? -3.863  -13.455 1.458   1.00 27.26 ? 115 VAL A CG1 1 
ATOM   978  C CG2 . VAL A 1 135 ? -3.620  -13.063 3.936   1.00 21.56 ? 115 VAL A CG2 1 
ATOM   979  N N   . TRP A 1 136 ? -5.969  -15.925 4.497   1.00 19.23 ? 116 TRP A N   1 
ATOM   980  C CA  . TRP A 1 136 ? -6.068  -16.597 5.778   1.00 17.98 ? 116 TRP A CA  1 
ATOM   981  C C   . TRP A 1 136 ? -4.705  -17.260 6.095   1.00 23.97 ? 116 TRP A C   1 
ATOM   982  O O   . TRP A 1 136 ? -4.094  -17.885 5.221   1.00 21.61 ? 116 TRP A O   1 
ATOM   983  C CB  . TRP A 1 136 ? -7.198  -17.629 5.725   1.00 17.85 ? 116 TRP A CB  1 
ATOM   984  C CG  . TRP A 1 136 ? -8.563  -17.023 5.693   1.00 22.31 ? 116 TRP A CG  1 
ATOM   985  C CD1 . TRP A 1 136 ? -9.391  -16.827 6.773   1.00 18.65 ? 116 TRP A CD1 1 
ATOM   986  C CD2 . TRP A 1 136 ? -9.273  -16.516 4.543   1.00 21.76 ? 116 TRP A CD2 1 
ATOM   987  N NE1 . TRP A 1 136 ? -10.555 -16.227 6.366   1.00 20.55 ? 116 TRP A NE1 1 
ATOM   988  C CE2 . TRP A 1 136 ? -10.513 -16.024 5.010   1.00 25.08 ? 116 TRP A CE2 1 
ATOM   989  C CE3 . TRP A 1 136 ? -8.981  -16.430 3.172   1.00 17.75 ? 116 TRP A CE3 1 
ATOM   990  C CZ2 . TRP A 1 136 ? -11.469 -15.455 4.152   1.00 19.85 ? 116 TRP A CZ2 1 
ATOM   991  C CZ3 . TRP A 1 136 ? -9.924  -15.872 2.322   1.00 22.08 ? 116 TRP A CZ3 1 
ATOM   992  C CH2 . TRP A 1 136 ? -11.163 -15.389 2.821   1.00 23.23 ? 116 TRP A CH2 1 
ATOM   993  N N   . LEU A 1 137 ? -4.209  -17.089 7.318   1.00 21.09 ? 117 LEU A N   1 
ATOM   994  C CA  . LEU A 1 137 ? -2.935  -17.687 7.695   1.00 24.64 ? 117 LEU A CA  1 
ATOM   995  C C   . LEU A 1 137 ? -3.109  -19.200 7.815   1.00 25.77 ? 117 LEU A C   1 
ATOM   996  O O   . LEU A 1 137 ? -4.133  -19.683 8.310   1.00 24.43 ? 117 LEU A O   1 
ATOM   997  C CB  . LEU A 1 137 ? -2.399  -17.087 9.000   1.00 24.95 ? 117 LEU A CB  1 
ATOM   998  C CG  . LEU A 1 137 ? -2.387  -15.552 9.059   1.00 28.86 ? 117 LEU A CG  1 
ATOM   999  C CD1 . LEU A 1 137 ? -1.861  -15.041 10.382  1.00 24.64 ? 117 LEU A CD1 1 
ATOM   1000 C CD2 . LEU A 1 137 ? -1.583  -14.965 7.891   1.00 26.44 ? 117 LEU A CD2 1 
ATOM   1001 N N   . SER A 1 138 ? -2.106  -19.938 7.344   1.00 31.06 ? 118 SER A N   1 
ATOM   1002 C CA  . SER A 1 138 ? -2.175  -21.400 7.288   1.00 27.92 ? 118 SER A CA  1 
ATOM   1003 C C   . SER A 1 138 ? -2.437  -22.052 8.642   1.00 34.19 ? 118 SER A C   1 
ATOM   1004 O O   . SER A 1 138 ? -3.232  -22.987 8.736   1.00 39.13 ? 118 SER A O   1 
ATOM   1005 C CB  . SER A 1 138 ? -0.908  -21.970 6.653   1.00 30.55 ? 118 SER A CB  1 
ATOM   1006 O OG  . SER A 1 138 ? 0.249   -21.372 7.203   1.00 37.87 ? 118 SER A OG  1 
ATOM   1007 N N   . ASP A 1 139 ? -1.808  -21.543 9.697   1.00 32.82 ? 119 ASP A N   1 
ATOM   1008 C CA  . ASP A 1 139 ? -1.978  -22.154 11.014  1.00 39.15 ? 119 ASP A CA  1 
ATOM   1009 C C   . ASP A 1 139 ? -3.247  -21.720 11.763  1.00 38.93 ? 119 ASP A C   1 
ATOM   1010 O O   . ASP A 1 139 ? -4.101  -22.559 12.069  1.00 40.54 ? 119 ASP A O   1 
ATOM   1011 C CB  . ASP A 1 139 ? -0.737  -21.946 11.894  1.00 43.78 ? 119 ASP A CB  1 
ATOM   1012 C CG  . ASP A 1 139 ? -0.398  -20.471 12.113  1.00 44.77 ? 119 ASP A CG  1 
ATOM   1013 O OD1 . ASP A 1 139 ? -0.380  -19.690 11.137  1.00 44.56 ? 119 ASP A OD1 1 
ATOM   1014 O OD2 . ASP A 1 139 ? -0.133  -20.100 13.274  1.00 47.66 ? 119 ASP A OD2 1 
ATOM   1015 N N   . THR A 1 140 ? -3.372  -20.425 12.054  1.00 38.59 ? 120 THR A N   1 
ATOM   1016 C CA  . THR A 1 140 ? -4.480  -19.908 12.863  1.00 32.42 ? 120 THR A CA  1 
ATOM   1017 C C   . THR A 1 140 ? -5.794  -19.804 12.083  1.00 32.00 ? 120 THR A C   1 
ATOM   1018 O O   . THR A 1 140 ? -6.874  -19.761 12.673  1.00 34.48 ? 120 THR A O   1 
ATOM   1019 C CB  . THR A 1 140 ? -4.140  -18.513 13.452  1.00 37.92 ? 120 THR A CB  1 
ATOM   1020 O OG1 . THR A 1 140 ? -4.043  -17.551 12.394  1.00 39.09 ? 120 THR A OG1 1 
ATOM   1021 C CG2 . THR A 1 140 ? -2.820  -18.550 14.206  1.00 38.10 ? 120 THR A CG2 1 
ATOM   1022 N N   . HIS A 1 141 ? -5.690  -19.759 10.753  1.00 32.12 ? 121 HIS A N   1 
ATOM   1023 C CA  . HIS A 1 141 ? -6.823  -19.422 9.881   1.00 33.19 ? 121 HIS A CA  1 
ATOM   1024 C C   . HIS A 1 141 ? -7.353  -18.007 10.153  1.00 25.66 ? 121 HIS A C   1 
ATOM   1025 O O   . HIS A 1 141 ? -8.480  -17.664 9.782   1.00 28.24 ? 121 HIS A O   1 
ATOM   1026 C CB  . HIS A 1 141 ? -7.958  -20.451 9.975   1.00 29.46 ? 121 HIS A CB  1 
ATOM   1027 C CG  . HIS A 1 141 ? -7.507  -21.869 9.820   1.00 36.51 ? 121 HIS A CG  1 
ATOM   1028 N ND1 . HIS A 1 141 ? -6.918  -22.350 8.664   1.00 39.13 ? 121 HIS A ND1 1 
ATOM   1029 C CD2 . HIS A 1 141 ? -7.553  -22.917 10.679  1.00 31.88 ? 121 HIS A CD2 1 
ATOM   1030 C CE1 . HIS A 1 141 ? -6.628  -23.630 8.824   1.00 37.40 ? 121 HIS A CE1 1 
ATOM   1031 N NE2 . HIS A 1 141 ? -7.004  -23.997 10.032  1.00 36.05 ? 121 HIS A NE2 1 
ATOM   1032 N N   . GLU A 1 142 ? -6.524  -17.192 10.789  1.00 24.81 ? 122 GLU A N   1 
ATOM   1033 C CA  . GLU A 1 142 ? -6.832  -15.779 11.001  1.00 33.50 ? 122 GLU A CA  1 
ATOM   1034 C C   . GLU A 1 142 ? -7.004  -15.025 9.680   1.00 26.26 ? 122 GLU A C   1 
ATOM   1035 O O   . GLU A 1 142 ? -6.130  -15.069 8.817   1.00 25.11 ? 122 GLU A O   1 
ATOM   1036 C CB  . GLU A 1 142 ? -5.700  -15.159 11.803  1.00 31.61 ? 122 GLU A CB  1 
ATOM   1037 C CG  . GLU A 1 142 ? -5.619  -13.652 11.775  1.00 38.01 ? 122 GLU A CG  1 
ATOM   1038 C CD  . GLU A 1 142 ? -4.471  -13.145 12.622  1.00 34.63 ? 122 GLU A CD  1 
ATOM   1039 O OE1 . GLU A 1 142 ? -3.746  -13.990 13.174  1.00 39.41 ? 122 GLU A OE1 1 
ATOM   1040 O OE2 . GLU A 1 142 ? -4.287  -11.917 12.739  1.00 43.12 ? 122 GLU A OE2 1 
ATOM   1041 N N   . GLN A 1 143 ? -8.135  -14.353 9.507   1.00 28.38 ? 123 GLN A N   1 
ATOM   1042 C CA  . GLN A 1 143 ? -8.339  -13.555 8.300   1.00 30.59 ? 123 GLN A CA  1 
ATOM   1043 C C   . GLN A 1 143 ? -7.500  -12.278 8.317   1.00 25.22 ? 123 GLN A C   1 
ATOM   1044 O O   . GLN A 1 143 ? -7.410  -11.608 9.343   1.00 30.31 ? 123 GLN A O   1 
ATOM   1045 C CB  . GLN A 1 143 ? -9.816  -13.230 8.088   1.00 27.48 ? 123 GLN A CB  1 
ATOM   1046 C CG  . GLN A 1 143 ? -10.089 -12.499 6.788   1.00 25.47 ? 123 GLN A CG  1 
ATOM   1047 C CD  . GLN A 1 143 ? -11.563 -12.299 6.534   1.00 39.55 ? 123 GLN A CD  1 
ATOM   1048 O OE1 . GLN A 1 143 ? -11.984 -11.258 6.034   1.00 47.80 ? 123 GLN A OE1 1 
ATOM   1049 N NE2 . GLN A 1 143 ? -12.359 -13.300 6.874   1.00 41.99 ? 123 GLN A NE2 1 
ATOM   1050 N N   . VAL A 1 144 ? -6.854  -11.978 7.188   1.00 23.21 ? 124 VAL A N   1 
ATOM   1051 C CA  . VAL A 1 144 ? -6.065  -10.750 7.034   1.00 24.94 ? 124 VAL A CA  1 
ATOM   1052 C C   . VAL A 1 144 ? -6.556  -9.937  5.842   1.00 23.24 ? 124 VAL A C   1 
ATOM   1053 O O   . VAL A 1 144 ? -6.611  -10.441 4.725   1.00 21.55 ? 124 VAL A O   1 
ATOM   1054 C CB  . VAL A 1 144 ? -4.570  -11.038 6.806   1.00 25.09 ? 124 VAL A CB  1 
ATOM   1055 C CG1 . VAL A 1 144 ? -3.757  -9.757  6.948   1.00 21.11 ? 124 VAL A CG1 1 
ATOM   1056 C CG2 . VAL A 1 144 ? -4.057  -12.131 7.750   1.00 21.14 ? 124 VAL A CG2 1 
ATOM   1057 N N   . ASN A 1 145 ? -6.893  -8.675  6.091   1.00 24.68 ? 125 ASN A N   1 
ATOM   1058 C CA  . ASN A 1 145 ? -7.439  -7.767  5.076   1.00 21.74 ? 125 ASN A CA  1 
ATOM   1059 C C   . ASN A 1 145 ? -6.373  -7.027  4.263   1.00 17.37 ? 125 ASN A C   1 
ATOM   1060 O O   . ASN A 1 145 ? -5.411  -6.511  4.817   1.00 14.85 ? 125 ASN A O   1 
ATOM   1061 C CB  . ASN A 1 145 ? -8.331  -6.709  5.728   1.00 21.44 ? 125 ASN A CB  1 
ATOM   1062 C CG  . ASN A 1 145 ? -9.585  -7.302  6.341   1.00 21.97 ? 125 ASN A CG  1 
ATOM   1063 O OD1 . ASN A 1 145 ? -10.067 -6.830  7.371   1.00 18.73 ? 125 ASN A OD1 1 
ATOM   1064 N ND2 . ASN A 1 145 ? -10.118 -8.340  5.707   1.00 19.41 ? 125 ASN A ND2 1 
ATOM   1065 N N   . LEU A 1 146 ? -6.572  -6.933  2.956   1.00 16.75 ? 126 LEU A N   1 
ATOM   1066 C CA  . LEU A 1 146 ? -5.550  -6.376  2.074   1.00 17.32 ? 126 LEU A CA  1 
ATOM   1067 C C   . LEU A 1 146 ? -6.143  -5.437  1.048   1.00 12.93 ? 126 LEU A C   1 
ATOM   1068 O O   . LEU A 1 146 ? -7.320  -5.549  0.704   1.00 15.28 ? 126 LEU A O   1 
ATOM   1069 C CB  . LEU A 1 146 ? -4.826  -7.499  1.324   1.00 14.43 ? 126 LEU A CB  1 
ATOM   1070 C CG  . LEU A 1 146 ? -4.193  -8.550  2.224   1.00 20.79 ? 126 LEU A CG  1 
ATOM   1071 C CD1 . LEU A 1 146 ? -3.906  -9.859  1.441   1.00 18.39 ? 126 LEU A CD1 1 
ATOM   1072 C CD2 . LEU A 1 146 ? -2.931  -7.973  2.846   1.00 16.29 ? 126 LEU A CD2 1 
ATOM   1073 N N   . LEU A 1 147 ? -5.313  -4.524  0.553   1.00 11.11 ? 127 LEU A N   1 
ATOM   1074 C CA  . LEU A 1 147 ? -5.691  -3.665  -0.555  1.00 14.48 ? 127 LEU A CA  1 
ATOM   1075 C C   . LEU A 1 147 ? -4.843  -4.101  -1.718  1.00 13.00 ? 127 LEU A C   1 
ATOM   1076 O O   . LEU A 1 147 ? -3.616  -4.070  -1.604  1.00 15.11 ? 127 LEU A O   1 
ATOM   1077 C CB  . LEU A 1 147 ? -5.388  -2.190  -0.227  1.00 9.47  ? 127 LEU A CB  1 
ATOM   1078 C CG  . LEU A 1 147 ? -5.512  -1.197  -1.394  1.00 12.42 ? 127 LEU A CG  1 
ATOM   1079 C CD1 . LEU A 1 147 ? -6.970  -1.076  -1.899  1.00 13.31 ? 127 LEU A CD1 1 
ATOM   1080 C CD2 . LEU A 1 147 ? -4.959  0.179   -1.024  1.00 8.75  ? 127 LEU A CD2 1 
ATOM   1081 N N   . VAL A 1 148 ? -5.466  -4.530  -2.821  1.00 18.50 ? 128 VAL A N   1 
ATOM   1082 C CA  . VAL A 1 148 ? -4.712  -4.818  -4.052  1.00 17.51 ? 128 VAL A CA  1 
ATOM   1083 C C   . VAL A 1 148 ? -4.336  -3.494  -4.721  1.00 19.93 ? 128 VAL A C   1 
ATOM   1084 O O   . VAL A 1 148 ? -5.197  -2.626  -4.935  1.00 15.41 ? 128 VAL A O   1 
ATOM   1085 C CB  . VAL A 1 148 ? -5.489  -5.693  -5.083  1.00 17.09 ? 128 VAL A CB  1 
ATOM   1086 C CG1 . VAL A 1 148 ? -4.635  -5.907  -6.349  1.00 16.36 ? 128 VAL A CG1 1 
ATOM   1087 C CG2 . VAL A 1 148 ? -5.893  -7.036  -4.491  1.00 17.35 ? 128 VAL A CG2 1 
ATOM   1088 N N   . VAL A 1 149 ? -3.050  -3.346  -5.045  1.00 15.03 ? 129 VAL A N   1 
ATOM   1089 C CA  . VAL A 1 149 ? -2.554  -2.134  -5.672  1.00 17.93 ? 129 VAL A CA  1 
ATOM   1090 C C   . VAL A 1 149 ? -2.111  -2.383  -7.123  1.00 21.51 ? 129 VAL A C   1 
ATOM   1091 O O   . VAL A 1 149 ? -2.260  -1.517  -7.973  1.00 20.66 ? 129 VAL A O   1 
ATOM   1092 C CB  . VAL A 1 149 ? -1.456  -1.438  -4.817  1.00 19.91 ? 129 VAL A CB  1 
ATOM   1093 C CG1 . VAL A 1 149 ? -1.903  -1.371  -3.370  1.00 17.97 ? 129 VAL A CG1 1 
ATOM   1094 C CG2 . VAL A 1 149 ? -0.141  -2.188  -4.892  1.00 22.72 ? 129 VAL A CG2 1 
ATOM   1095 N N   . GLU A 1 150 ? -1.596  -3.572  -7.411  1.00 19.70 ? 130 GLU A N   1 
ATOM   1096 C CA  . GLU A 1 150 ? -1.447  -3.995  -8.804  1.00 21.78 ? 130 GLU A CA  1 
ATOM   1097 C C   . GLU A 1 150 ? -1.536  -5.502  -8.929  1.00 22.49 ? 130 GLU A C   1 
ATOM   1098 O O   . GLU A 1 150 ? -1.196  -6.227  -7.996  1.00 21.96 ? 130 GLU A O   1 
ATOM   1099 C CB  . GLU A 1 150 ? -0.164  -3.448  -9.439  1.00 29.84 ? 130 GLU A CB  1 
ATOM   1100 C CG  . GLU A 1 150 ? 1.127   -3.880  -8.792  1.00 28.92 ? 130 GLU A CG  1 
ATOM   1101 C CD  . GLU A 1 150 ? 2.314   -3.077  -9.300  1.00 31.75 ? 130 GLU A CD  1 
ATOM   1102 O OE1 . GLU A 1 150 ? 2.150   -1.866  -9.542  1.00 34.32 ? 130 GLU A OE1 1 
ATOM   1103 O OE2 . GLU A 1 150 ? 3.405   -3.661  -9.475  1.00 40.84 ? 130 GLU A OE2 1 
ATOM   1104 N N   . SER A 1 151 ? -2.016  -5.974  -10.073 1.00 25.75 ? 131 SER A N   1 
ATOM   1105 C CA  . SER A 1 151 ? -2.242  -7.402  -10.259 1.00 25.16 ? 131 SER A CA  1 
ATOM   1106 C C   . SER A 1 151 ? -1.493  -7.959  -11.458 1.00 28.76 ? 131 SER A C   1 
ATOM   1107 O O   . SER A 1 151 ? -1.413  -7.320  -12.504 1.00 28.76 ? 131 SER A O   1 
ATOM   1108 C CB  . SER A 1 151 ? -3.722  -7.661  -10.438 1.00 27.91 ? 131 SER A CB  1 
ATOM   1109 O OG  . SER A 1 151 ? -4.277  -6.673  -11.289 1.00 37.80 ? 131 SER A OG  1 
ATOM   1110 N N   . GLY A 1 152 ? -0.942  -9.156  -11.294 1.00 23.72 ? 132 GLY A N   1 
ATOM   1111 C CA  . GLY A 1 152 ? -0.334  -9.864  -12.399 1.00 30.85 ? 132 GLY A CA  1 
ATOM   1112 C C   . GLY A 1 152 ? -1.079  -11.144 -12.723 1.00 33.89 ? 132 GLY A C   1 
ATOM   1113 O O   . GLY A 1 152 ? -2.094  -11.479 -12.096 1.00 23.06 ? 132 GLY A O   1 
ATOM   1114 N N   . GLU A 1 153 ? -0.563  -11.873 -13.705 1.00 33.40 ? 133 GLU A N   1 
ATOM   1115 C CA  . GLU A 1 153 ? -1.217  -13.090 -14.146 1.00 34.25 ? 133 GLU A CA  1 
ATOM   1116 C C   . GLU A 1 153 ? -1.202  -14.128 -13.026 1.00 35.05 ? 133 GLU A C   1 
ATOM   1117 O O   . GLU A 1 153 ? -2.142  -14.903 -12.889 1.00 41.10 ? 133 GLU A O   1 
ATOM   1118 C CB  . GLU A 1 153 ? -0.562  -13.632 -15.426 1.00 46.85 ? 133 GLU A CB  1 
ATOM   1119 C CG  . GLU A 1 153 ? -0.799  -12.767 -16.677 1.00 50.08 ? 133 GLU A CG  1 
ATOM   1120 C CD  . GLU A 1 153 ? -0.158  -11.382 -16.586 1.00 59.95 ? 133 GLU A CD  1 
ATOM   1121 O OE1 . GLU A 1 153 ? 0.849   -11.227 -15.853 1.00 57.14 ? 133 GLU A OE1 1 
ATOM   1122 O OE2 . GLU A 1 153 ? -0.663  -10.445 -17.248 1.00 60.87 ? 133 GLU A OE2 1 
ATOM   1123 N N   . ASN A 1 154 ? -0.147  -14.128 -12.212 1.00 27.52 ? 134 ASN A N   1 
ATOM   1124 C CA  . ASN A 1 154 ? -0.023  -15.110 -11.134 1.00 30.91 ? 134 ASN A CA  1 
ATOM   1125 C C   . ASN A 1 154 ? -0.027  -14.552 -9.708  1.00 26.88 ? 134 ASN A C   1 
ATOM   1126 O O   . ASN A 1 154 ? -0.288  -15.283 -8.764  1.00 24.25 ? 134 ASN A O   1 
ATOM   1127 C CB  . ASN A 1 154 ? 1.224   -15.962 -11.336 1.00 33.19 ? 134 ASN A CB  1 
ATOM   1128 C CG  . ASN A 1 154 ? 1.365   -16.450 -12.763 1.00 44.45 ? 134 ASN A CG  1 
ATOM   1129 O OD1 . ASN A 1 154 ? 0.403   -16.957 -13.351 1.00 41.98 ? 134 ASN A OD1 1 
ATOM   1130 N ND2 . ASN A 1 154 ? 2.555   -16.273 -13.340 1.00 39.94 ? 134 ASN A ND2 1 
ATOM   1131 N N   . ALA A 1 155 ? 0.252   -13.264 -9.546  1.00 26.00 ? 135 ALA A N   1 
ATOM   1132 C CA  . ALA A 1 155 ? 0.359   -12.693 -8.209  1.00 20.98 ? 135 ALA A CA  1 
ATOM   1133 C C   . ALA A 1 155 ? -0.013  -11.210 -8.189  1.00 23.43 ? 135 ALA A C   1 
ATOM   1134 O O   . ALA A 1 155 ? 0.085   -10.514 -9.208  1.00 22.13 ? 135 ALA A O   1 
ATOM   1135 C CB  . ALA A 1 155 ? 1.762   -12.905 -7.655  1.00 16.72 ? 135 ALA A CB  1 
ATOM   1136 N N   . ALA A 1 156 ? -0.450  -10.734 -7.028  1.00 14.92 ? 136 ALA A N   1 
ATOM   1137 C CA  . ALA A 1 156 ? -0.834  -9.332  -6.878  1.00 16.56 ? 136 ALA A CA  1 
ATOM   1138 C C   . ALA A 1 156 ? 0.015   -8.683  -5.790  1.00 14.67 ? 136 ALA A C   1 
ATOM   1139 O O   . ALA A 1 156 ? 0.244   -9.295  -4.738  1.00 15.78 ? 136 ALA A O   1 
ATOM   1140 C CB  . ALA A 1 156 ? -2.335  -9.212  -6.540  1.00 12.18 ? 136 ALA A CB  1 
ATOM   1141 N N   . LEU A 1 157 ? 0.525   -7.482  -6.064  1.00 9.76  ? 137 LEU A N   1 
ATOM   1142 C CA  . LEU A 1 157 ? 1.155   -6.671  -5.036  1.00 11.71 ? 137 LEU A CA  1 
ATOM   1143 C C   . LEU A 1 157 ? 0.031   -6.057  -4.174  1.00 11.67 ? 137 LEU A C   1 
ATOM   1144 O O   . LEU A 1 157 ? -0.884  -5.445  -4.693  1.00 9.30  ? 137 LEU A O   1 
ATOM   1145 C CB  . LEU A 1 157 ? 1.966   -5.549  -5.672  1.00 14.00 ? 137 LEU A CB  1 
ATOM   1146 C CG  . LEU A 1 157 ? 2.722   -4.693  -4.652  1.00 14.65 ? 137 LEU A CG  1 
ATOM   1147 C CD1 . LEU A 1 157 ? 3.807   -5.544  -3.964  1.00 12.62 ? 137 LEU A CD1 1 
ATOM   1148 C CD2 . LEU A 1 157 ? 3.342   -3.466  -5.298  1.00 12.76 ? 137 LEU A CD2 1 
ATOM   1149 N N   . CYS A 1 158 ? 0.105   -6.245  -2.866  1.00 12.77 ? 138 CYS A N   1 
ATOM   1150 C CA  . CYS A 1 158 ? -0.954  -5.840  -1.965  1.00 11.36 ? 138 CYS A CA  1 
ATOM   1151 C C   . CYS A 1 158 ? -0.339  -5.002  -0.846  1.00 16.10 ? 138 CYS A C   1 
ATOM   1152 O O   . CYS A 1 158 ? 0.862   -5.104  -0.565  1.00 14.47 ? 138 CYS A O   1 
ATOM   1153 C CB  . CYS A 1 158 ? -1.622  -7.071  -1.344  1.00 14.79 ? 138 CYS A CB  1 
ATOM   1154 S SG  . CYS A 1 158 ? -2.472  -8.198  -2.504  1.00 13.19 ? 138 CYS A SG  1 
ATOM   1155 N N   . LEU A 1 159 ? -1.149  -4.153  -0.224  1.00 10.16 ? 139 LEU A N   1 
ATOM   1156 C CA  . LEU A 1 159 ? -0.753  -3.584  1.055   1.00 13.12 ? 139 LEU A CA  1 
ATOM   1157 C C   . LEU A 1 159 ? -1.647  -4.139  2.151   1.00 12.98 ? 139 LEU A C   1 
ATOM   1158 O O   . LEU A 1 159 ? -2.807  -4.509  1.908   1.00 15.33 ? 139 LEU A O   1 
ATOM   1159 C CB  . LEU A 1 159 ? -0.812  -2.050  1.067   1.00 11.63 ? 139 LEU A CB  1 
ATOM   1160 C CG  . LEU A 1 159 ? -0.133  -1.291  -0.079  1.00 15.24 ? 139 LEU A CG  1 
ATOM   1161 C CD1 . LEU A 1 159 ? -0.324  0.210   0.105   1.00 12.17 ? 139 LEU A CD1 1 
ATOM   1162 C CD2 . LEU A 1 159 ? 1.333   -1.651  -0.199  1.00 11.11 ? 139 LEU A CD2 1 
ATOM   1163 N N   . LEU A 1 160 ? -1.104  -4.171  3.365   1.00 14.35 ? 140 LEU A N   1 
ATOM   1164 C CA  . LEU A 1 160 ? -1.891  -4.466  4.544   1.00 15.53 ? 140 LEU A CA  1 
ATOM   1165 C C   . LEU A 1 160 ? -2.937  -3.365  4.704   1.00 14.82 ? 140 LEU A C   1 
ATOM   1166 O O   . LEU A 1 160 ? -2.617  -2.165  4.661   1.00 16.10 ? 140 LEU A O   1 
ATOM   1167 C CB  . LEU A 1 160 ? -1.003  -4.549  5.783   1.00 11.44 ? 140 LEU A CB  1 
ATOM   1168 C CG  . LEU A 1 160 ? -1.687  -5.178  6.999   1.00 18.29 ? 140 LEU A CG  1 
ATOM   1169 C CD1 . LEU A 1 160 ? -2.042  -6.658  6.755   1.00 11.63 ? 140 LEU A CD1 1 
ATOM   1170 C CD2 . LEU A 1 160 ? -0.811  -5.038  8.227   1.00 23.02 ? 140 LEU A CD2 1 
ATOM   1171 N N   . ALA A 1 161 ? -4.183  -3.784  4.886   1.00 14.78 ? 141 ALA A N   1 
ATOM   1172 C CA  . ALA A 1 161 ? -5.313  -2.870  4.957   1.00 14.42 ? 141 ALA A CA  1 
ATOM   1173 C C   . ALA A 1 161 ? -5.963  -2.971  6.343   1.00 17.90 ? 141 ALA A C   1 
ATOM   1174 O O   . ALA A 1 161 ? -7.154  -2.718  6.509   1.00 16.92 ? 141 ALA A O   1 
ATOM   1175 C CB  . ALA A 1 161 ? -6.309  -3.196  3.860   1.00 13.19 ? 141 ALA A CB  1 
ATOM   1176 N N   . GLN A 1 162 ? -5.151  -3.373  7.318   1.00 18.94 ? 142 GLN A N   1 
ATOM   1177 C CA  . GLN A 1 162 ? -5.529  -3.484  8.716   1.00 20.19 ? 142 GLN A CA  1 
ATOM   1178 C C   . GLN A 1 162 ? -4.441  -2.754  9.446   1.00 18.15 ? 142 GLN A C   1 
ATOM   1179 O O   . GLN A 1 162 ? -3.344  -2.592  8.909   1.00 19.95 ? 142 GLN A O   1 
ATOM   1180 C CB  . GLN A 1 162 ? -5.458  -4.939  9.202   1.00 23.80 ? 142 GLN A CB  1 
ATOM   1181 C CG  . GLN A 1 162 ? -6.440  -5.875  8.598   1.00 27.69 ? 142 GLN A CG  1 
ATOM   1182 C CD  . GLN A 1 162 ? -6.269  -7.282  9.114   1.00 22.86 ? 142 GLN A CD  1 
ATOM   1183 O OE1 . GLN A 1 162 ? -5.286  -7.604  9.778   1.00 30.70 ? 142 GLN A OE1 1 
ATOM   1184 N NE2 . GLN A 1 162 ? -7.241  -8.123  8.835   1.00 29.39 ? 142 GLN A NE2 1 
ATOM   1185 N N   . PRO A 1 163 ? -4.719  -2.344  10.691  1.00 23.26 ? 143 PRO A N   1 
ATOM   1186 C CA  . PRO A 1 163 ? -3.713  -1.660  11.504  1.00 22.11 ? 143 PRO A CA  1 
ATOM   1187 C C   . PRO A 1 163 ? -2.490  -2.536  11.675  1.00 26.11 ? 143 PRO A C   1 
ATOM   1188 O O   . PRO A 1 163 ? -1.376  -2.072  11.451  1.00 24.88 ? 143 PRO A O   1 
ATOM   1189 C CB  . PRO A 1 163 ? -4.428  -1.453  12.851  1.00 25.77 ? 143 PRO A CB  1 
ATOM   1190 C CG  . PRO A 1 163 ? -5.887  -1.455  12.502  1.00 21.53 ? 143 PRO A CG  1 
ATOM   1191 C CD  . PRO A 1 163 ? -6.013  -2.465  11.393  1.00 21.26 ? 143 PRO A CD  1 
ATOM   1192 N N   . CYS A 1 164 ? -2.674  -3.799  12.051  1.00 26.74 ? 144 CYS A N   1 
ATOM   1193 C CA  . CYS A 1 164 ? -1.505  -4.668  12.178  1.00 27.86 ? 144 CYS A CA  1 
ATOM   1194 C C   . CYS A 1 164 ? -1.791  -6.164  12.066  1.00 29.58 ? 144 CYS A C   1 
ATOM   1195 O O   . CYS A 1 164 ? -2.936  -6.599  12.052  1.00 26.78 ? 144 CYS A O   1 
ATOM   1196 C CB  . CYS A 1 164 ? -0.718  -4.348  13.456  1.00 36.66 ? 144 CYS A CB  1 
ATOM   1197 S SG  . CYS A 1 164 ? -1.625  -4.556  15.004  1.00 60.23 ? 144 CYS A SG  1 
ATOM   1198 N N   . VAL A 1 165 ? -0.723  -6.938  11.956  1.00 32.85 ? 145 VAL A N   1 
ATOM   1199 C CA  . VAL A 1 165 ? -0.823  -8.378  11.837  1.00 30.78 ? 145 VAL A CA  1 
ATOM   1200 C C   . VAL A 1 165 ? 0.577   -8.938  12.052  1.00 32.74 ? 145 VAL A C   1 
ATOM   1201 O O   . VAL A 1 165 ? 1.574   -8.264  11.810  1.00 31.79 ? 145 VAL A O   1 
ATOM   1202 C CB  . VAL A 1 165 ? -1.348  -8.814  10.443  1.00 30.45 ? 145 VAL A CB  1 
ATOM   1203 C CG1 . VAL A 1 165 ? -0.305  -8.569  9.379   1.00 33.11 ? 145 VAL A CG1 1 
ATOM   1204 C CG2 . VAL A 1 165 ? -1.724  -10.278 10.458  1.00 28.17 ? 145 VAL A CG2 1 
ATOM   1205 N N   . VAL A 1 166 ? 0.650   -10.169 12.524  1.00 32.77 ? 146 VAL A N   1 
ATOM   1206 C CA  . VAL A 1 166 ? 1.931   -10.838 12.639  1.00 39.47 ? 146 VAL A CA  1 
ATOM   1207 C C   . VAL A 1 166 ? 1.901   -12.052 11.723  1.00 31.49 ? 146 VAL A C   1 
ATOM   1208 O O   . VAL A 1 166 ? 0.956   -12.849 11.780  1.00 36.24 ? 146 VAL A O   1 
ATOM   1209 C CB  . VAL A 1 166 ? 2.217   -11.239 14.105  1.00 45.07 ? 146 VAL A CB  1 
ATOM   1210 C CG1 . VAL A 1 166 ? 2.638   -12.712 14.207  1.00 35.25 ? 146 VAL A CG1 1 
ATOM   1211 C CG2 . VAL A 1 166 ? 3.271   -10.310 14.705  1.00 38.02 ? 146 VAL A CG2 1 
ATOM   1212 N N   . ILE A 1 167 ? 2.906   -12.165 10.863  1.00 35.41 ? 147 ILE A N   1 
ATOM   1213 C CA  . ILE A 1 167 ? 2.996   -13.276 9.927   1.00 44.66 ? 147 ILE A CA  1 
ATOM   1214 C C   . ILE A 1 167 ? 4.419   -13.818 9.940   1.00 47.74 ? 147 ILE A C   1 
ATOM   1215 O O   . ILE A 1 167 ? 5.371   -13.041 9.884   1.00 45.42 ? 147 ILE A O   1 
ATOM   1216 C CB  . ILE A 1 167 ? 2.643   -12.839 8.489   1.00 38.14 ? 147 ILE A CB  1 
ATOM   1217 C CG1 . ILE A 1 167 ? 1.288   -12.129 8.443   1.00 29.29 ? 147 ILE A CG1 1 
ATOM   1218 C CG2 . ILE A 1 167 ? 2.667   -14.042 7.545   1.00 39.36 ? 147 ILE A CG2 1 
ATOM   1219 C CD1 . ILE A 1 167 ? 0.930   -11.597 7.081   1.00 29.68 ? 147 ILE A CD1 1 
ATOM   1220 N N   . ALA A 1 168 ? 4.559   -15.141 10.002  1.00 53.48 ? 148 ALA A N   1 
ATOM   1221 C CA  . ALA A 1 168 ? 5.878   -15.775 10.079  1.00 60.01 ? 148 ALA A CA  1 
ATOM   1222 C C   . ALA A 1 168 ? 6.719   -15.154 11.188  1.00 55.08 ? 148 ALA A C   1 
ATOM   1223 O O   . ALA A 1 168 ? 7.942   -15.046 11.074  1.00 54.06 ? 148 ALA A O   1 
ATOM   1224 C CB  . ALA A 1 168 ? 6.606   -15.678 8.741   1.00 56.13 ? 148 ALA A CB  1 
ATOM   1225 N N   . GLY A 1 169 ? 6.049   -14.735 12.256  1.00 56.53 ? 149 GLY A N   1 
ATOM   1226 C CA  . GLY A 1 169 ? 6.717   -14.071 13.361  1.00 56.94 ? 149 GLY A CA  1 
ATOM   1227 C C   . GLY A 1 169 ? 7.085   -12.614 13.133  1.00 57.94 ? 149 GLY A C   1 
ATOM   1228 O O   . GLY A 1 169 ? 7.289   -11.872 14.090  1.00 55.62 ? 149 GLY A O   1 
ATOM   1229 N N   . ARG A 1 170 ? 7.190   -12.201 11.873  1.00 53.58 ? 150 ARG A N   1 
ATOM   1230 C CA  . ARG A 1 170 ? 7.428   -10.794 11.566  1.00 52.30 ? 150 ARG A CA  1 
ATOM   1231 C C   . ARG A 1 170 ? 6.159   -9.968  11.795  1.00 51.39 ? 150 ARG A C   1 
ATOM   1232 O O   . ARG A 1 170 ? 5.035   -10.460 11.628  1.00 49.71 ? 150 ARG A O   1 
ATOM   1233 C CB  . ARG A 1 170 ? 7.913   -10.622 10.126  1.00 57.34 ? 150 ARG A CB  1 
ATOM   1234 C CG  . ARG A 1 170 ? 8.187   -9.173  9.744   1.00 59.26 ? 150 ARG A CG  1 
ATOM   1235 C CD  . ARG A 1 170 ? 8.523   -9.046  8.270   1.00 66.14 ? 150 ARG A CD  1 
ATOM   1236 N NE  . ARG A 1 170 ? 9.791   -9.693  7.939   1.00 73.00 ? 150 ARG A NE  1 
ATOM   1237 C CZ  . ARG A 1 170 ? 10.137  -10.082 6.715   1.00 69.48 ? 150 ARG A CZ  1 
ATOM   1238 N NH1 . ARG A 1 170 ? 9.304   -9.902  5.700   1.00 54.35 ? 150 ARG A NH1 1 
ATOM   1239 N NH2 . ARG A 1 170 ? 11.312  -10.669 6.511   1.00 78.79 ? 150 ARG A NH2 1 
ATOM   1240 N N   . ALA A 1 171 ? 6.341   -8.711  12.183  1.00 48.63 ? 151 ALA A N   1 
ATOM   1241 C CA  . ALA A 1 171 ? 5.208   -7.811  12.350  1.00 44.09 ? 151 ALA A CA  1 
ATOM   1242 C C   . ALA A 1 171 ? 5.052   -6.951  11.109  1.00 41.47 ? 151 ALA A C   1 
ATOM   1243 O O   . ALA A 1 171 ? 6.035   -6.507  10.516  1.00 40.07 ? 151 ALA A O   1 
ATOM   1244 C CB  . ALA A 1 171 ? 5.384   -6.941  13.586  1.00 36.15 ? 151 ALA A CB  1 
ATOM   1245 N N   . MET A 1 172 ? 3.809   -6.729  10.711  1.00 38.87 ? 152 MET A N   1 
ATOM   1246 C CA  . MET A 1 172 ? 3.520   -5.796  9.632   1.00 37.00 ? 152 MET A CA  1 
ATOM   1247 C C   . MET A 1 172 ? 2.492   -4.784  10.082  1.00 28.60 ? 152 MET A C   1 
ATOM   1248 O O   . MET A 1 172 ? 1.630   -5.080  10.914  1.00 29.87 ? 152 MET A O   1 
ATOM   1249 C CB  . MET A 1 172 ? 3.008   -6.531  8.401   1.00 33.25 ? 152 MET A CB  1 
ATOM   1250 C CG  . MET A 1 172 ? 4.100   -7.273  7.640   1.00 43.58 ? 152 MET A CG  1 
ATOM   1251 S SD  . MET A 1 172 ? 3.416   -8.152  6.242   1.00 39.10 ? 152 MET A SD  1 
ATOM   1252 C CE  . MET A 1 172 ? 2.874   -6.780  5.226   1.00 31.57 ? 152 MET A CE  1 
ATOM   1253 N N   . GLN A 1 173 ? 2.580   -3.593  9.506   1.00 27.89 ? 153 GLN A N   1 
ATOM   1254 C CA  . GLN A 1 173 ? 1.673   -2.502  9.839   1.00 28.07 ? 153 GLN A CA  1 
ATOM   1255 C C   . GLN A 1 173 ? 0.885   -2.085  8.609   1.00 22.02 ? 153 GLN A C   1 
ATOM   1256 O O   . GLN A 1 173 ? 1.331   -2.288  7.475   1.00 18.85 ? 153 GLN A O   1 
ATOM   1257 C CB  . GLN A 1 173 ? 2.458   -1.290  10.356  1.00 29.38 ? 153 GLN A CB  1 
ATOM   1258 C CG  . GLN A 1 173 ? 2.915   -1.391  11.803  1.00 38.41 ? 153 GLN A CG  1 
ATOM   1259 C CD  . GLN A 1 173 ? 4.215   -2.164  11.970  1.00 50.90 ? 153 GLN A CD  1 
ATOM   1260 O OE1 . GLN A 1 173 ? 5.244   -1.819  11.380  1.00 55.07 ? 153 GLN A OE1 1 
ATOM   1261 N NE2 . GLN A 1 173 ? 4.174   -3.217  12.789  1.00 46.58 ? 153 GLN A NE2 1 
ATOM   1262 N N   . LEU A 1 174 ? -0.276  -1.489  8.846   1.00 20.62 ? 154 LEU A N   1 
ATOM   1263 C CA  . LEU A 1 174 ? -1.033  -0.785  7.820   1.00 19.71 ? 154 LEU A CA  1 
ATOM   1264 C C   . LEU A 1 174 ? -0.135  -0.138  6.755   1.00 19.01 ? 154 LEU A C   1 
ATOM   1265 O O   . LEU A 1 174 ? 0.742   0.677   7.079   1.00 14.94 ? 154 LEU A O   1 
ATOM   1266 C CB  . LEU A 1 174 ? -1.839  0.346   8.470   1.00 19.36 ? 154 LEU A CB  1 
ATOM   1267 C CG  . LEU A 1 174 ? -2.722  1.022   7.431   1.00 18.60 ? 154 LEU A CG  1 
ATOM   1268 C CD1 . LEU A 1 174 ? -3.804  0.040   6.950   1.00 16.39 ? 154 LEU A CD1 1 
ATOM   1269 C CD2 . LEU A 1 174 ? -3.338  2.290   7.958   1.00 23.18 ? 154 LEU A CD2 1 
ATOM   1270 N N   . GLY A 1 175 ? -0.345  -0.505  5.491   1.00 15.16 ? 155 GLY A N   1 
ATOM   1271 C CA  . GLY A 1 175 ? 0.386   0.115   4.405   1.00 12.22 ? 155 GLY A CA  1 
ATOM   1272 C C   . GLY A 1 175 ? 1.613   -0.630  3.942   1.00 15.14 ? 155 GLY A C   1 
ATOM   1273 O O   . GLY A 1 175 ? 2.102   -0.359  2.856   1.00 13.92 ? 155 GLY A O   1 
ATOM   1274 N N   . ASP A 1 176 ? 2.110   -1.553  4.759   1.00 16.28 ? 156 ASP A N   1 
ATOM   1275 C CA  . ASP A 1 176 ? 3.208   -2.435  4.355   1.00 17.75 ? 156 ASP A CA  1 
ATOM   1276 C C   . ASP A 1 176 ? 2.864   -3.242  3.115   1.00 20.45 ? 156 ASP A C   1 
ATOM   1277 O O   . ASP A 1 176 ? 1.712   -3.643  2.912   1.00 17.31 ? 156 ASP A O   1 
ATOM   1278 C CB  . ASP A 1 176 ? 3.601   -3.389  5.488   1.00 17.99 ? 156 ASP A CB  1 
ATOM   1279 C CG  . ASP A 1 176 ? 4.454   -2.708  6.544   1.00 22.44 ? 156 ASP A CG  1 
ATOM   1280 O OD1 . ASP A 1 176 ? 5.002   -1.633  6.250   1.00 20.24 ? 156 ASP A OD1 1 
ATOM   1281 O OD2 . ASP A 1 176 ? 4.571   -3.239  7.667   1.00 29.36 ? 156 ASP A OD2 1 
ATOM   1282 N N   . ALA A 1 177 ? 3.877   -3.474  2.288   1.00 17.01 ? 157 ALA A N   1 
ATOM   1283 C CA  . ALA A 1 177 ? 3.689   -4.153  1.017   1.00 18.63 ? 157 ALA A CA  1 
ATOM   1284 C C   . ALA A 1 177 ? 4.009   -5.645  1.086   1.00 21.72 ? 157 ALA A C   1 
ATOM   1285 O O   . ALA A 1 177 ? 4.937   -6.075  1.777   1.00 23.97 ? 157 ALA A O   1 
ATOM   1286 C CB  . ALA A 1 177 ? 4.525   -3.480  -0.058  1.00 14.08 ? 157 ALA A CB  1 
ATOM   1287 N N   . ILE A 1 178 ? 3.225   -6.428  0.362   1.00 18.99 ? 158 ILE A N   1 
ATOM   1288 C CA  . ILE A 1 178 ? 3.497   -7.854  0.197   1.00 20.53 ? 158 ILE A CA  1 
ATOM   1289 C C   . ILE A 1 178 ? 2.868   -8.326  -1.101  1.00 16.77 ? 158 ILE A C   1 
ATOM   1290 O O   . ILE A 1 178 ? 1.706   -7.987  -1.410  1.00 17.54 ? 158 ILE A O   1 
ATOM   1291 C CB  . ILE A 1 178 ? 2.966   -8.699  1.379   1.00 19.93 ? 158 ILE A CB  1 
ATOM   1292 C CG1 . ILE A 1 178 ? 3.208   -10.198 1.123   1.00 21.69 ? 158 ILE A CG1 1 
ATOM   1293 C CG2 . ILE A 1 178 ? 1.516   -8.424  1.597   1.00 15.13 ? 158 ILE A CG2 1 
ATOM   1294 C CD1 . ILE A 1 178 ? 2.714   -11.096 2.263   1.00 21.86 ? 158 ILE A CD1 1 
ATOM   1295 N N   . LYS A 1 179 ? 3.649   -9.066  -1.881  1.00 12.06 ? 159 LYS A N   1 
ATOM   1296 C CA  . LYS A 1 179 ? 3.160   -9.654  -3.125  1.00 14.33 ? 159 LYS A CA  1 
ATOM   1297 C C   . LYS A 1 179 ? 2.673   -11.048 -2.797  1.00 16.56 ? 159 LYS A C   1 
ATOM   1298 O O   . LYS A 1 179 ? 3.326   -11.764 -2.046  1.00 17.50 ? 159 LYS A O   1 
ATOM   1299 C CB  . LYS A 1 179 ? 4.265   -9.725  -4.189  1.00 13.62 ? 159 LYS A CB  1 
ATOM   1300 C CG  . LYS A 1 179 ? 3.751   -10.071 -5.562  1.00 18.32 ? 159 LYS A CG  1 
ATOM   1301 C CD  . LYS A 1 179 ? 4.847   -10.039 -6.611  1.00 21.11 ? 159 LYS A CD  1 
ATOM   1302 C CE  . LYS A 1 179 ? 4.565   -9.006  -7.682  1.00 29.64 ? 159 LYS A CE  1 
ATOM   1303 N NZ  . LYS A 1 179 ? 5.739   -8.873  -8.599  1.00 36.89 ? 159 LYS A NZ  1 
ATOM   1304 N N   . ILE A 1 180 ? 1.532   -11.438 -3.352  1.00 13.87 ? 160 ILE A N   1 
ATOM   1305 C CA  . ILE A 1 180 ? 0.892   -12.689 -2.958  1.00 18.04 ? 160 ILE A CA  1 
ATOM   1306 C C   . ILE A 1 180 ? 0.384   -13.488 -4.167  1.00 16.85 ? 160 ILE A C   1 
ATOM   1307 O O   . ILE A 1 180 ? -0.265  -12.932 -5.054  1.00 15.44 ? 160 ILE A O   1 
ATOM   1308 C CB  . ILE A 1 180 ? -0.280  -12.420 -1.966  1.00 14.97 ? 160 ILE A CB  1 
ATOM   1309 C CG1 . ILE A 1 180 ? 0.214   -11.613 -0.758  1.00 15.72 ? 160 ILE A CG1 1 
ATOM   1310 C CG2 . ILE A 1 180 ? -0.966  -13.755 -1.545  1.00 14.87 ? 160 ILE A CG2 1 
ATOM   1311 C CD1 . ILE A 1 180 ? -0.929  -10.987 0.114   1.00 12.70 ? 160 ILE A CD1 1 
ATOM   1312 N N   . MET A 1 181 ? 0.660   -14.790 -4.199  1.00 18.87 ? 161 MET A N   1 
ATOM   1313 C CA  . MET A 1 181 ? 0.202   -15.632 -5.314  1.00 15.24 ? 161 MET A CA  1 
ATOM   1314 C C   . MET A 1 181 ? -1.329  -15.580 -5.378  1.00 20.03 ? 161 MET A C   1 
ATOM   1315 O O   . MET A 1 181 ? -2.000  -15.556 -4.329  1.00 17.94 ? 161 MET A O   1 
ATOM   1316 C CB  . MET A 1 181 ? 0.719   -17.068 -5.171  1.00 23.46 ? 161 MET A CB  1 
ATOM   1317 C CG  . MET A 1 181 ? 2.250   -17.221 -5.267  1.00 20.97 ? 161 MET A CG  1 
ATOM   1318 S SD  . MET A 1 181 ? 2.926   -16.708 -6.866  1.00 24.77 ? 161 MET A SD  1 
ATOM   1319 C CE  . MET A 1 181 ? 4.321   -17.837 -7.001  1.00 47.83 ? 161 MET A CE  1 
ATOM   1320 N N   . ASN A 1 182 ? -1.888  -15.525 -6.589  1.00 17.51 ? 162 ASN A N   1 
ATOM   1321 C CA  . ASN A 1 182 ? -3.339  -15.340 -6.718  1.00 21.59 ? 162 ASN A CA  1 
ATOM   1322 C C   . ASN A 1 182 ? -4.180  -16.462 -6.092  1.00 22.36 ? 162 ASN A C   1 
ATOM   1323 O O   . ASN A 1 182 ? -5.318  -16.222 -5.693  1.00 22.90 ? 162 ASN A O   1 
ATOM   1324 C CB  . ASN A 1 182 ? -3.798  -15.094 -8.171  1.00 24.96 ? 162 ASN A CB  1 
ATOM   1325 C CG  . ASN A 1 182 ? -3.180  -13.843 -8.810  1.00 24.05 ? 162 ASN A CG  1 
ATOM   1326 O OD1 . ASN A 1 182 ? -3.097  -13.755 -10.033 1.00 32.36 ? 162 ASN A OD1 1 
ATOM   1327 N ND2 . ASN A 1 182 ? -2.730  -12.902 -7.998  1.00 15.26 ? 162 ASN A ND2 1 
ATOM   1328 N N   . ASP A 1 183 ? -3.636  -17.677 -5.996  1.00 19.93 ? 163 ASP A N   1 
ATOM   1329 C CA  . ASP A 1 183 ? -4.413  -18.797 -5.455  1.00 24.49 ? 163 ASP A CA  1 
ATOM   1330 C C   . ASP A 1 183 ? -4.629  -18.681 -3.951  1.00 20.86 ? 163 ASP A C   1 
ATOM   1331 O O   . ASP A 1 183 ? -5.375  -19.475 -3.366  1.00 17.64 ? 163 ASP A O   1 
ATOM   1332 C CB  . ASP A 1 183 ? -3.789  -20.165 -5.797  1.00 23.22 ? 163 ASP A CB  1 
ATOM   1333 C CG  . ASP A 1 183 ? -2.487  -20.444 -5.027  1.00 24.60 ? 163 ASP A CG  1 
ATOM   1334 O OD1 . ASP A 1 183 ? -2.344  -21.568 -4.479  1.00 24.77 ? 163 ASP A OD1 1 
ATOM   1335 O OD2 . ASP A 1 183 ? -1.603  -19.557 -4.993  1.00 23.66 ? 163 ASP A OD2 1 
ATOM   1336 N N   . ARG A 1 184 ? -3.967  -17.702 -3.333  1.00 19.12 ? 164 ARG A N   1 
ATOM   1337 C CA  . ARG A 1 184 ? -4.111  -17.451 -1.899  1.00 18.45 ? 164 ARG A CA  1 
ATOM   1338 C C   . ARG A 1 184 ? -5.137  -16.344 -1.600  1.00 21.13 ? 164 ARG A C   1 
ATOM   1339 O O   . ARG A 1 184 ? -5.563  -16.154 -0.450  1.00 22.63 ? 164 ARG A O   1 
ATOM   1340 C CB  . ARG A 1 184 ? -2.745  -17.143 -1.265  1.00 19.50 ? 164 ARG A CB  1 
ATOM   1341 C CG  . ARG A 1 184 ? -1.518  -17.776 -1.991  1.00 22.13 ? 164 ARG A CG  1 
ATOM   1342 C CD  . ARG A 1 184 ? -1.579  -19.321 -2.218  1.00 24.71 ? 164 ARG A CD  1 
ATOM   1343 N NE  . ARG A 1 184 ? -1.134  -20.088 -1.063  1.00 26.19 ? 164 ARG A NE  1 
ATOM   1344 C CZ  . ARG A 1 184 ? -0.261  -21.102 -1.066  1.00 22.17 ? 164 ARG A CZ  1 
ATOM   1345 N NH1 . ARG A 1 184 ? 0.329   -21.541 -2.173  1.00 23.57 ? 164 ARG A NH1 1 
ATOM   1346 N NH2 . ARG A 1 184 ? 0.037   -21.685 0.085   1.00 21.08 ? 164 ARG A NH2 1 
ATOM   1347 N N   . LEU A 1 185 ? -5.557  -15.632 -2.645  1.00 21.86 ? 165 LEU A N   1 
ATOM   1348 C CA  . LEU A 1 185 ? -6.352  -14.421 -2.471  1.00 19.13 ? 165 LEU A CA  1 
ATOM   1349 C C   . LEU A 1 185 ? -7.820  -14.618 -2.783  1.00 22.26 ? 165 LEU A C   1 
ATOM   1350 O O   . LEU A 1 185 ? -8.166  -15.226 -3.784  1.00 24.41 ? 165 LEU A O   1 
ATOM   1351 C CB  . LEU A 1 185 ? -5.821  -13.286 -3.362  1.00 18.31 ? 165 LEU A CB  1 
ATOM   1352 C CG  . LEU A 1 185 ? -4.453  -12.639 -3.089  1.00 19.10 ? 165 LEU A CG  1 
ATOM   1353 C CD1 . LEU A 1 185 ? -3.937  -11.901 -4.324  1.00 15.14 ? 165 LEU A CD1 1 
ATOM   1354 C CD2 . LEU A 1 185 ? -4.474  -11.710 -1.865  1.00 14.24 ? 165 LEU A CD2 1 
ATOM   1355 N N   . LYS A 1 186 ? -8.672  -14.049 -1.931  1.00 22.83 ? 166 LYS A N   1 
ATOM   1356 C CA  . LYS A 1 186 ? -10.106 -13.971 -2.170  1.00 25.00 ? 166 LYS A CA  1 
ATOM   1357 C C   . LYS A 1 186 ? -10.623 -12.533 -1.990  1.00 27.75 ? 166 LYS A C   1 
ATOM   1358 O O   . LYS A 1 186 ? -10.051 -11.742 -1.244  1.00 24.70 ? 166 LYS A O   1 
ATOM   1359 C CB  . LYS A 1 186 ? -10.859 -14.915 -1.224  1.00 26.85 ? 166 LYS A CB  1 
ATOM   1360 C CG  . LYS A 1 186 ? -10.766 -16.400 -1.585  1.00 29.59 ? 166 LYS A CG  1 
ATOM   1361 C CD  . LYS A 1 186 ? -11.574 -16.734 -2.834  1.00 27.20 ? 166 LYS A CD  1 
ATOM   1362 C CE  . LYS A 1 186 ? -11.719 -18.246 -3.009  1.00 36.27 ? 166 LYS A CE  1 
ATOM   1363 N NZ  . LYS A 1 186 ? -12.803 -18.646 -3.961  1.00 31.41 ? 166 LYS A NZ  1 
ATOM   1364 N N   . PRO A 1 187 ? -11.716 -12.189 -2.685  1.00 30.40 ? 167 PRO A N   1 
ATOM   1365 C CA  . PRO A 1 187 ? -12.332 -10.880 -2.477  1.00 29.27 ? 167 PRO A CA  1 
ATOM   1366 C C   . PRO A 1 187 ? -12.962 -10.833 -1.095  1.00 31.69 ? 167 PRO A C   1 
ATOM   1367 O O   . PRO A 1 187 ? -13.425 -11.866 -0.609  1.00 34.26 ? 167 PRO A O   1 
ATOM   1368 C CB  . PRO A 1 187 ? -13.421 -10.834 -3.553  1.00 30.42 ? 167 PRO A CB  1 
ATOM   1369 C CG  . PRO A 1 187 ? -13.780 -12.257 -3.798  1.00 28.84 ? 167 PRO A CG  1 
ATOM   1370 C CD  . PRO A 1 187 ? -12.481 -13.024 -3.631  1.00 30.01 ? 167 PRO A CD  1 
ATOM   1371 N N   . GLN A 1 188 ? -12.964 -9.663  -0.457  1.00 33.30 ? 168 GLN A N   1 
ATOM   1372 C CA  . GLN A 1 188 ? -13.619 -9.518  0.844   1.00 40.14 ? 168 GLN A CA  1 
ATOM   1373 C C   . GLN A 1 188 ? -15.132 -9.684  0.706   1.00 38.63 ? 168 GLN A C   1 
ATOM   1374 O O   . GLN A 1 188 ? -15.735 -9.269  -0.283  1.00 37.18 ? 168 GLN A O   1 
ATOM   1375 C CB  . GLN A 1 188 ? -13.276 -8.172  1.503   1.00 33.49 ? 168 GLN A CB  1 
ATOM   1376 C CG  . GLN A 1 188 ? -11.786 -7.983  1.770   1.00 33.82 ? 168 GLN A CG  1 
ATOM   1377 C CD  . GLN A 1 188 ? -11.493 -6.882  2.771   1.00 33.05 ? 168 GLN A CD  1 
ATOM   1378 O OE1 . GLN A 1 188 ? -12.380 -6.447  3.506   1.00 39.44 ? 168 GLN A OE1 1 
ATOM   1379 N NE2 . GLN A 1 188 ? -10.245 -6.424  2.802   1.00 28.29 ? 168 GLN A NE2 1 
HETATM 1380 O O   . HOH B 2 .   ? -10.887 6.014   0.955   1.00 26.92 ? 201 HOH A O   1 
HETATM 1381 O O   . HOH B 2 .   ? -9.463  13.052  0.325   1.00 38.14 ? 202 HOH A O   1 
HETATM 1382 O O   . HOH B 2 .   ? -1.862  -14.960 13.688  1.00 36.79 ? 203 HOH A O   1 
HETATM 1383 O O   . HOH B 2 .   ? 1.352   -0.507  -11.135 1.00 33.90 ? 204 HOH A O   1 
HETATM 1384 O O   . HOH B 2 .   ? 12.710  3.822   7.159   1.00 24.36 ? 205 HOH A O   1 
HETATM 1385 O O   . HOH B 2 .   ? -1.888  -0.778  -10.101 1.00 31.69 ? 206 HOH A O   1 
HETATM 1386 O O   . HOH B 2 .   ? 5.747   -13.061 7.627   1.00 51.33 ? 207 HOH A O   1 
HETATM 1387 O O   . HOH B 2 .   ? -3.028  24.317  -11.143 1.00 35.41 ? 208 HOH A O   1 
HETATM 1388 O O   . HOH B 2 .   ? -15.043 -7.934  -2.085  1.00 43.07 ? 209 HOH A O   1 
HETATM 1389 O O   . HOH B 2 .   ? 16.953  2.333   -6.034  1.00 29.09 ? 210 HOH A O   1 
HETATM 1390 O O   . HOH B 2 .   ? 7.338   21.652  -0.999  1.00 23.32 ? 211 HOH A O   1 
HETATM 1391 O O   . HOH B 2 .   ? 0.684   -20.521 -4.681  1.00 23.02 ? 212 HOH A O   1 
HETATM 1392 O O   . HOH B 2 .   ? 4.503   11.861  -10.469 1.00 32.84 ? 213 HOH A O   1 
HETATM 1393 O O   . HOH B 2 .   ? -5.656  -10.340 11.258  1.00 23.93 ? 214 HOH A O   1 
HETATM 1394 O O   . HOH B 2 .   ? -5.263  -17.410 1.940   1.00 14.77 ? 215 HOH A O   1 
HETATM 1395 O O   . HOH B 2 .   ? -12.191 -1.713  -2.271  1.00 30.39 ? 216 HOH A O   1 
HETATM 1396 O O   . HOH B 2 .   ? -11.682 -21.345 -0.754  1.00 24.89 ? 217 HOH A O   1 
HETATM 1397 O O   . HOH B 2 .   ? -14.639 0.577   0.334   1.00 33.75 ? 218 HOH A O   1 
HETATM 1398 O O   . HOH B 2 .   ? -9.335  -3.872  7.451   1.00 20.67 ? 219 HOH A O   1 
HETATM 1399 O O   . HOH B 2 .   ? -6.683  21.024  -5.607  1.00 23.77 ? 220 HOH A O   1 
HETATM 1400 O O   . HOH B 2 .   ? -18.201 3.645   5.034   1.00 36.33 ? 221 HOH A O   1 
HETATM 1401 O O   . HOH B 2 .   ? -11.327 -2.248  -7.884  1.00 32.00 ? 222 HOH A O   1 
HETATM 1402 O O   . HOH B 2 .   ? 16.732  1.566   3.218   1.00 25.36 ? 223 HOH A O   1 
HETATM 1403 O O   . HOH B 2 .   ? -12.268 -21.608 -4.106  1.00 41.36 ? 224 HOH A O   1 
HETATM 1404 O O   . HOH B 2 .   ? -5.976  6.387   13.253  1.00 28.97 ? 225 HOH A O   1 
HETATM 1405 O O   . HOH B 2 .   ? 5.772   22.095  -3.165  1.00 33.09 ? 226 HOH A O   1 
HETATM 1406 O O   . HOH B 2 .   ? -8.572  10.129  4.655   1.00 29.24 ? 227 HOH A O   1 
HETATM 1407 O O   . HOH B 2 .   ? 3.479   3.474   -12.436 1.00 36.36 ? 228 HOH A O   1 
HETATM 1408 O O   . HOH B 2 .   ? 10.578  -9.169  -2.168  1.00 20.29 ? 229 HOH A O   1 
HETATM 1409 O O   . HOH B 2 .   ? 4.774   -21.916 -1.834  1.00 27.17 ? 230 HOH A O   1 
HETATM 1410 O O   . HOH B 2 .   ? -9.207  7.411   -11.069 1.00 31.70 ? 231 HOH A O   1 
HETATM 1411 O O   . HOH B 2 .   ? 3.622   20.749  4.033   1.00 20.18 ? 232 HOH A O   1 
HETATM 1412 O O   . HOH B 2 .   ? 4.855   -0.117  -10.806 1.00 35.20 ? 233 HOH A O   1 
HETATM 1413 O O   . HOH B 2 .   ? 6.526   -3.015  2.910   1.00 23.75 ? 234 HOH A O   1 
HETATM 1414 O O   . HOH B 2 .   ? 6.357   -9.824  -1.097  1.00 19.29 ? 235 HOH A O   1 
HETATM 1415 O O   . HOH B 2 .   ? 10.680  15.671  5.649   1.00 28.75 ? 236 HOH A O   1 
HETATM 1416 O O   . HOH B 2 .   ? -15.723 3.131   6.605   1.00 27.16 ? 237 HOH A O   1 
HETATM 1417 O O   . HOH B 2 .   ? -8.041  9.934   1.918   1.00 30.27 ? 238 HOH A O   1 
HETATM 1418 O O   . HOH B 2 .   ? 0.185   26.344  1.575   1.00 28.13 ? 239 HOH A O   1 
HETATM 1419 O O   . HOH B 2 .   ? 17.738  1.335   -3.290  1.00 28.58 ? 240 HOH A O   1 
HETATM 1420 O O   . HOH B 2 .   ? 5.861   -17.502 0.774   1.00 36.15 ? 241 HOH A O   1 
HETATM 1421 O O   . HOH B 2 .   ? -12.627 9.610   -4.340  1.00 26.09 ? 242 HOH A O   1 
HETATM 1422 O O   . HOH B 2 .   ? 5.511   -17.803 -3.314  1.00 36.76 ? 243 HOH A O   1 
HETATM 1423 O O   . HOH B 2 .   ? 1.815   -9.587  -18.324 1.00 48.71 ? 244 HOH A O   1 
HETATM 1424 O O   . HOH B 2 .   ? 9.640   2.954   -10.498 1.00 35.29 ? 245 HOH A O   1 
HETATM 1425 O O   . HOH B 2 .   ? 6.117   -5.963  -6.802  1.00 21.58 ? 246 HOH A O   1 
HETATM 1426 O O   . HOH B 2 .   ? -13.331 6.448   8.825   1.00 15.95 ? 247 HOH A O   1 
HETATM 1427 O O   . HOH B 2 .   ? 2.995   5.156   6.166   1.00 20.81 ? 248 HOH A O   1 
HETATM 1428 O O   . HOH B 2 .   ? 11.525  -6.304  0.304   1.00 36.04 ? 249 HOH A O   1 
HETATM 1429 O O   . HOH B 2 .   ? 5.229   -1.213  -8.089  1.00 24.26 ? 250 HOH A O   1 
HETATM 1430 O O   . HOH B 2 .   ? 2.294   -23.456 0.261   1.00 34.12 ? 251 HOH A O   1 
HETATM 1431 O O   . HOH B 2 .   ? -14.031 -12.076 8.888   1.00 39.54 ? 252 HOH A O   1 
HETATM 1432 O O   . HOH B 2 .   ? 13.673  12.515  -3.885  1.00 24.35 ? 253 HOH A O   1 
HETATM 1433 O O   . HOH B 2 .   ? -11.674 -3.087  6.515   1.00 24.94 ? 254 HOH A O   1 
HETATM 1434 O O   . HOH B 2 .   ? 1.409   2.273   9.416   1.00 20.47 ? 255 HOH A O   1 
HETATM 1435 O O   . HOH B 2 .   ? 6.705   -3.332  -7.090  1.00 24.25 ? 256 HOH A O   1 
HETATM 1436 O O   . HOH B 2 .   ? 17.604  11.686  -2.936  1.00 40.89 ? 257 HOH A O   1 
HETATM 1437 O O   . HOH B 2 .   ? 12.674  -4.227  -2.142  1.00 22.63 ? 258 HOH A O   1 
HETATM 1438 O O   . HOH B 2 .   ? -8.561  -1.285  -11.354 1.00 37.96 ? 259 HOH A O   1 
HETATM 1439 O O   . HOH B 2 .   ? -10.918 22.070  -4.960  1.00 36.19 ? 260 HOH A O   1 
HETATM 1440 O O   . HOH B 2 .   ? 19.306  -0.070  -4.758  1.00 39.13 ? 261 HOH A O   1 
HETATM 1441 O O   . HOH B 2 .   ? 4.924   9.710   -9.675  1.00 33.54 ? 262 HOH A O   1 
HETATM 1442 O O   . HOH B 2 .   ? -1.127  -18.093 -7.895  1.00 32.53 ? 263 HOH A O   1 
HETATM 1443 O O   . HOH B 2 .   ? -5.507  -5.323  12.865  1.00 30.48 ? 264 HOH A O   1 
HETATM 1444 O O   . HOH B 2 .   ? -8.383  7.373   1.554   1.00 23.05 ? 265 HOH A O   1 
HETATM 1445 O O   . HOH B 2 .   ? -1.818  -4.039  -12.341 1.00 30.64 ? 266 HOH A O   1 
HETATM 1446 O O   . HOH B 2 .   ? -14.508 7.646   4.302   1.00 28.15 ? 267 HOH A O   1 
HETATM 1447 O O   . HOH B 2 .   ? 6.963   -5.642  4.007   1.00 42.20 ? 268 HOH A O   1 
HETATM 1448 O O   . HOH B 2 .   ? 3.874   -15.266 -10.777 1.00 42.53 ? 269 HOH A O   1 
HETATM 1449 O O   . HOH B 2 .   ? 2.550   8.492   -14.707 1.00 43.86 ? 270 HOH A O   1 
HETATM 1450 O O   . HOH B 2 .   ? 7.261   -8.075  2.208   1.00 48.06 ? 271 HOH A O   1 
HETATM 1451 O O   . HOH B 2 .   ? 1.253   -7.455  -9.489  1.00 28.55 ? 272 HOH A O   1 
HETATM 1452 O O   . HOH B 2 .   ? -10.405 -14.166 11.644  1.00 36.66 ? 273 HOH A O   1 
HETATM 1453 O O   . HOH B 2 .   ? -9.061  -3.015  10.219  1.00 27.33 ? 274 HOH A O   1 
HETATM 1454 O O   . HOH B 2 .   ? -13.540 -6.996  -3.719  1.00 36.95 ? 275 HOH A O   1 
HETATM 1455 O O   . HOH B 2 .   ? -5.490  1.076   15.184  1.00 32.50 ? 276 HOH A O   1 
HETATM 1456 O O   . HOH B 2 .   ? 7.367   0.948   -9.535  1.00 28.87 ? 277 HOH A O   1 
HETATM 1457 O O   . HOH B 2 .   ? -14.071 -1.319  -3.227  1.00 42.11 ? 278 HOH A O   1 
HETATM 1458 O O   . HOH B 2 .   ? -13.623 -4.165  -3.707  1.00 32.52 ? 279 HOH A O   1 
HETATM 1459 O O   . HOH B 2 .   ? -5.116  10.650  15.319  1.00 34.94 ? 280 HOH A O   1 
HETATM 1460 O O   . HOH B 2 .   ? -0.406  -16.739 13.168  1.00 34.84 ? 281 HOH A O   1 
HETATM 1461 O O   . HOH B 2 .   ? -11.064 -23.970 -1.357  1.00 26.63 ? 282 HOH A O   1 
HETATM 1462 O O   . HOH B 2 .   ? 19.297  0.588   -0.978  1.00 37.70 ? 283 HOH A O   1 
HETATM 1463 O O   . HOH B 2 .   ? -7.065  1.617   -9.694  1.00 33.52 ? 284 HOH A O   1 
HETATM 1464 O O   . HOH B 2 .   ? 3.315   -22.789 -3.875  1.00 28.82 ? 285 HOH A O   1 
HETATM 1465 O O   . HOH B 2 .   ? -5.675  16.379  8.295   1.00 42.59 ? 286 HOH A O   1 
HETATM 1466 O O   . HOH B 2 .   ? -2.610  -22.608 -8.592  1.00 30.89 ? 287 HOH A O   1 
HETATM 1467 O O   . HOH B 2 .   ? -7.320  -5.744  12.271  1.00 39.36 ? 288 HOH A O   1 
HETATM 1468 O O   . HOH B 2 .   ? 7.297   -4.048  -10.132 1.00 36.60 ? 289 HOH A O   1 
HETATM 1469 O O   . HOH B 2 .   ? 4.700   -17.242 -10.232 1.00 44.89 ? 290 HOH A O   1 
HETATM 1470 O O   . HOH B 2 .   ? -0.382  -20.551 -8.721  1.00 41.01 ? 291 HOH A O   1 
HETATM 1471 O O   . HOH B 2 .   ? -3.307  1.206   -10.824 1.00 35.91 ? 292 HOH A O   1 
HETATM 1472 O O   . HOH B 2 .   ? -6.450  -5.264  -14.444 1.00 48.21 ? 293 HOH A O   1 
HETATM 1473 O O   . HOH B 2 .   ? -12.289 8.209   2.595   1.00 21.51 ? 294 HOH A O   1 
HETATM 1474 O O   . HOH B 2 .   ? -14.112 -8.335  -5.692  1.00 33.32 ? 295 HOH A O   1 
HETATM 1475 O O   . HOH B 2 .   ? -4.575  -4.813  15.955  1.00 45.72 ? 296 HOH A O   1 
HETATM 1476 O O   . HOH B 2 .   ? -4.303  -6.340  -15.975 1.00 36.80 ? 297 HOH A O   1 
HETATM 1477 O O   . HOH B 2 .   ? -0.675  2.689   -12.013 1.00 44.57 ? 298 HOH A O   1 
HETATM 1478 O O   . HOH B 2 .   ? -11.874 25.048  -5.391  1.00 41.95 ? 299 HOH A O   1 
HETATM 1479 O O   . HOH B 2 .   ? -5.490  1.531   -11.066 1.00 33.48 ? 300 HOH A O   1 
# 
